data_2D85
#
_entry.id   2D85
#
_entity_poly.entity_id   1
_entity_poly.type   'polypeptide(L)'
_entity_poly.pdbx_seq_one_letter_code
;GSSGSSGNDDIIVNWVNETLREAEKSSSISSFKDPKISTSLPVLDLIDAIQPGSINYDLLKTENLNDDEKLNNAKYAISM
ARKIGARVYALPEDLVEVNPKMVMTVFACLMGKGMKRVSGPSSG
;
_entity_poly.pdbx_strand_id   A
#
# COMPACT_ATOMS: atom_id res chain seq x y z
N GLY A 1 -6.37 7.19 -14.08
CA GLY A 1 -6.22 6.38 -15.28
C GLY A 1 -4.77 5.97 -15.52
N SER A 2 -4.58 4.92 -16.32
CA SER A 2 -3.24 4.43 -16.62
C SER A 2 -2.59 5.26 -17.73
N SER A 3 -2.76 6.58 -17.64
CA SER A 3 -2.19 7.47 -18.64
C SER A 3 -0.66 7.44 -18.60
N GLY A 4 -0.07 6.89 -19.66
CA GLY A 4 1.38 6.81 -19.72
C GLY A 4 1.85 5.45 -20.22
N SER A 5 2.81 4.87 -19.52
CA SER A 5 3.36 3.56 -19.89
C SER A 5 2.98 2.51 -18.86
N SER A 6 1.87 1.82 -19.13
CA SER A 6 1.39 0.77 -18.23
C SER A 6 2.30 -0.45 -18.29
N GLY A 7 3.17 -0.58 -17.29
CA GLY A 7 4.09 -1.71 -17.25
C GLY A 7 5.32 -1.43 -16.41
N ASN A 8 5.98 -0.32 -16.68
CA ASN A 8 7.18 0.07 -15.94
C ASN A 8 7.01 -0.21 -14.45
N ASP A 9 8.12 -0.26 -13.73
CA ASP A 9 8.10 -0.51 -12.29
C ASP A 9 7.94 0.80 -11.52
N ASP A 10 8.09 1.92 -12.22
CA ASP A 10 7.96 3.23 -11.59
C ASP A 10 6.50 3.59 -11.37
N ILE A 11 5.61 2.86 -12.02
CA ILE A 11 4.18 3.09 -11.89
C ILE A 11 3.68 2.70 -10.51
N ILE A 12 4.42 1.81 -9.85
CA ILE A 12 4.05 1.35 -8.51
C ILE A 12 3.82 2.53 -7.57
N VAL A 13 4.56 3.61 -7.79
CA VAL A 13 4.43 4.80 -6.96
C VAL A 13 3.32 5.72 -7.48
N ASN A 14 3.41 6.05 -8.77
CA ASN A 14 2.41 6.93 -9.39
C ASN A 14 1.00 6.46 -9.08
N TRP A 15 0.75 5.17 -9.29
CA TRP A 15 -0.55 4.59 -9.03
C TRP A 15 -1.02 4.90 -7.61
N VAL A 16 -0.19 4.56 -6.64
CA VAL A 16 -0.51 4.81 -5.24
C VAL A 16 -0.97 6.24 -5.02
N ASN A 17 -0.24 7.19 -5.62
CA ASN A 17 -0.58 8.60 -5.49
C ASN A 17 -1.93 8.90 -6.14
N GLU A 18 -2.04 8.58 -7.42
CA GLU A 18 -3.28 8.82 -8.15
C GLU A 18 -4.47 8.19 -7.44
N THR A 19 -4.42 6.87 -7.26
CA THR A 19 -5.49 6.14 -6.59
C THR A 19 -5.99 6.91 -5.37
N LEU A 20 -5.06 7.47 -4.59
CA LEU A 20 -5.43 8.23 -3.40
C LEU A 20 -6.01 9.59 -3.78
N ARG A 21 -5.43 10.21 -4.80
CA ARG A 21 -5.89 11.52 -5.26
C ARG A 21 -7.34 11.45 -5.72
N GLU A 22 -7.64 10.47 -6.58
CA GLU A 22 -8.99 10.31 -7.10
C GLU A 22 -9.97 9.97 -5.97
N ALA A 23 -9.44 9.40 -4.89
CA ALA A 23 -10.26 9.02 -3.75
C ALA A 23 -10.35 10.18 -2.74
N GLU A 24 -9.54 11.21 -2.95
CA GLU A 24 -9.52 12.36 -2.07
C GLU A 24 -8.92 11.99 -0.71
N LYS A 25 -7.82 11.25 -0.73
CA LYS A 25 -7.13 10.84 0.49
C LYS A 25 -6.02 11.81 0.85
N SER A 26 -5.57 11.75 2.10
CA SER A 26 -4.51 12.63 2.57
C SER A 26 -3.20 11.86 2.72
N SER A 27 -3.15 10.66 2.14
CA SER A 27 -1.95 9.83 2.22
C SER A 27 -1.27 9.74 0.86
N SER A 28 0.05 9.55 0.88
CA SER A 28 0.82 9.46 -0.35
C SER A 28 2.26 9.02 -0.04
N ILE A 29 3.02 8.76 -1.10
CA ILE A 29 4.41 8.34 -0.95
C ILE A 29 5.30 9.01 -2.00
N SER A 30 6.60 9.06 -1.71
CA SER A 30 7.56 9.68 -2.62
C SER A 30 8.38 8.61 -3.34
N SER A 31 8.64 7.50 -2.64
CA SER A 31 9.42 6.41 -3.21
C SER A 31 9.30 5.16 -2.35
N PHE A 32 9.86 4.06 -2.84
CA PHE A 32 9.81 2.79 -2.12
C PHE A 32 10.37 2.94 -0.71
N LYS A 33 11.13 4.01 -0.50
CA LYS A 33 11.72 4.27 0.81
C LYS A 33 11.13 5.54 1.42
N ASP A 34 9.81 5.65 1.40
CA ASP A 34 9.12 6.81 1.96
C ASP A 34 8.95 6.67 3.48
N PRO A 35 9.13 7.78 4.20
CA PRO A 35 9.00 7.80 5.65
C PRO A 35 7.56 7.62 6.11
N LYS A 36 6.63 8.29 5.43
CA LYS A 36 5.21 8.20 5.77
C LYS A 36 4.77 6.74 5.85
N ILE A 37 5.45 5.88 5.10
CA ILE A 37 5.12 4.46 5.09
C ILE A 37 5.22 3.86 6.48
N SER A 38 6.12 4.42 7.30
CA SER A 38 6.31 3.94 8.67
C SER A 38 4.99 3.88 9.42
N THR A 39 4.09 4.80 9.09
CA THR A 39 2.78 4.86 9.73
C THR A 39 1.76 4.04 8.97
N SER A 40 2.14 3.58 7.77
CA SER A 40 1.25 2.79 6.93
C SER A 40 0.08 3.63 6.43
N LEU A 41 0.31 4.94 6.34
CA LEU A 41 -0.73 5.86 5.87
C LEU A 41 -1.03 5.62 4.39
N PRO A 42 0.01 5.64 3.55
CA PRO A 42 -0.12 5.43 2.11
C PRO A 42 -0.50 3.99 1.77
N VAL A 43 -0.15 3.07 2.65
CA VAL A 43 -0.46 1.66 2.45
C VAL A 43 -1.87 1.32 2.92
N LEU A 44 -2.34 2.06 3.92
CA LEU A 44 -3.68 1.83 4.46
C LEU A 44 -4.73 2.54 3.61
N ASP A 45 -4.50 3.83 3.34
CA ASP A 45 -5.43 4.60 2.54
C ASP A 45 -5.54 4.05 1.12
N LEU A 46 -4.43 3.53 0.61
CA LEU A 46 -4.39 2.96 -0.73
C LEU A 46 -5.45 1.87 -0.89
N ILE A 47 -5.56 1.02 0.12
CA ILE A 47 -6.53 -0.07 0.10
C ILE A 47 -7.96 0.47 0.13
N ASP A 48 -8.25 1.29 1.13
CA ASP A 48 -9.57 1.88 1.27
C ASP A 48 -9.99 2.60 0.00
N ALA A 49 -9.06 3.34 -0.59
CA ALA A 49 -9.32 4.08 -1.82
C ALA A 49 -9.97 3.20 -2.87
N ILE A 50 -9.64 1.91 -2.83
CA ILE A 50 -10.19 0.95 -3.78
C ILE A 50 -11.46 0.29 -3.23
N GLN A 51 -11.43 -0.07 -1.95
CA GLN A 51 -12.57 -0.70 -1.31
C GLN A 51 -12.93 0.01 -0.01
N PRO A 52 -13.87 0.95 -0.09
CA PRO A 52 -14.31 1.74 1.06
C PRO A 52 -15.12 0.89 2.06
N GLY A 53 -14.72 0.94 3.33
CA GLY A 53 -15.41 0.18 4.35
C GLY A 53 -14.48 -0.72 5.13
N SER A 54 -13.38 -1.12 4.50
CA SER A 54 -12.40 -1.99 5.14
C SER A 54 -11.64 -1.24 6.22
N ILE A 55 -10.81 -0.30 5.81
CA ILE A 55 -10.01 0.50 6.74
C ILE A 55 -10.90 1.45 7.54
N ASN A 56 -10.80 1.38 8.87
CA ASN A 56 -11.58 2.23 9.74
C ASN A 56 -10.69 3.09 10.63
N TYR A 57 -10.38 4.30 10.17
CA TYR A 57 -9.53 5.22 10.91
C TYR A 57 -9.87 5.18 12.41
N ASP A 58 -11.14 4.93 12.70
CA ASP A 58 -11.59 4.87 14.09
C ASP A 58 -10.71 3.94 14.92
N LEU A 59 -10.39 2.79 14.35
CA LEU A 59 -9.55 1.81 15.04
C LEU A 59 -8.08 2.15 14.87
N LEU A 60 -7.73 2.76 13.74
CA LEU A 60 -6.35 3.14 13.47
C LEU A 60 -5.88 4.23 14.44
N LYS A 61 -4.60 4.56 14.39
CA LYS A 61 -4.03 5.58 15.25
C LYS A 61 -3.65 6.82 14.45
N THR A 62 -2.70 6.67 13.55
CA THR A 62 -2.24 7.77 12.71
C THR A 62 -2.04 9.03 13.54
N GLU A 63 -1.65 8.86 14.80
CA GLU A 63 -1.42 9.99 15.70
C GLU A 63 -0.27 9.69 16.66
N ASN A 64 0.80 10.47 16.53
CA ASN A 64 1.97 10.29 17.39
C ASN A 64 2.27 8.81 17.60
N LEU A 65 2.21 8.04 16.52
CA LEU A 65 2.48 6.61 16.57
C LEU A 65 3.81 6.34 17.28
N ASN A 66 4.12 5.06 17.45
CA ASN A 66 5.37 4.66 18.11
C ASN A 66 5.70 3.20 17.82
N ASP A 67 6.93 2.80 18.13
CA ASP A 67 7.37 1.43 17.91
C ASP A 67 6.24 0.45 18.21
N ASP A 68 5.42 0.77 19.19
CA ASP A 68 4.31 -0.08 19.58
C ASP A 68 3.13 0.08 18.62
N GLU A 69 2.54 1.27 18.60
CA GLU A 69 1.42 1.55 17.72
C GLU A 69 1.77 1.25 16.27
N LYS A 70 2.83 1.89 15.78
CA LYS A 70 3.28 1.70 14.41
C LYS A 70 3.09 0.25 13.97
N LEU A 71 3.48 -0.68 14.84
CA LEU A 71 3.35 -2.10 14.54
C LEU A 71 1.89 -2.48 14.27
N ASN A 72 1.06 -2.34 15.29
CA ASN A 72 -0.36 -2.65 15.17
C ASN A 72 -0.90 -2.20 13.81
N ASN A 73 -0.44 -1.05 13.35
CA ASN A 73 -0.87 -0.50 12.07
C ASN A 73 -0.39 -1.37 10.92
N ALA A 74 0.87 -1.81 10.99
CA ALA A 74 1.45 -2.64 9.95
C ALA A 74 0.72 -3.98 9.86
N LYS A 75 0.43 -4.57 11.02
CA LYS A 75 -0.26 -5.86 11.06
C LYS A 75 -1.67 -5.73 10.49
N TYR A 76 -2.33 -4.62 10.78
CA TYR A 76 -3.68 -4.38 10.29
C TYR A 76 -3.70 -4.24 8.77
N ALA A 77 -2.85 -3.35 8.26
CA ALA A 77 -2.77 -3.13 6.82
C ALA A 77 -2.69 -4.44 6.06
N ILE A 78 -1.67 -5.24 6.36
CA ILE A 78 -1.49 -6.52 5.70
C ILE A 78 -2.73 -7.40 5.86
N SER A 79 -3.34 -7.37 7.04
CA SER A 79 -4.53 -8.16 7.31
C SER A 79 -5.61 -7.89 6.26
N MET A 80 -5.89 -6.61 6.03
CA MET A 80 -6.89 -6.22 5.05
C MET A 80 -6.57 -6.78 3.67
N ALA A 81 -5.30 -6.64 3.27
CA ALA A 81 -4.86 -7.13 1.97
C ALA A 81 -5.49 -8.49 1.65
N ARG A 82 -5.19 -9.48 2.48
CA ARG A 82 -5.72 -10.83 2.28
C ARG A 82 -7.25 -10.80 2.26
N LYS A 83 -7.84 -9.99 3.13
CA LYS A 83 -9.29 -9.88 3.22
C LYS A 83 -9.89 -9.63 1.84
N ILE A 84 -9.41 -8.60 1.16
CA ILE A 84 -9.91 -8.26 -0.17
C ILE A 84 -9.36 -9.23 -1.22
N GLY A 85 -8.29 -9.93 -0.87
CA GLY A 85 -7.69 -10.88 -1.79
C GLY A 85 -6.34 -10.43 -2.29
N ALA A 86 -5.42 -10.16 -1.37
CA ALA A 86 -4.08 -9.73 -1.73
C ALA A 86 -3.02 -10.61 -1.08
N ARG A 87 -3.22 -11.91 -1.15
CA ARG A 87 -2.29 -12.88 -0.58
C ARG A 87 -0.85 -12.37 -0.70
N VAL A 88 -0.34 -11.81 0.39
CA VAL A 88 1.03 -11.28 0.41
C VAL A 88 1.91 -12.08 1.37
N TYR A 89 3.21 -12.08 1.09
CA TYR A 89 4.16 -12.79 1.93
C TYR A 89 5.20 -11.85 2.52
N ALA A 90 4.81 -11.14 3.57
CA ALA A 90 5.71 -10.19 4.23
C ALA A 90 5.40 -10.09 5.72
N LEU A 91 6.21 -9.31 6.43
CA LEU A 91 6.01 -9.12 7.86
C LEU A 91 5.85 -7.65 8.21
N PRO A 92 4.89 -7.35 9.10
CA PRO A 92 4.61 -5.98 9.53
C PRO A 92 5.72 -5.40 10.39
N GLU A 93 6.60 -6.27 10.86
CA GLU A 93 7.72 -5.84 11.70
C GLU A 93 8.70 -4.99 10.89
N ASP A 94 9.00 -5.44 9.68
CA ASP A 94 9.93 -4.72 8.82
C ASP A 94 9.25 -3.51 8.16
N LEU A 95 7.94 -3.60 8.01
CA LEU A 95 7.16 -2.52 7.40
C LEU A 95 7.25 -1.25 8.24
N VAL A 96 7.30 -1.43 9.57
CA VAL A 96 7.38 -0.30 10.49
C VAL A 96 8.65 0.52 10.23
N GLU A 97 9.69 -0.14 9.73
CA GLU A 97 10.96 0.52 9.46
C GLU A 97 11.11 0.78 7.96
N VAL A 98 9.99 1.05 7.29
CA VAL A 98 10.01 1.32 5.86
C VAL A 98 11.07 0.49 5.15
N ASN A 99 11.07 -0.81 5.40
CA ASN A 99 12.04 -1.71 4.78
C ASN A 99 11.53 -2.24 3.45
N PRO A 100 12.21 -1.85 2.36
CA PRO A 100 11.84 -2.28 1.01
C PRO A 100 12.11 -3.78 0.77
N LYS A 101 12.64 -4.44 1.79
CA LYS A 101 12.94 -5.85 1.71
C LYS A 101 11.67 -6.69 1.80
N MET A 102 10.72 -6.23 2.61
CA MET A 102 9.46 -6.94 2.77
C MET A 102 8.33 -6.24 2.01
N VAL A 103 8.47 -4.93 1.83
CA VAL A 103 7.47 -4.14 1.12
C VAL A 103 7.44 -4.51 -0.36
N MET A 104 8.51 -5.13 -0.83
CA MET A 104 8.60 -5.53 -2.23
C MET A 104 7.37 -6.32 -2.65
N THR A 105 6.79 -7.06 -1.71
CA THR A 105 5.60 -7.85 -1.98
C THR A 105 4.34 -7.11 -1.56
N VAL A 106 4.51 -6.08 -0.75
CA VAL A 106 3.38 -5.28 -0.28
C VAL A 106 2.69 -4.54 -1.42
N PHE A 107 3.37 -3.51 -1.93
CA PHE A 107 2.83 -2.72 -3.03
C PHE A 107 2.72 -3.55 -4.30
N ALA A 108 3.81 -4.21 -4.66
CA ALA A 108 3.85 -5.05 -5.85
C ALA A 108 2.54 -5.82 -6.01
N CYS A 109 2.19 -6.60 -5.00
CA CYS A 109 0.96 -7.39 -5.03
C CYS A 109 -0.24 -6.51 -5.37
N LEU A 110 -0.33 -5.36 -4.72
CA LEU A 110 -1.43 -4.43 -4.94
C LEU A 110 -1.41 -3.91 -6.38
N MET A 111 -0.22 -3.70 -6.91
CA MET A 111 -0.07 -3.21 -8.28
C MET A 111 -0.47 -4.28 -9.29
N GLY A 112 -0.68 -5.51 -8.81
CA GLY A 112 -1.07 -6.59 -9.69
C GLY A 112 -2.17 -6.20 -10.64
N LYS A 113 -2.92 -5.15 -10.28
CA LYS A 113 -4.02 -4.68 -11.11
C LYS A 113 -3.51 -3.76 -12.21
N GLY A 114 -2.49 -2.96 -11.89
CA GLY A 114 -1.93 -2.05 -12.86
C GLY A 114 -1.49 -2.76 -14.13
N MET A 115 -0.37 -3.46 -14.07
CA MET A 115 0.15 -4.19 -15.22
C MET A 115 -0.95 -4.98 -15.90
N LYS A 116 -0.99 -4.92 -17.24
CA LYS A 116 -1.99 -5.63 -18.01
C LYS A 116 -1.61 -5.67 -19.49
N ARG A 117 -2.43 -6.33 -20.29
CA ARG A 117 -2.18 -6.45 -21.72
C ARG A 117 -3.49 -6.51 -22.50
N VAL A 118 -3.46 -5.98 -23.72
CA VAL A 118 -4.66 -5.97 -24.57
C VAL A 118 -4.29 -6.26 -26.02
N SER A 119 -5.30 -6.65 -26.81
CA SER A 119 -5.08 -6.97 -28.22
C SER A 119 -4.90 -5.70 -29.04
N GLY A 120 -5.84 -4.76 -28.87
CA GLY A 120 -5.76 -3.51 -29.61
C GLY A 120 -5.01 -2.43 -28.85
N PRO A 121 -4.42 -1.49 -29.60
CA PRO A 121 -3.64 -0.39 -29.01
C PRO A 121 -4.53 0.61 -28.27
N SER A 122 -4.85 0.31 -27.02
CA SER A 122 -5.69 1.17 -26.22
C SER A 122 -4.90 1.80 -25.07
N SER A 123 -5.07 3.09 -24.88
CA SER A 123 -4.36 3.81 -23.82
C SER A 123 -5.28 4.02 -22.61
N GLY A 124 -5.13 3.16 -21.60
CA GLY A 124 -5.94 3.27 -20.40
C GLY A 124 -6.24 1.92 -19.79
N GLY A 1 3.52 15.18 -13.35
CA GLY A 1 4.07 16.12 -12.39
C GLY A 1 5.13 15.50 -11.50
N SER A 2 6.34 16.05 -11.54
CA SER A 2 7.44 15.54 -10.73
C SER A 2 7.56 14.02 -10.87
N SER A 3 7.51 13.55 -12.10
CA SER A 3 7.60 12.11 -12.38
C SER A 3 8.03 11.87 -13.82
N GLY A 4 8.97 10.95 -14.01
CA GLY A 4 9.45 10.63 -15.34
C GLY A 4 8.68 9.49 -15.97
N SER A 5 9.32 8.77 -16.88
CA SER A 5 8.68 7.65 -17.56
C SER A 5 8.11 6.65 -16.56
N SER A 6 6.86 6.28 -16.76
CA SER A 6 6.19 5.33 -15.86
C SER A 6 6.21 3.93 -16.46
N GLY A 7 7.22 3.15 -16.10
CA GLY A 7 7.34 1.80 -16.60
C GLY A 7 6.46 0.82 -15.85
N ASN A 8 7.05 -0.27 -15.36
CA ASN A 8 6.31 -1.27 -14.62
C ASN A 8 6.66 -1.23 -13.14
N ASP A 9 7.96 -1.21 -12.85
CA ASP A 9 8.44 -1.16 -11.46
C ASP A 9 8.37 0.26 -10.91
N ASP A 10 8.49 1.24 -11.80
CA ASP A 10 8.43 2.65 -11.40
C ASP A 10 6.99 3.09 -11.15
N ILE A 11 6.08 2.62 -12.00
CA ILE A 11 4.68 2.95 -11.88
C ILE A 11 4.11 2.52 -10.54
N ILE A 12 4.82 1.61 -9.88
CA ILE A 12 4.39 1.11 -8.57
C ILE A 12 4.05 2.25 -7.63
N VAL A 13 4.81 3.34 -7.73
CA VAL A 13 4.58 4.51 -6.88
C VAL A 13 3.46 5.38 -7.44
N ASN A 14 3.57 5.71 -8.73
CA ASN A 14 2.58 6.55 -9.39
C ASN A 14 1.17 6.00 -9.15
N TRP A 15 0.97 4.74 -9.50
CA TRP A 15 -0.33 4.10 -9.33
C TRP A 15 -0.94 4.46 -7.97
N VAL A 16 -0.27 4.06 -6.90
CA VAL A 16 -0.74 4.34 -5.55
C VAL A 16 -1.23 5.77 -5.43
N ASN A 17 -0.36 6.72 -5.78
CA ASN A 17 -0.70 8.14 -5.71
C ASN A 17 -2.09 8.39 -6.29
N GLU A 18 -2.31 7.93 -7.51
CA GLU A 18 -3.59 8.11 -8.18
C GLU A 18 -4.73 7.52 -7.34
N THR A 19 -4.62 6.23 -7.03
CA THR A 19 -5.63 5.56 -6.23
C THR A 19 -6.05 6.40 -5.03
N LEU A 20 -5.08 7.06 -4.41
CA LEU A 20 -5.34 7.90 -3.25
C LEU A 20 -5.95 9.23 -3.67
N ARG A 21 -5.45 9.79 -4.77
CA ARG A 21 -5.94 11.06 -5.28
C ARG A 21 -7.43 10.97 -5.62
N GLU A 22 -7.79 9.94 -6.38
CA GLU A 22 -9.18 9.74 -6.78
C GLU A 22 -10.08 9.56 -5.55
N ALA A 23 -9.50 9.06 -4.47
CA ALA A 23 -10.24 8.85 -3.23
C ALA A 23 -10.18 10.08 -2.34
N GLU A 24 -9.31 11.02 -2.69
CA GLU A 24 -9.17 12.25 -1.92
C GLU A 24 -8.57 11.96 -0.54
N LYS A 25 -7.48 11.20 -0.53
CA LYS A 25 -6.81 10.84 0.72
C LYS A 25 -5.62 11.76 0.98
N SER A 26 -5.40 12.10 2.24
CA SER A 26 -4.29 12.97 2.62
C SER A 26 -3.01 12.18 2.78
N SER A 27 -3.02 10.93 2.31
CA SER A 27 -1.86 10.06 2.41
C SER A 27 -1.25 9.81 1.03
N SER A 28 0.06 9.59 1.00
CA SER A 28 0.76 9.34 -0.26
C SER A 28 2.22 8.98 0.00
N ILE A 29 2.95 8.69 -1.07
CA ILE A 29 4.36 8.33 -0.95
C ILE A 29 5.18 8.93 -2.11
N SER A 30 6.43 9.27 -1.82
CA SER A 30 7.30 9.86 -2.83
C SER A 30 8.11 8.77 -3.52
N SER A 31 8.56 7.78 -2.76
CA SER A 31 9.36 6.69 -3.31
C SER A 31 9.32 5.48 -2.38
N PHE A 32 9.73 4.33 -2.91
CA PHE A 32 9.74 3.09 -2.13
C PHE A 32 10.29 3.33 -0.74
N LYS A 33 11.24 4.26 -0.63
CA LYS A 33 11.86 4.59 0.66
C LYS A 33 11.16 5.79 1.30
N ASP A 34 9.84 5.82 1.19
CA ASP A 34 9.05 6.91 1.76
C ASP A 34 8.91 6.74 3.27
N PRO A 35 9.02 7.85 4.00
CA PRO A 35 8.90 7.85 5.47
C PRO A 35 7.47 7.57 5.93
N LYS A 36 6.51 8.22 5.30
CA LYS A 36 5.11 8.04 5.65
C LYS A 36 4.76 6.56 5.78
N ILE A 37 5.38 5.74 4.93
CA ILE A 37 5.14 4.30 4.95
C ILE A 37 5.27 3.74 6.36
N SER A 38 6.16 4.33 7.15
CA SER A 38 6.37 3.89 8.52
C SER A 38 5.06 3.89 9.31
N THR A 39 4.21 4.87 9.03
CA THR A 39 2.92 4.98 9.70
C THR A 39 1.86 4.16 9.00
N SER A 40 2.21 3.63 7.83
CA SER A 40 1.28 2.81 7.06
C SER A 40 0.13 3.66 6.52
N LEU A 41 0.38 4.95 6.34
CA LEU A 41 -0.63 5.86 5.84
C LEU A 41 -0.96 5.57 4.38
N PRO A 42 0.08 5.52 3.53
CA PRO A 42 -0.07 5.24 2.10
C PRO A 42 -0.48 3.79 1.83
N VAL A 43 -0.05 2.89 2.72
CA VAL A 43 -0.36 1.48 2.57
C VAL A 43 -1.80 1.19 3.01
N LEU A 44 -2.23 1.83 4.10
CA LEU A 44 -3.58 1.65 4.62
C LEU A 44 -4.59 2.40 3.77
N ASP A 45 -4.27 3.64 3.43
CA ASP A 45 -5.15 4.48 2.62
C ASP A 45 -5.31 3.89 1.22
N LEU A 46 -4.22 3.32 0.70
CA LEU A 46 -4.23 2.73 -0.63
C LEU A 46 -5.27 1.61 -0.72
N ILE A 47 -5.36 0.80 0.32
CA ILE A 47 -6.31 -0.30 0.36
C ILE A 47 -7.74 0.20 0.38
N ASP A 48 -8.04 1.10 1.33
CA ASP A 48 -9.38 1.66 1.45
C ASP A 48 -9.80 2.35 0.15
N ALA A 49 -8.91 3.18 -0.38
CA ALA A 49 -9.18 3.90 -1.62
C ALA A 49 -9.94 3.03 -2.60
N ILE A 50 -9.49 1.78 -2.75
CA ILE A 50 -10.13 0.84 -3.67
C ILE A 50 -11.43 0.31 -3.08
N GLN A 51 -11.33 -0.35 -1.93
CA GLN A 51 -12.50 -0.92 -1.27
C GLN A 51 -12.85 -0.12 -0.01
N PRO A 52 -13.82 0.79 -0.13
CA PRO A 52 -14.28 1.63 0.98
C PRO A 52 -15.01 0.83 2.05
N GLY A 53 -14.67 1.05 3.31
CA GLY A 53 -15.31 0.35 4.40
C GLY A 53 -14.35 -0.55 5.15
N SER A 54 -13.40 -1.14 4.43
CA SER A 54 -12.42 -2.03 5.03
C SER A 54 -11.68 -1.34 6.17
N ILE A 55 -10.92 -0.31 5.83
CA ILE A 55 -10.15 0.45 6.82
C ILE A 55 -11.06 1.37 7.62
N ASN A 56 -10.77 1.51 8.91
CA ASN A 56 -11.56 2.36 9.79
C ASN A 56 -10.66 3.25 10.64
N TYR A 57 -10.35 4.44 10.13
CA TYR A 57 -9.50 5.38 10.84
C TYR A 57 -9.84 5.42 12.33
N ASP A 58 -11.14 5.33 12.63
CA ASP A 58 -11.61 5.35 14.01
C ASP A 58 -10.72 4.49 14.90
N LEU A 59 -10.44 3.27 14.44
CA LEU A 59 -9.59 2.35 15.20
C LEU A 59 -8.12 2.67 15.00
N LEU A 60 -7.77 3.16 13.82
CA LEU A 60 -6.40 3.51 13.51
C LEU A 60 -5.93 4.69 14.36
N LYS A 61 -4.62 4.87 14.44
CA LYS A 61 -4.03 5.96 15.21
C LYS A 61 -3.64 7.12 14.31
N THR A 62 -2.75 6.85 13.36
CA THR A 62 -2.28 7.87 12.43
C THR A 62 -1.87 9.14 13.17
N GLU A 63 -1.33 8.97 14.37
CA GLU A 63 -0.90 10.11 15.18
C GLU A 63 0.40 9.79 15.91
N ASN A 64 1.46 10.49 15.55
CA ASN A 64 2.77 10.28 16.17
C ASN A 64 2.97 8.81 16.53
N LEU A 65 2.49 7.92 15.66
CA LEU A 65 2.63 6.48 15.88
C LEU A 65 4.00 6.14 16.42
N ASN A 66 4.08 5.07 17.21
CA ASN A 66 5.34 4.63 17.79
C ASN A 66 5.56 3.14 17.55
N ASP A 67 6.80 2.70 17.72
CA ASP A 67 7.16 1.30 17.51
C ASP A 67 6.01 0.39 17.94
N ASP A 68 5.28 0.80 18.97
CA ASP A 68 4.16 0.02 19.47
C ASP A 68 2.96 0.11 18.52
N GLU A 69 2.41 1.31 18.39
CA GLU A 69 1.26 1.53 17.52
C GLU A 69 1.58 1.09 16.09
N LYS A 70 2.67 1.62 15.54
CA LYS A 70 3.07 1.28 14.18
C LYS A 70 2.83 -0.20 13.90
N LEU A 71 3.29 -1.06 14.80
CA LEU A 71 3.12 -2.50 14.65
C LEU A 71 1.67 -2.86 14.36
N ASN A 72 0.78 -2.53 15.30
CA ASN A 72 -0.64 -2.81 15.15
C ASN A 72 -1.14 -2.34 13.79
N ASN A 73 -0.67 -1.18 13.35
CA ASN A 73 -1.07 -0.63 12.07
C ASN A 73 -0.52 -1.46 10.91
N ALA A 74 0.73 -1.88 11.06
CA ALA A 74 1.38 -2.69 10.02
C ALA A 74 0.67 -4.03 9.85
N LYS A 75 0.35 -4.68 10.97
CA LYS A 75 -0.33 -5.96 10.95
C LYS A 75 -1.72 -5.83 10.35
N TYR A 76 -2.42 -4.76 10.71
CA TYR A 76 -3.77 -4.52 10.21
C TYR A 76 -3.75 -4.28 8.70
N ALA A 77 -2.78 -3.50 8.24
CA ALA A 77 -2.65 -3.20 6.82
C ALA A 77 -2.49 -4.48 6.00
N ILE A 78 -1.45 -5.26 6.30
CA ILE A 78 -1.19 -6.50 5.59
C ILE A 78 -2.38 -7.46 5.71
N SER A 79 -2.92 -7.57 6.92
CA SER A 79 -4.05 -8.45 7.17
C SER A 79 -5.22 -8.11 6.25
N MET A 80 -5.53 -6.82 6.16
CA MET A 80 -6.62 -6.36 5.32
C MET A 80 -6.37 -6.70 3.86
N ALA A 81 -5.16 -6.40 3.38
CA ALA A 81 -4.78 -6.66 2.00
C ALA A 81 -5.19 -8.07 1.60
N ARG A 82 -4.82 -9.06 2.41
CA ARG A 82 -5.14 -10.45 2.14
C ARG A 82 -6.64 -10.71 2.33
N LYS A 83 -7.25 -9.98 3.25
CA LYS A 83 -8.67 -10.12 3.53
C LYS A 83 -9.50 -9.88 2.27
N ILE A 84 -9.31 -8.73 1.66
CA ILE A 84 -10.03 -8.37 0.44
C ILE A 84 -9.66 -9.30 -0.71
N GLY A 85 -8.49 -9.94 -0.60
CA GLY A 85 -8.05 -10.84 -1.64
C GLY A 85 -6.74 -10.41 -2.26
N ALA A 86 -5.75 -10.13 -1.42
CA ALA A 86 -4.44 -9.70 -1.89
C ALA A 86 -3.33 -10.57 -1.31
N ARG A 87 -2.97 -11.63 -2.03
CA ARG A 87 -1.93 -12.54 -1.58
C ARG A 87 -0.62 -11.79 -1.34
N VAL A 88 -0.36 -11.46 -0.09
CA VAL A 88 0.86 -10.74 0.28
C VAL A 88 1.77 -11.59 1.16
N TYR A 89 3.06 -11.56 0.88
CA TYR A 89 4.03 -12.32 1.65
C TYR A 89 5.04 -11.41 2.32
N ALA A 90 4.55 -10.50 3.16
CA ALA A 90 5.42 -9.58 3.87
C ALA A 90 5.18 -9.65 5.37
N LEU A 91 6.02 -8.95 6.13
CA LEU A 91 5.91 -8.94 7.59
C LEU A 91 5.71 -7.51 8.11
N PRO A 92 4.80 -7.36 9.07
CA PRO A 92 4.48 -6.06 9.68
C PRO A 92 5.63 -5.54 10.54
N GLU A 93 6.54 -6.43 10.91
CA GLU A 93 7.68 -6.06 11.74
C GLU A 93 8.67 -5.22 10.95
N ASP A 94 8.77 -5.49 9.64
CA ASP A 94 9.68 -4.76 8.78
C ASP A 94 9.03 -3.48 8.26
N LEU A 95 7.74 -3.56 8.00
CA LEU A 95 6.99 -2.41 7.48
C LEU A 95 7.12 -1.22 8.43
N VAL A 96 6.94 -1.46 9.73
CA VAL A 96 7.05 -0.42 10.73
C VAL A 96 8.31 0.41 10.53
N GLU A 97 9.36 -0.23 10.04
CA GLU A 97 10.64 0.44 9.80
C GLU A 97 10.84 0.70 8.32
N VAL A 98 9.76 0.95 7.60
CA VAL A 98 9.82 1.22 6.17
C VAL A 98 10.89 0.36 5.50
N ASN A 99 10.79 -0.95 5.69
CA ASN A 99 11.75 -1.88 5.11
C ASN A 99 11.32 -2.30 3.71
N PRO A 100 12.05 -1.82 2.69
CA PRO A 100 11.77 -2.12 1.28
C PRO A 100 12.07 -3.58 0.94
N LYS A 101 12.60 -4.32 1.91
CA LYS A 101 12.94 -5.72 1.70
C LYS A 101 11.67 -6.56 1.53
N MET A 102 10.65 -6.25 2.31
CA MET A 102 9.38 -6.97 2.24
C MET A 102 8.32 -6.15 1.52
N VAL A 103 8.40 -4.83 1.68
CA VAL A 103 7.44 -3.93 1.04
C VAL A 103 7.42 -4.13 -0.46
N MET A 104 8.48 -4.75 -0.99
CA MET A 104 8.58 -5.00 -2.42
C MET A 104 7.34 -5.73 -2.94
N THR A 105 6.76 -6.58 -2.08
CA THR A 105 5.57 -7.33 -2.45
C THR A 105 4.31 -6.64 -1.96
N VAL A 106 4.35 -6.14 -0.72
CA VAL A 106 3.20 -5.46 -0.13
C VAL A 106 2.48 -4.60 -1.17
N PHE A 107 3.26 -3.91 -2.00
CA PHE A 107 2.70 -3.04 -3.03
C PHE A 107 2.48 -3.83 -4.32
N ALA A 108 3.46 -4.64 -4.70
CA ALA A 108 3.37 -5.44 -5.91
C ALA A 108 1.96 -6.01 -6.09
N CYS A 109 1.37 -6.47 -5.00
CA CYS A 109 0.04 -7.05 -5.03
C CYS A 109 -1.01 -5.97 -5.30
N LEU A 110 -0.79 -4.79 -4.74
CA LEU A 110 -1.71 -3.67 -4.91
C LEU A 110 -1.56 -3.06 -6.30
N MET A 111 -0.36 -2.55 -6.60
CA MET A 111 -0.08 -1.95 -7.89
C MET A 111 -0.41 -2.90 -9.03
N GLY A 112 -0.28 -4.21 -8.76
CA GLY A 112 -0.58 -5.20 -9.77
C GLY A 112 -1.75 -4.82 -10.64
N LYS A 113 -2.78 -4.26 -10.03
CA LYS A 113 -3.98 -3.85 -10.75
C LYS A 113 -3.62 -2.94 -11.91
N GLY A 114 -2.73 -1.98 -11.67
CA GLY A 114 -2.32 -1.06 -12.72
C GLY A 114 -1.82 -1.79 -13.95
N MET A 115 -1.00 -2.81 -13.75
CA MET A 115 -0.44 -3.59 -14.86
C MET A 115 -1.55 -4.05 -15.80
N LYS A 116 -1.87 -3.21 -16.79
CA LYS A 116 -2.91 -3.54 -17.75
C LYS A 116 -2.41 -3.31 -19.18
N ARG A 117 -1.76 -4.33 -19.73
CA ARG A 117 -1.23 -4.24 -21.09
C ARG A 117 -1.69 -5.42 -21.93
N VAL A 118 -1.28 -5.44 -23.20
CA VAL A 118 -1.65 -6.52 -24.11
C VAL A 118 -0.70 -6.59 -25.30
N SER A 119 -0.48 -7.79 -25.81
CA SER A 119 0.40 -7.99 -26.95
C SER A 119 0.29 -6.83 -27.93
N GLY A 120 1.44 -6.24 -28.27
CA GLY A 120 1.44 -5.12 -29.21
C GLY A 120 2.54 -5.24 -30.24
N PRO A 121 2.46 -4.43 -31.30
CA PRO A 121 3.44 -4.43 -32.38
C PRO A 121 4.80 -3.88 -31.93
N SER A 122 4.78 -3.03 -30.91
CA SER A 122 6.00 -2.44 -30.39
C SER A 122 6.99 -2.15 -31.52
N SER A 123 6.47 -1.63 -32.63
CA SER A 123 7.31 -1.31 -33.79
C SER A 123 8.12 -0.05 -33.54
N GLY A 124 7.43 1.04 -33.18
CA GLY A 124 8.10 2.29 -32.93
C GLY A 124 7.49 3.04 -31.76
N GLY A 1 -1.02 19.35 -19.56
CA GLY A 1 -1.93 18.22 -19.44
C GLY A 1 -1.21 16.94 -19.08
N SER A 2 -1.59 16.36 -17.94
CA SER A 2 -0.98 15.12 -17.48
C SER A 2 -0.75 14.16 -18.64
N SER A 3 0.41 13.49 -18.62
CA SER A 3 0.76 12.54 -19.68
C SER A 3 0.40 11.11 -19.27
N GLY A 4 -0.01 10.31 -20.25
CA GLY A 4 -0.37 8.93 -19.96
C GLY A 4 0.82 8.00 -20.01
N SER A 5 0.94 7.13 -19.01
CA SER A 5 2.03 6.18 -18.94
C SER A 5 1.64 4.95 -18.14
N SER A 6 2.06 3.78 -18.60
CA SER A 6 1.75 2.52 -17.93
C SER A 6 2.63 1.40 -18.46
N GLY A 7 3.18 0.60 -17.55
CA GLY A 7 4.03 -0.51 -17.93
C GLY A 7 5.29 -0.60 -17.10
N ASN A 8 6.08 0.46 -17.10
CA ASN A 8 7.32 0.48 -16.33
C ASN A 8 7.07 0.09 -14.87
N ASP A 9 8.13 0.05 -14.09
CA ASP A 9 8.02 -0.31 -12.67
C ASP A 9 7.87 0.94 -11.81
N ASP A 10 8.08 2.10 -12.40
CA ASP A 10 7.97 3.36 -11.68
C ASP A 10 6.51 3.69 -11.38
N ILE A 11 5.60 2.92 -11.98
CA ILE A 11 4.17 3.13 -11.78
C ILE A 11 3.76 2.75 -10.36
N ILE A 12 4.61 1.97 -9.69
CA ILE A 12 4.33 1.54 -8.33
C ILE A 12 4.08 2.73 -7.42
N VAL A 13 4.74 3.84 -7.71
CA VAL A 13 4.58 5.06 -6.92
C VAL A 13 3.37 5.87 -7.38
N ASN A 14 3.32 6.15 -8.67
CA ASN A 14 2.21 6.90 -9.25
C ASN A 14 0.87 6.29 -8.86
N TRP A 15 0.71 5.00 -9.14
CA TRP A 15 -0.51 4.29 -8.83
C TRP A 15 -1.02 4.66 -7.44
N VAL A 16 -0.25 4.30 -6.42
CA VAL A 16 -0.63 4.61 -5.04
C VAL A 16 -1.08 6.04 -4.89
N ASN A 17 -0.22 6.98 -5.30
CA ASN A 17 -0.53 8.40 -5.22
C ASN A 17 -1.87 8.70 -5.89
N GLU A 18 -1.91 8.54 -7.20
CA GLU A 18 -3.13 8.79 -7.97
C GLU A 18 -4.35 8.18 -7.27
N THR A 19 -4.35 6.85 -7.16
CA THR A 19 -5.45 6.15 -6.52
C THR A 19 -5.92 6.88 -5.26
N LEU A 20 -4.97 7.47 -4.55
CA LEU A 20 -5.29 8.20 -3.32
C LEU A 20 -5.85 9.58 -3.64
N ARG A 21 -5.29 10.22 -4.66
CA ARG A 21 -5.74 11.55 -5.07
C ARG A 21 -7.19 11.50 -5.57
N GLU A 22 -7.48 10.54 -6.44
CA GLU A 22 -8.83 10.39 -6.98
C GLU A 22 -9.84 10.13 -5.87
N ALA A 23 -9.35 9.60 -4.74
CA ALA A 23 -10.21 9.30 -3.61
C ALA A 23 -10.19 10.43 -2.58
N GLU A 24 -9.28 11.38 -2.77
CA GLU A 24 -9.15 12.52 -1.88
C GLU A 24 -8.55 12.08 -0.53
N LYS A 25 -7.52 11.25 -0.59
CA LYS A 25 -6.87 10.77 0.62
C LYS A 25 -5.78 11.74 1.07
N SER A 26 -5.53 11.77 2.38
CA SER A 26 -4.52 12.66 2.94
C SER A 26 -3.17 11.95 3.06
N SER A 27 -3.05 10.80 2.38
CA SER A 27 -1.83 10.02 2.41
C SER A 27 -1.11 10.07 1.05
N SER A 28 0.19 9.81 1.07
CA SER A 28 0.98 9.82 -0.15
C SER A 28 2.41 9.35 0.12
N ILE A 29 3.09 8.93 -0.93
CA ILE A 29 4.46 8.45 -0.81
C ILE A 29 5.36 9.05 -1.90
N SER A 30 6.62 9.28 -1.56
CA SER A 30 7.57 9.85 -2.51
C SER A 30 8.32 8.75 -3.25
N SER A 31 8.54 7.63 -2.57
CA SER A 31 9.25 6.50 -3.15
C SER A 31 9.19 5.28 -2.24
N PHE A 32 9.63 4.14 -2.76
CA PHE A 32 9.63 2.90 -1.99
C PHE A 32 10.29 3.10 -0.63
N LYS A 33 11.11 4.13 -0.53
CA LYS A 33 11.81 4.44 0.72
C LYS A 33 11.21 5.66 1.39
N ASP A 34 9.89 5.78 1.33
CA ASP A 34 9.19 6.90 1.95
C ASP A 34 9.00 6.67 3.45
N PRO A 35 9.20 7.73 4.24
CA PRO A 35 9.05 7.67 5.69
C PRO A 35 7.59 7.50 6.12
N LYS A 36 6.69 8.18 5.43
CA LYS A 36 5.27 8.11 5.74
C LYS A 36 4.80 6.66 5.80
N ILE A 37 5.47 5.79 5.04
CA ILE A 37 5.12 4.38 5.02
C ILE A 37 5.21 3.77 6.40
N SER A 38 6.09 4.31 7.24
CA SER A 38 6.27 3.81 8.59
C SER A 38 4.93 3.74 9.32
N THR A 39 4.13 4.78 9.16
CA THR A 39 2.82 4.84 9.80
C THR A 39 1.78 4.01 9.04
N SER A 40 2.18 3.54 7.87
CA SER A 40 1.29 2.74 7.03
C SER A 40 0.13 3.58 6.51
N LEU A 41 0.37 4.88 6.36
CA LEU A 41 -0.64 5.79 5.85
C LEU A 41 -0.96 5.50 4.39
N PRO A 42 0.09 5.48 3.55
CA PRO A 42 -0.04 5.22 2.12
C PRO A 42 -0.43 3.78 1.82
N VAL A 43 -0.16 2.88 2.77
CA VAL A 43 -0.49 1.47 2.61
C VAL A 43 -1.91 1.18 3.08
N LEU A 44 -2.36 1.92 4.10
CA LEU A 44 -3.70 1.74 4.64
C LEU A 44 -4.72 2.47 3.79
N ASP A 45 -4.44 3.74 3.47
CA ASP A 45 -5.33 4.54 2.67
C ASP A 45 -5.48 3.97 1.26
N LEU A 46 -4.35 3.51 0.70
CA LEU A 46 -4.35 2.95 -0.64
C LEU A 46 -5.34 1.78 -0.74
N ILE A 47 -5.32 0.91 0.26
CA ILE A 47 -6.21 -0.24 0.29
C ILE A 47 -7.67 0.20 0.26
N ASP A 48 -8.04 1.08 1.17
CA ASP A 48 -9.40 1.58 1.25
C ASP A 48 -9.88 2.07 -0.11
N ALA A 49 -9.06 2.91 -0.75
CA ALA A 49 -9.39 3.44 -2.06
C ALA A 49 -9.91 2.36 -2.99
N ILE A 50 -9.41 1.13 -2.80
CA ILE A 50 -9.83 0.01 -3.63
C ILE A 50 -11.21 -0.49 -3.22
N GLN A 51 -11.39 -0.72 -1.92
CA GLN A 51 -12.67 -1.20 -1.40
C GLN A 51 -13.13 -0.34 -0.22
N PRO A 52 -14.22 0.40 -0.41
CA PRO A 52 -14.79 1.26 0.63
C PRO A 52 -15.41 0.47 1.77
N GLY A 53 -14.87 0.64 2.97
CA GLY A 53 -15.38 -0.06 4.13
C GLY A 53 -14.34 -0.95 4.78
N SER A 54 -13.38 -1.41 3.98
CA SER A 54 -12.32 -2.27 4.48
C SER A 54 -11.55 -1.60 5.62
N ILE A 55 -10.97 -0.44 5.32
CA ILE A 55 -10.21 0.30 6.31
C ILE A 55 -11.13 1.19 7.16
N ASN A 56 -10.70 1.45 8.39
CA ASN A 56 -11.49 2.28 9.30
C ASN A 56 -10.58 3.18 10.13
N TYR A 57 -10.59 4.48 9.81
CA TYR A 57 -9.77 5.44 10.53
C TYR A 57 -10.06 5.41 12.03
N ASP A 58 -11.32 5.13 12.37
CA ASP A 58 -11.73 5.06 13.77
C ASP A 58 -10.77 4.19 14.57
N LEU A 59 -10.35 3.07 13.98
CA LEU A 59 -9.43 2.16 14.65
C LEU A 59 -7.99 2.57 14.43
N LEU A 60 -7.71 3.11 13.24
CA LEU A 60 -6.36 3.55 12.90
C LEU A 60 -5.88 4.62 13.87
N LYS A 61 -4.57 4.67 14.10
CA LYS A 61 -3.98 5.65 15.00
C LYS A 61 -3.53 6.89 14.23
N THR A 62 -2.60 6.69 13.30
CA THR A 62 -2.08 7.79 12.50
C THR A 62 -1.87 9.05 13.34
N GLU A 63 -1.63 8.84 14.64
CA GLU A 63 -1.40 9.95 15.56
C GLU A 63 -0.21 9.68 16.46
N ASN A 64 0.88 10.41 16.22
CA ASN A 64 2.10 10.25 17.01
C ASN A 64 2.41 8.78 17.24
N LEU A 65 2.15 7.96 16.23
CA LEU A 65 2.41 6.53 16.31
C LEU A 65 3.78 6.26 16.93
N ASN A 66 3.91 5.09 17.56
CA ASN A 66 5.16 4.71 18.19
C ASN A 66 5.51 3.25 17.89
N ASP A 67 6.74 2.87 18.17
CA ASP A 67 7.20 1.50 17.93
C ASP A 67 6.07 0.50 18.19
N ASP A 68 5.22 0.83 19.16
CA ASP A 68 4.10 -0.03 19.50
C ASP A 68 2.99 0.07 18.48
N GLU A 69 2.36 1.24 18.40
CA GLU A 69 1.28 1.47 17.46
C GLU A 69 1.73 1.17 16.03
N LYS A 70 2.81 1.81 15.61
CA LYS A 70 3.35 1.60 14.27
C LYS A 70 3.22 0.15 13.84
N LEU A 71 3.47 -0.76 14.78
CA LEU A 71 3.37 -2.19 14.49
C LEU A 71 1.93 -2.59 14.19
N ASN A 72 1.03 -2.28 15.11
CA ASN A 72 -0.38 -2.61 14.94
C ASN A 72 -0.88 -2.19 13.57
N ASN A 73 -0.48 -0.99 13.15
CA ASN A 73 -0.89 -0.47 11.84
C ASN A 73 -0.36 -1.34 10.72
N ALA A 74 0.93 -1.67 10.79
CA ALA A 74 1.56 -2.51 9.77
C ALA A 74 0.83 -3.84 9.63
N LYS A 75 0.54 -4.48 10.75
CA LYS A 75 -0.16 -5.76 10.76
C LYS A 75 -1.57 -5.61 10.21
N TYR A 76 -2.19 -4.47 10.50
CA TYR A 76 -3.55 -4.21 10.04
C TYR A 76 -3.60 -4.09 8.52
N ALA A 77 -2.71 -3.29 7.95
CA ALA A 77 -2.65 -3.11 6.51
C ALA A 77 -2.43 -4.44 5.80
N ILE A 78 -1.57 -5.27 6.36
CA ILE A 78 -1.28 -6.58 5.79
C ILE A 78 -2.47 -7.52 5.90
N SER A 79 -3.10 -7.51 7.07
CA SER A 79 -4.26 -8.37 7.31
C SER A 79 -5.42 -7.98 6.40
N MET A 80 -5.67 -6.68 6.30
CA MET A 80 -6.75 -6.17 5.45
C MET A 80 -6.66 -6.75 4.04
N ALA A 81 -5.54 -6.49 3.37
CA ALA A 81 -5.33 -6.98 2.02
C ALA A 81 -5.85 -8.41 1.87
N ARG A 82 -5.49 -9.27 2.81
CA ARG A 82 -5.92 -10.67 2.77
C ARG A 82 -7.42 -10.77 3.01
N LYS A 83 -7.91 -10.07 4.03
CA LYS A 83 -9.33 -10.09 4.36
C LYS A 83 -10.18 -9.78 3.12
N ILE A 84 -9.86 -8.68 2.45
CA ILE A 84 -10.58 -8.28 1.26
C ILE A 84 -10.24 -9.18 0.08
N GLY A 85 -9.04 -9.72 0.08
CA GLY A 85 -8.61 -10.59 -1.00
C GLY A 85 -7.37 -10.09 -1.71
N ALA A 86 -6.21 -10.37 -1.14
CA ALA A 86 -4.95 -9.93 -1.72
C ALA A 86 -3.76 -10.48 -0.94
N ARG A 87 -2.80 -11.08 -1.65
CA ARG A 87 -1.62 -11.65 -1.03
C ARG A 87 -0.66 -10.55 -0.60
N VAL A 88 0.15 -10.84 0.43
CA VAL A 88 1.11 -9.88 0.94
C VAL A 88 2.52 -10.47 0.94
N TYR A 89 2.62 -11.77 1.15
CA TYR A 89 3.91 -12.45 1.19
C TYR A 89 4.98 -11.56 1.81
N ALA A 90 4.63 -10.90 2.91
CA ALA A 90 5.57 -10.02 3.59
C ALA A 90 5.32 -10.05 5.10
N LEU A 91 6.10 -9.25 5.83
CA LEU A 91 5.98 -9.18 7.28
C LEU A 91 5.92 -7.73 7.75
N PRO A 92 5.01 -7.47 8.72
CA PRO A 92 4.83 -6.13 9.28
C PRO A 92 6.02 -5.69 10.13
N GLU A 93 6.50 -6.58 10.98
CA GLU A 93 7.63 -6.29 11.85
C GLU A 93 8.69 -5.47 11.11
N ASP A 94 8.80 -5.70 9.81
CA ASP A 94 9.76 -4.97 8.98
C ASP A 94 9.14 -3.73 8.37
N LEU A 95 7.87 -3.84 8.00
CA LEU A 95 7.15 -2.71 7.41
C LEU A 95 7.26 -1.47 8.28
N VAL A 96 7.19 -1.67 9.59
CA VAL A 96 7.28 -0.56 10.54
C VAL A 96 8.52 0.28 10.28
N GLU A 97 9.58 -0.37 9.79
CA GLU A 97 10.83 0.32 9.50
C GLU A 97 10.99 0.55 8.00
N VAL A 98 9.87 0.80 7.32
CA VAL A 98 9.87 1.04 5.89
C VAL A 98 10.95 0.22 5.20
N ASN A 99 10.99 -1.07 5.52
CA ASN A 99 11.97 -1.98 4.93
C ASN A 99 11.59 -2.33 3.49
N PRO A 100 12.47 -1.97 2.55
CA PRO A 100 12.25 -2.25 1.12
C PRO A 100 12.35 -3.73 0.80
N LYS A 101 12.62 -4.54 1.81
CA LYS A 101 12.73 -5.99 1.63
C LYS A 101 11.36 -6.64 1.61
N MET A 102 10.39 -6.00 2.26
CA MET A 102 9.03 -6.52 2.32
C MET A 102 8.11 -5.72 1.41
N VAL A 103 8.25 -4.40 1.42
CA VAL A 103 7.44 -3.54 0.59
C VAL A 103 7.38 -4.03 -0.85
N MET A 104 8.36 -4.84 -1.23
CA MET A 104 8.42 -5.39 -2.58
C MET A 104 7.12 -6.13 -2.93
N THR A 105 6.57 -6.83 -1.94
CA THR A 105 5.34 -7.57 -2.15
C THR A 105 4.13 -6.77 -1.66
N VAL A 106 4.27 -6.14 -0.50
CA VAL A 106 3.19 -5.35 0.07
C VAL A 106 2.48 -4.53 -1.00
N PHE A 107 3.25 -3.73 -1.73
CA PHE A 107 2.70 -2.89 -2.79
C PHE A 107 2.46 -3.70 -4.05
N ALA A 108 3.54 -4.23 -4.62
CA ALA A 108 3.44 -5.04 -5.83
C ALA A 108 2.16 -5.88 -5.85
N CYS A 109 1.94 -6.63 -4.77
CA CYS A 109 0.76 -7.47 -4.66
C CYS A 109 -0.50 -6.67 -4.97
N LEU A 110 -0.56 -5.45 -4.45
CA LEU A 110 -1.72 -4.59 -4.67
C LEU A 110 -1.80 -4.15 -6.14
N MET A 111 -0.76 -3.48 -6.61
CA MET A 111 -0.72 -3.01 -8.00
C MET A 111 -0.59 -4.18 -8.96
N GLY A 112 -0.38 -5.37 -8.41
CA GLY A 112 -0.23 -6.56 -9.24
C GLY A 112 -1.16 -6.54 -10.44
N LYS A 113 -2.29 -5.86 -10.30
CA LYS A 113 -3.27 -5.77 -11.39
C LYS A 113 -2.64 -5.15 -12.63
N GLY A 114 -1.91 -4.06 -12.44
CA GLY A 114 -1.26 -3.39 -13.55
C GLY A 114 -0.49 -4.35 -14.43
N MET A 115 0.34 -5.18 -13.81
CA MET A 115 1.14 -6.16 -14.55
C MET A 115 0.32 -7.39 -14.89
N LYS A 116 0.70 -8.07 -15.97
CA LYS A 116 0.01 -9.27 -16.41
C LYS A 116 -1.46 -8.96 -16.70
N ARG A 117 -1.71 -7.96 -17.54
CA ARG A 117 -3.06 -7.57 -17.89
C ARG A 117 -3.80 -8.73 -18.58
N VAL A 118 -5.13 -8.74 -18.44
CA VAL A 118 -5.94 -9.79 -19.03
C VAL A 118 -6.45 -9.37 -20.41
N SER A 119 -5.65 -9.62 -21.43
CA SER A 119 -6.02 -9.27 -22.79
C SER A 119 -6.34 -10.51 -23.61
N GLY A 120 -6.73 -10.30 -24.87
CA GLY A 120 -7.06 -11.42 -25.74
C GLY A 120 -6.19 -11.47 -26.97
N PRO A 121 -6.72 -12.11 -28.05
CA PRO A 121 -5.99 -12.24 -29.31
C PRO A 121 -5.87 -10.91 -30.05
N SER A 122 -6.59 -9.89 -29.56
CA SER A 122 -6.56 -8.58 -30.18
C SER A 122 -5.75 -7.60 -29.33
N SER A 123 -5.14 -6.62 -29.99
CA SER A 123 -4.33 -5.62 -29.30
C SER A 123 -4.64 -4.21 -29.82
N GLY A 124 -4.58 -3.23 -28.92
CA GLY A 124 -4.85 -1.86 -29.30
C GLY A 124 -6.18 -1.71 -30.02
N GLY A 1 7.79 9.30 -10.27
CA GLY A 1 7.09 10.32 -11.04
C GLY A 1 6.51 9.78 -12.32
N SER A 2 6.91 10.37 -13.44
CA SER A 2 6.43 9.95 -14.76
C SER A 2 7.57 9.43 -15.62
N SER A 3 7.76 8.11 -15.60
CA SER A 3 8.83 7.49 -16.38
C SER A 3 8.41 6.11 -16.86
N GLY A 4 9.20 5.54 -17.77
CA GLY A 4 8.89 4.22 -18.29
C GLY A 4 10.11 3.31 -18.31
N SER A 5 9.92 2.05 -17.94
CA SER A 5 11.01 1.09 -17.91
C SER A 5 10.47 -0.34 -17.88
N SER A 6 11.25 -1.27 -18.40
CA SER A 6 10.86 -2.68 -18.44
C SER A 6 10.07 -3.05 -17.20
N GLY A 7 8.89 -3.64 -17.41
CA GLY A 7 8.05 -4.04 -16.29
C GLY A 7 7.38 -2.86 -15.62
N ASN A 8 6.60 -3.14 -14.58
CA ASN A 8 5.89 -2.09 -13.85
C ASN A 8 6.40 -2.00 -12.42
N ASP A 9 7.67 -1.67 -12.26
CA ASP A 9 8.28 -1.54 -10.94
C ASP A 9 8.26 -0.10 -10.47
N ASP A 10 8.40 0.83 -11.41
CA ASP A 10 8.40 2.26 -11.10
C ASP A 10 6.98 2.76 -10.89
N ILE A 11 6.05 2.27 -11.70
CA ILE A 11 4.66 2.67 -11.62
C ILE A 11 4.06 2.33 -10.26
N ILE A 12 4.80 1.53 -9.48
CA ILE A 12 4.35 1.13 -8.16
C ILE A 12 3.99 2.35 -7.31
N VAL A 13 4.76 3.42 -7.47
CA VAL A 13 4.52 4.65 -6.72
C VAL A 13 3.41 5.48 -7.36
N ASN A 14 3.57 5.76 -8.65
CA ASN A 14 2.58 6.55 -9.39
C ASN A 14 1.17 6.00 -9.16
N TRP A 15 1.03 4.69 -9.25
CA TRP A 15 -0.26 4.04 -9.05
C TRP A 15 -0.84 4.40 -7.69
N VAL A 16 -0.05 4.19 -6.64
CA VAL A 16 -0.49 4.49 -5.28
C VAL A 16 -1.02 5.92 -5.17
N ASN A 17 -0.22 6.87 -5.64
CA ASN A 17 -0.60 8.28 -5.59
C ASN A 17 -1.97 8.48 -6.24
N GLU A 18 -2.10 8.04 -7.48
CA GLU A 18 -3.36 8.18 -8.22
C GLU A 18 -4.51 7.54 -7.44
N THR A 19 -4.42 6.23 -7.24
CA THR A 19 -5.45 5.50 -6.51
C THR A 19 -5.97 6.30 -5.33
N LEU A 20 -5.06 7.01 -4.66
CA LEU A 20 -5.43 7.82 -3.50
C LEU A 20 -5.99 9.18 -3.94
N ARG A 21 -5.42 9.73 -5.00
CA ARG A 21 -5.86 11.01 -5.53
C ARG A 21 -7.34 10.96 -5.93
N GLU A 22 -7.72 9.91 -6.62
CA GLU A 22 -9.10 9.73 -7.06
C GLU A 22 -10.03 9.54 -5.86
N ALA A 23 -9.50 8.96 -4.80
CA ALA A 23 -10.29 8.72 -3.59
C ALA A 23 -10.26 9.94 -2.68
N GLU A 24 -9.45 10.93 -3.03
CA GLU A 24 -9.33 12.15 -2.24
C GLU A 24 -8.73 11.85 -0.87
N LYS A 25 -7.66 11.07 -0.86
CA LYS A 25 -6.98 10.71 0.39
C LYS A 25 -5.82 11.66 0.67
N SER A 26 -5.58 11.92 1.95
CA SER A 26 -4.51 12.82 2.36
C SER A 26 -3.19 12.06 2.53
N SER A 27 -3.18 10.81 2.07
CA SER A 27 -1.99 9.97 2.17
C SER A 27 -1.26 9.90 0.82
N SER A 28 0.04 9.63 0.89
CA SER A 28 0.85 9.54 -0.32
C SER A 28 2.26 9.08 0.01
N ILE A 29 2.99 8.62 -1.01
CA ILE A 29 4.36 8.16 -0.83
C ILE A 29 5.29 8.78 -1.86
N SER A 30 6.51 9.11 -1.42
CA SER A 30 7.50 9.71 -2.30
C SER A 30 8.32 8.64 -3.01
N SER A 31 8.60 7.56 -2.30
CA SER A 31 9.38 6.45 -2.84
C SER A 31 9.35 5.25 -1.92
N PHE A 32 9.88 4.12 -2.40
CA PHE A 32 9.91 2.89 -1.61
C PHE A 32 10.49 3.14 -0.23
N LYS A 33 11.33 4.18 -0.13
CA LYS A 33 11.95 4.53 1.14
C LYS A 33 11.27 5.74 1.78
N ASP A 34 9.95 5.80 1.63
CA ASP A 34 9.17 6.90 2.19
C ASP A 34 8.98 6.73 3.69
N PRO A 35 9.18 7.83 4.44
CA PRO A 35 9.04 7.83 5.89
C PRO A 35 7.59 7.66 6.35
N LYS A 36 6.68 8.37 5.67
CA LYS A 36 5.26 8.29 5.99
C LYS A 36 4.78 6.85 6.02
N ILE A 37 5.41 6.01 5.21
CA ILE A 37 5.06 4.60 5.15
C ILE A 37 5.15 3.94 6.52
N SER A 38 6.05 4.45 7.36
CA SER A 38 6.24 3.91 8.69
C SER A 38 4.93 3.92 9.48
N THR A 39 4.02 4.80 9.07
CA THR A 39 2.73 4.91 9.73
C THR A 39 1.66 4.10 9.02
N SER A 40 2.01 3.57 7.84
CA SER A 40 1.08 2.77 7.06
C SER A 40 -0.10 3.61 6.58
N LEU A 41 0.13 4.91 6.44
CA LEU A 41 -0.91 5.83 5.99
C LEU A 41 -1.27 5.57 4.53
N PRO A 42 -0.25 5.55 3.66
CA PRO A 42 -0.43 5.30 2.23
C PRO A 42 -0.84 3.87 1.93
N VAL A 43 -0.31 2.93 2.71
CA VAL A 43 -0.63 1.52 2.54
C VAL A 43 -2.05 1.21 2.97
N LEU A 44 -2.49 1.85 4.05
CA LEU A 44 -3.85 1.65 4.57
C LEU A 44 -4.88 2.32 3.66
N ASP A 45 -4.71 3.62 3.44
CA ASP A 45 -5.62 4.37 2.59
C ASP A 45 -5.72 3.73 1.20
N LEU A 46 -4.58 3.40 0.62
CA LEU A 46 -4.55 2.79 -0.71
C LEU A 46 -5.54 1.65 -0.80
N ILE A 47 -5.67 0.88 0.28
CA ILE A 47 -6.59 -0.24 0.31
C ILE A 47 -8.05 0.23 0.36
N ASP A 48 -8.35 1.08 1.34
CA ASP A 48 -9.70 1.61 1.49
C ASP A 48 -10.20 2.20 0.17
N ALA A 49 -9.33 2.95 -0.49
CA ALA A 49 -9.67 3.58 -1.76
C ALA A 49 -10.47 2.62 -2.64
N ILE A 50 -9.92 1.43 -2.86
CA ILE A 50 -10.57 0.43 -3.69
C ILE A 50 -11.74 -0.22 -2.95
N GLN A 51 -11.48 -0.65 -1.72
CA GLN A 51 -12.50 -1.29 -0.90
C GLN A 51 -12.86 -0.44 0.31
N PRO A 52 -13.86 0.43 0.14
CA PRO A 52 -14.32 1.33 1.22
C PRO A 52 -15.00 0.57 2.35
N GLY A 53 -14.45 0.68 3.55
CA GLY A 53 -15.03 0.00 4.71
C GLY A 53 -14.02 -0.86 5.43
N SER A 54 -13.13 -1.50 4.68
CA SER A 54 -12.11 -2.36 5.26
C SER A 54 -11.29 -1.61 6.31
N ILE A 55 -10.98 -0.35 6.02
CA ILE A 55 -10.21 0.47 6.94
C ILE A 55 -11.10 1.45 7.69
N ASN A 56 -10.69 1.83 8.89
CA ASN A 56 -11.45 2.78 9.70
C ASN A 56 -10.53 3.66 10.52
N TYR A 57 -10.40 4.92 10.10
CA TYR A 57 -9.54 5.87 10.80
C TYR A 57 -9.84 5.87 12.30
N ASP A 58 -11.13 5.82 12.64
CA ASP A 58 -11.54 5.82 14.04
C ASP A 58 -10.71 4.83 14.85
N LEU A 59 -10.37 3.71 14.24
CA LEU A 59 -9.58 2.68 14.91
C LEU A 59 -8.08 2.94 14.72
N LEU A 60 -7.72 3.45 13.55
CA LEU A 60 -6.32 3.74 13.25
C LEU A 60 -5.75 4.75 14.25
N LYS A 61 -4.45 4.68 14.46
CA LYS A 61 -3.77 5.58 15.39
C LYS A 61 -3.45 6.90 14.71
N THR A 62 -2.53 6.87 13.75
CA THR A 62 -2.14 8.08 13.02
C THR A 62 -1.89 9.23 13.97
N GLU A 63 -1.38 8.92 15.16
CA GLU A 63 -1.10 9.94 16.16
C GLU A 63 0.11 9.53 17.02
N ASN A 64 1.24 10.19 16.79
CA ASN A 64 2.45 9.89 17.54
C ASN A 64 2.73 8.39 17.56
N LEU A 65 2.65 7.76 16.41
CA LEU A 65 2.89 6.33 16.30
C LEU A 65 4.29 5.97 16.79
N ASN A 66 4.52 4.68 17.04
CA ASN A 66 5.81 4.21 17.51
C ASN A 66 6.00 2.73 17.20
N ASP A 67 7.24 2.25 17.33
CA ASP A 67 7.55 0.85 17.06
C ASP A 67 6.43 -0.05 17.55
N ASP A 68 5.75 0.36 18.62
CA ASP A 68 4.66 -0.42 19.18
C ASP A 68 3.40 -0.27 18.35
N GLU A 69 2.90 0.96 18.23
CA GLU A 69 1.70 1.24 17.46
C GLU A 69 1.93 0.96 15.97
N LYS A 70 2.93 1.64 15.41
CA LYS A 70 3.26 1.48 14.01
C LYS A 70 3.05 0.04 13.56
N LEU A 71 3.44 -0.91 14.41
CA LEU A 71 3.29 -2.33 14.10
C LEU A 71 1.83 -2.68 13.87
N ASN A 72 1.00 -2.46 14.88
CA ASN A 72 -0.43 -2.76 14.78
C ASN A 72 -0.98 -2.29 13.44
N ASN A 73 -0.59 -1.09 13.03
CA ASN A 73 -1.05 -0.53 11.77
C ASN A 73 -0.59 -1.39 10.59
N ALA A 74 0.68 -1.76 10.60
CA ALA A 74 1.24 -2.59 9.53
C ALA A 74 0.55 -3.95 9.47
N LYS A 75 0.29 -4.53 10.63
CA LYS A 75 -0.37 -5.83 10.70
C LYS A 75 -1.77 -5.77 10.12
N TYR A 76 -2.44 -4.65 10.34
CA TYR A 76 -3.80 -4.46 9.84
C TYR A 76 -3.79 -4.18 8.33
N ALA A 77 -2.91 -3.27 7.91
CA ALA A 77 -2.80 -2.91 6.51
C ALA A 77 -2.58 -4.15 5.65
N ILE A 78 -1.59 -4.95 6.00
CA ILE A 78 -1.28 -6.17 5.26
C ILE A 78 -2.42 -7.17 5.34
N SER A 79 -2.92 -7.39 6.55
CA SER A 79 -4.02 -8.33 6.77
C SER A 79 -5.17 -8.04 5.82
N MET A 80 -5.59 -6.77 5.76
CA MET A 80 -6.69 -6.37 4.88
C MET A 80 -6.40 -6.77 3.43
N ALA A 81 -5.24 -6.36 2.93
CA ALA A 81 -4.86 -6.67 1.56
C ALA A 81 -5.25 -8.10 1.20
N ARG A 82 -4.83 -9.05 2.02
CA ARG A 82 -5.14 -10.46 1.78
C ARG A 82 -6.64 -10.72 1.94
N LYS A 83 -7.26 -10.03 2.89
CA LYS A 83 -8.69 -10.18 3.14
C LYS A 83 -9.49 -9.88 1.89
N ILE A 84 -9.26 -8.70 1.31
CA ILE A 84 -9.96 -8.29 0.10
C ILE A 84 -9.57 -9.14 -1.09
N GLY A 85 -8.45 -9.85 -0.96
CA GLY A 85 -7.97 -10.70 -2.03
C GLY A 85 -6.48 -10.60 -2.23
N ALA A 86 -6.03 -9.46 -2.76
CA ALA A 86 -4.60 -9.24 -3.00
C ALA A 86 -3.76 -9.92 -1.93
N ARG A 87 -3.15 -11.06 -2.29
CA ARG A 87 -2.32 -11.80 -1.36
C ARG A 87 -1.20 -10.92 -0.80
N VAL A 88 -0.48 -11.44 0.18
CA VAL A 88 0.62 -10.70 0.80
C VAL A 88 1.76 -11.63 1.19
N TYR A 89 2.98 -11.24 0.84
CA TYR A 89 4.16 -12.04 1.15
C TYR A 89 5.21 -11.21 1.88
N ALA A 90 4.75 -10.19 2.59
CA ALA A 90 5.65 -9.31 3.35
C ALA A 90 5.46 -9.49 4.85
N LEU A 91 6.19 -8.70 5.62
CA LEU A 91 6.10 -8.78 7.08
C LEU A 91 5.84 -7.40 7.68
N PRO A 92 4.91 -7.34 8.64
CA PRO A 92 4.54 -6.09 9.31
C PRO A 92 5.64 -5.59 10.23
N GLU A 93 6.32 -6.52 10.90
CA GLU A 93 7.40 -6.16 11.82
C GLU A 93 8.50 -5.40 11.09
N ASP A 94 8.58 -5.59 9.77
CA ASP A 94 9.58 -4.93 8.96
C ASP A 94 9.04 -3.63 8.37
N LEU A 95 7.78 -3.66 7.96
CA LEU A 95 7.13 -2.49 7.38
C LEU A 95 7.23 -1.29 8.32
N VAL A 96 7.15 -1.56 9.62
CA VAL A 96 7.22 -0.50 10.62
C VAL A 96 8.42 0.40 10.37
N GLU A 97 9.49 -0.17 9.84
CA GLU A 97 10.71 0.58 9.55
C GLU A 97 10.86 0.81 8.04
N VAL A 98 9.72 0.93 7.36
CA VAL A 98 9.73 1.15 5.91
C VAL A 98 10.73 0.24 5.21
N ASN A 99 10.79 -1.01 5.65
CA ASN A 99 11.70 -1.98 5.07
C ASN A 99 11.41 -2.20 3.59
N PRO A 100 12.32 -1.72 2.73
CA PRO A 100 12.18 -1.85 1.27
C PRO A 100 12.34 -3.30 0.80
N LYS A 101 13.05 -4.10 1.58
CA LYS A 101 13.28 -5.49 1.24
C LYS A 101 11.99 -6.30 1.40
N MET A 102 11.06 -5.78 2.20
CA MET A 102 9.79 -6.46 2.42
C MET A 102 8.67 -5.78 1.64
N VAL A 103 8.54 -4.47 1.81
CA VAL A 103 7.51 -3.70 1.12
C VAL A 103 7.47 -4.06 -0.37
N MET A 104 8.56 -4.61 -0.87
CA MET A 104 8.65 -5.00 -2.26
C MET A 104 7.36 -5.67 -2.73
N THR A 105 6.77 -6.48 -1.85
CA THR A 105 5.54 -7.18 -2.17
C THR A 105 4.33 -6.44 -1.62
N VAL A 106 4.48 -5.86 -0.43
CA VAL A 106 3.40 -5.12 0.20
C VAL A 106 2.60 -4.33 -0.83
N PHE A 107 3.32 -3.68 -1.75
CA PHE A 107 2.67 -2.89 -2.79
C PHE A 107 2.41 -3.73 -4.04
N ALA A 108 3.46 -4.37 -4.53
CA ALA A 108 3.34 -5.22 -5.72
C ALA A 108 2.01 -5.96 -5.74
N CYS A 109 1.68 -6.59 -4.62
CA CYS A 109 0.43 -7.33 -4.51
C CYS A 109 -0.77 -6.44 -4.76
N LEU A 110 -0.69 -5.21 -4.27
CA LEU A 110 -1.77 -4.24 -4.42
C LEU A 110 -1.73 -3.60 -5.82
N MET A 111 -0.66 -2.85 -6.07
CA MET A 111 -0.50 -2.18 -7.36
C MET A 111 -0.73 -3.16 -8.50
N GLY A 112 -0.62 -4.45 -8.21
CA GLY A 112 -0.81 -5.47 -9.23
C GLY A 112 -2.06 -5.23 -10.06
N LYS A 113 -2.98 -4.43 -9.52
CA LYS A 113 -4.22 -4.12 -10.22
C LYS A 113 -4.02 -3.00 -11.24
N GLY A 114 -2.75 -2.70 -11.53
CA GLY A 114 -2.44 -1.66 -12.49
C GLY A 114 -3.11 -1.89 -13.83
N MET A 115 -2.36 -2.49 -14.76
CA MET A 115 -2.89 -2.77 -16.10
C MET A 115 -3.23 -4.24 -16.25
N LYS A 116 -2.79 -5.05 -15.29
CA LYS A 116 -3.04 -6.49 -15.31
C LYS A 116 -3.84 -6.92 -14.09
N ARG A 117 -4.35 -8.15 -14.13
CA ARG A 117 -5.14 -8.68 -13.03
C ARG A 117 -4.93 -10.19 -12.89
N VAL A 118 -5.23 -10.72 -11.70
CA VAL A 118 -5.06 -12.14 -11.44
C VAL A 118 -6.31 -12.92 -11.83
N SER A 119 -6.14 -13.93 -12.66
CA SER A 119 -7.26 -14.76 -13.11
C SER A 119 -8.22 -15.06 -11.97
N GLY A 120 -7.68 -15.70 -10.92
CA GLY A 120 -8.51 -16.04 -9.78
C GLY A 120 -8.59 -17.54 -9.54
N PRO A 121 -8.92 -17.93 -8.30
CA PRO A 121 -9.04 -19.34 -7.92
C PRO A 121 -10.25 -20.01 -8.55
N SER A 122 -11.32 -19.24 -8.73
CA SER A 122 -12.55 -19.76 -9.33
C SER A 122 -12.98 -18.91 -10.51
N SER A 123 -13.15 -19.56 -11.66
CA SER A 123 -13.56 -18.86 -12.88
C SER A 123 -14.53 -19.71 -13.69
N GLY A 124 -15.13 -19.10 -14.70
CA GLY A 124 -16.07 -19.82 -15.55
C GLY A 124 -17.41 -19.12 -15.66
N GLY A 1 6.22 13.42 -4.98
CA GLY A 1 7.25 13.68 -5.96
C GLY A 1 6.76 13.46 -7.37
N SER A 2 7.44 14.10 -8.33
CA SER A 2 7.07 13.99 -9.73
C SER A 2 8.17 13.30 -10.53
N SER A 3 7.79 12.33 -11.35
CA SER A 3 8.75 11.59 -12.17
C SER A 3 8.45 11.78 -13.65
N GLY A 4 7.23 11.43 -14.06
CA GLY A 4 6.84 11.58 -15.45
C GLY A 4 6.52 10.25 -16.09
N SER A 5 7.56 9.46 -16.39
CA SER A 5 7.38 8.17 -17.02
C SER A 5 6.31 7.35 -16.29
N SER A 6 5.75 6.36 -16.98
CA SER A 6 4.72 5.51 -16.41
C SER A 6 4.67 4.16 -17.13
N GLY A 7 4.03 3.19 -16.48
CA GLY A 7 3.93 1.86 -17.07
C GLY A 7 4.93 0.88 -16.49
N ASN A 8 6.20 1.26 -16.49
CA ASN A 8 7.25 0.42 -15.96
C ASN A 8 7.04 0.14 -14.47
N ASP A 9 8.00 -0.54 -13.86
CA ASP A 9 7.92 -0.88 -12.45
C ASP A 9 7.78 0.40 -11.60
N ASP A 10 8.01 1.54 -12.23
CA ASP A 10 7.92 2.82 -11.53
C ASP A 10 6.46 3.18 -11.27
N ILE A 11 5.54 2.41 -11.84
CA ILE A 11 4.12 2.65 -11.66
C ILE A 11 3.68 2.34 -10.24
N ILE A 12 4.50 1.59 -9.52
CA ILE A 12 4.20 1.22 -8.15
C ILE A 12 4.03 2.46 -7.27
N VAL A 13 4.72 3.54 -7.64
CA VAL A 13 4.63 4.78 -6.89
C VAL A 13 3.56 5.70 -7.46
N ASN A 14 3.60 5.89 -8.78
CA ASN A 14 2.63 6.75 -9.44
C ASN A 14 1.20 6.34 -9.09
N TRP A 15 0.89 5.06 -9.29
CA TRP A 15 -0.44 4.54 -9.00
C TRP A 15 -0.86 4.93 -7.58
N VAL A 16 -0.21 4.33 -6.59
CA VAL A 16 -0.52 4.62 -5.19
C VAL A 16 -0.92 6.08 -5.01
N ASN A 17 -0.07 6.98 -5.48
CA ASN A 17 -0.33 8.41 -5.36
C ASN A 17 -1.69 8.77 -5.94
N GLU A 18 -1.91 8.40 -7.20
CA GLU A 18 -3.17 8.68 -7.87
C GLU A 18 -4.34 8.07 -7.10
N THR A 19 -4.35 6.75 -6.98
CA THR A 19 -5.41 6.04 -6.27
C THR A 19 -5.86 6.83 -5.05
N LEU A 20 -4.89 7.38 -4.31
CA LEU A 20 -5.20 8.15 -3.12
C LEU A 20 -5.80 9.51 -3.47
N ARG A 21 -5.15 10.22 -4.39
CA ARG A 21 -5.62 11.52 -4.83
C ARG A 21 -7.07 11.45 -5.28
N GLU A 22 -7.39 10.45 -6.09
CA GLU A 22 -8.74 10.27 -6.60
C GLU A 22 -9.76 10.29 -5.45
N ALA A 23 -9.42 9.61 -4.35
CA ALA A 23 -10.29 9.55 -3.19
C ALA A 23 -10.08 10.75 -2.29
N GLU A 24 -9.04 11.53 -2.56
CA GLU A 24 -8.72 12.71 -1.77
C GLU A 24 -8.16 12.32 -0.41
N LYS A 25 -7.34 11.27 -0.40
CA LYS A 25 -6.71 10.79 0.83
C LYS A 25 -5.54 11.68 1.21
N SER A 26 -5.28 11.78 2.52
CA SER A 26 -4.18 12.61 3.01
C SER A 26 -2.88 11.81 3.02
N SER A 27 -2.93 10.60 2.49
CA SER A 27 -1.75 9.73 2.43
C SER A 27 -1.09 9.80 1.06
N SER A 28 0.22 9.62 1.04
CA SER A 28 0.98 9.66 -0.20
C SER A 28 2.44 9.31 0.04
N ILE A 29 3.11 8.83 -1.02
CA ILE A 29 4.51 8.45 -0.93
C ILE A 29 5.35 9.18 -1.96
N SER A 30 6.64 9.34 -1.68
CA SER A 30 7.55 10.01 -2.59
C SER A 30 8.40 9.00 -3.36
N SER A 31 8.77 7.92 -2.70
CA SER A 31 9.58 6.87 -3.32
C SER A 31 9.49 5.57 -2.53
N PHE A 32 10.03 4.51 -3.10
CA PHE A 32 10.01 3.19 -2.46
C PHE A 32 10.49 3.29 -1.02
N LYS A 33 11.34 4.28 -0.75
CA LYS A 33 11.87 4.48 0.59
C LYS A 33 11.23 5.69 1.26
N ASP A 34 9.91 5.82 1.12
CA ASP A 34 9.18 6.93 1.71
C ASP A 34 8.99 6.73 3.20
N PRO A 35 9.13 7.82 3.97
CA PRO A 35 8.99 7.78 5.43
C PRO A 35 7.54 7.54 5.86
N LYS A 36 6.60 8.16 5.16
CA LYS A 36 5.19 8.01 5.48
C LYS A 36 4.81 6.54 5.57
N ILE A 37 5.52 5.70 4.83
CA ILE A 37 5.26 4.27 4.83
C ILE A 37 5.42 3.68 6.23
N SER A 38 6.28 4.30 7.04
CA SER A 38 6.52 3.84 8.40
C SER A 38 5.22 3.80 9.19
N THR A 39 4.36 4.78 8.95
CA THR A 39 3.07 4.86 9.65
C THR A 39 2.02 4.01 8.95
N SER A 40 2.35 3.51 7.76
CA SER A 40 1.43 2.69 7.00
C SER A 40 0.25 3.51 6.49
N LEU A 41 0.49 4.81 6.31
CA LEU A 41 -0.55 5.72 5.82
C LEU A 41 -0.88 5.42 4.36
N PRO A 42 0.15 5.42 3.51
CA PRO A 42 -0.02 5.14 2.08
C PRO A 42 -0.39 3.69 1.80
N VAL A 43 -0.09 2.81 2.75
CA VAL A 43 -0.40 1.40 2.60
C VAL A 43 -1.80 1.08 3.10
N LEU A 44 -2.26 1.86 4.09
CA LEU A 44 -3.59 1.67 4.65
C LEU A 44 -4.65 2.39 3.82
N ASP A 45 -4.36 3.63 3.45
CA ASP A 45 -5.28 4.42 2.64
C ASP A 45 -5.37 3.87 1.23
N LEU A 46 -4.25 3.40 0.70
CA LEU A 46 -4.20 2.86 -0.65
C LEU A 46 -5.20 1.72 -0.80
N ILE A 47 -5.38 0.94 0.26
CA ILE A 47 -6.30 -0.19 0.24
C ILE A 47 -7.75 0.30 0.16
N ASP A 48 -8.17 1.05 1.18
CA ASP A 48 -9.52 1.57 1.22
C ASP A 48 -9.88 2.28 -0.07
N ALA A 49 -8.97 3.11 -0.55
CA ALA A 49 -9.18 3.85 -1.79
C ALA A 49 -9.91 3.00 -2.82
N ILE A 50 -9.47 1.76 -2.97
CA ILE A 50 -10.09 0.84 -3.92
C ILE A 50 -11.38 0.24 -3.36
N GLN A 51 -11.29 -0.30 -2.15
CA GLN A 51 -12.45 -0.91 -1.50
C GLN A 51 -12.82 -0.14 -0.23
N PRO A 52 -13.82 0.75 -0.36
CA PRO A 52 -14.30 1.57 0.77
C PRO A 52 -15.03 0.74 1.80
N GLY A 53 -14.56 0.81 3.05
CA GLY A 53 -15.19 0.06 4.13
C GLY A 53 -14.21 -0.83 4.86
N SER A 54 -13.33 -1.49 4.11
CA SER A 54 -12.34 -2.39 4.71
C SER A 54 -11.59 -1.69 5.83
N ILE A 55 -10.89 -0.62 5.49
CA ILE A 55 -10.12 0.14 6.49
C ILE A 55 -11.04 0.94 7.39
N ASN A 56 -10.70 1.00 8.67
CA ASN A 56 -11.50 1.74 9.64
C ASN A 56 -10.61 2.63 10.51
N TYR A 57 -10.57 3.92 10.19
CA TYR A 57 -9.76 4.86 10.94
C TYR A 57 -10.06 4.78 12.44
N ASP A 58 -11.31 4.47 12.76
CA ASP A 58 -11.72 4.35 14.16
C ASP A 58 -10.76 3.48 14.94
N LEU A 59 -10.24 2.44 14.28
CA LEU A 59 -9.30 1.53 14.92
C LEU A 59 -7.86 2.01 14.74
N LEU A 60 -7.60 2.64 13.59
CA LEU A 60 -6.27 3.14 13.29
C LEU A 60 -5.88 4.26 14.25
N LYS A 61 -4.59 4.61 14.27
CA LYS A 61 -4.10 5.67 15.14
C LYS A 61 -3.80 6.93 14.34
N THR A 62 -2.88 6.82 13.38
CA THR A 62 -2.51 7.95 12.54
C THR A 62 -2.21 9.20 13.39
N GLU A 63 -1.66 8.97 14.57
CA GLU A 63 -1.33 10.07 15.47
C GLU A 63 -0.03 9.79 16.24
N ASN A 64 1.01 10.55 15.93
CA ASN A 64 2.31 10.38 16.58
C ASN A 64 2.57 8.90 16.87
N LEU A 65 2.36 8.06 15.86
CA LEU A 65 2.58 6.62 16.00
C LEU A 65 3.97 6.34 16.56
N ASN A 66 4.16 5.14 17.09
CA ASN A 66 5.46 4.74 17.64
C ASN A 66 5.67 3.24 17.49
N ASP A 67 6.88 2.79 17.82
CA ASP A 67 7.22 1.37 17.71
C ASP A 67 6.05 0.49 18.13
N ASP A 68 5.26 0.99 19.08
CA ASP A 68 4.10 0.25 19.57
C ASP A 68 2.94 0.36 18.60
N GLU A 69 2.38 1.56 18.48
CA GLU A 69 1.26 1.80 17.58
C GLU A 69 1.61 1.44 16.14
N LYS A 70 2.68 2.06 15.64
CA LYS A 70 3.13 1.79 14.27
C LYS A 70 2.92 0.33 13.90
N LEU A 71 3.36 -0.56 14.78
CA LEU A 71 3.21 -1.99 14.54
C LEU A 71 1.77 -2.36 14.24
N ASN A 72 0.88 -2.05 15.17
CA ASN A 72 -0.54 -2.34 15.00
C ASN A 72 -1.00 -2.02 13.59
N ASN A 73 -0.67 -0.82 13.13
CA ASN A 73 -1.05 -0.39 11.79
C ASN A 73 -0.49 -1.34 10.72
N ALA A 74 0.77 -1.72 10.90
CA ALA A 74 1.42 -2.62 9.96
C ALA A 74 0.69 -3.96 9.89
N LYS A 75 0.30 -4.48 11.04
CA LYS A 75 -0.41 -5.75 11.11
C LYS A 75 -1.78 -5.64 10.46
N TYR A 76 -2.50 -4.55 10.76
CA TYR A 76 -3.82 -4.33 10.20
C TYR A 76 -3.76 -4.24 8.68
N ALA A 77 -2.83 -3.45 8.17
CA ALA A 77 -2.67 -3.27 6.73
C ALA A 77 -2.60 -4.63 6.02
N ILE A 78 -1.55 -5.40 6.31
CA ILE A 78 -1.38 -6.71 5.70
C ILE A 78 -2.62 -7.57 5.88
N SER A 79 -3.23 -7.49 7.07
CA SER A 79 -4.42 -8.26 7.36
C SER A 79 -5.53 -7.96 6.37
N MET A 80 -5.75 -6.67 6.12
CA MET A 80 -6.79 -6.24 5.19
C MET A 80 -6.48 -6.71 3.77
N ALA A 81 -5.24 -6.49 3.34
CA ALA A 81 -4.81 -6.90 2.01
C ALA A 81 -5.42 -8.25 1.62
N ARG A 82 -5.35 -9.21 2.55
CA ARG A 82 -5.89 -10.54 2.30
C ARG A 82 -7.41 -10.54 2.39
N LYS A 83 -7.94 -9.81 3.38
CA LYS A 83 -9.38 -9.72 3.56
C LYS A 83 -10.09 -9.41 2.25
N ILE A 84 -9.61 -8.39 1.55
CA ILE A 84 -10.19 -7.99 0.27
C ILE A 84 -9.74 -8.93 -0.85
N GLY A 85 -8.58 -9.55 -0.67
CA GLY A 85 -8.06 -10.46 -1.67
C GLY A 85 -6.75 -9.99 -2.26
N ALA A 86 -5.64 -10.51 -1.72
CA ALA A 86 -4.32 -10.15 -2.20
C ALA A 86 -3.25 -10.99 -1.53
N ARG A 87 -2.36 -11.57 -2.33
CA ARG A 87 -1.29 -12.41 -1.83
C ARG A 87 -0.10 -11.56 -1.40
N VAL A 88 0.11 -11.45 -0.09
CA VAL A 88 1.22 -10.67 0.46
C VAL A 88 2.30 -11.57 1.04
N TYR A 89 3.54 -11.14 0.92
CA TYR A 89 4.68 -11.91 1.43
C TYR A 89 5.64 -11.02 2.22
N ALA A 90 5.07 -10.16 3.06
CA ALA A 90 5.87 -9.26 3.88
C ALA A 90 5.55 -9.43 5.36
N LEU A 91 6.17 -8.60 6.18
CA LEU A 91 5.96 -8.66 7.63
C LEU A 91 5.60 -7.28 8.18
N PRO A 92 4.60 -7.24 9.08
CA PRO A 92 4.14 -6.00 9.70
C PRO A 92 5.17 -5.42 10.67
N GLU A 93 5.81 -6.30 11.44
CA GLU A 93 6.81 -5.87 12.40
C GLU A 93 7.92 -5.08 11.72
N ASP A 94 8.37 -5.56 10.57
CA ASP A 94 9.43 -4.91 9.82
C ASP A 94 8.86 -3.77 8.97
N LEU A 95 7.61 -3.91 8.55
CA LEU A 95 6.95 -2.90 7.73
C LEU A 95 6.97 -1.54 8.43
N VAL A 96 7.11 -1.57 9.76
CA VAL A 96 7.13 -0.34 10.54
C VAL A 96 8.36 0.49 10.21
N GLU A 97 9.41 -0.17 9.73
CA GLU A 97 10.64 0.51 9.38
C GLU A 97 10.78 0.66 7.87
N VAL A 98 9.65 0.90 7.21
CA VAL A 98 9.63 1.07 5.76
C VAL A 98 10.51 0.03 5.08
N ASN A 99 10.58 -1.16 5.66
CA ASN A 99 11.40 -2.24 5.11
C ASN A 99 11.33 -2.24 3.59
N PRO A 100 12.38 -1.67 2.96
CA PRO A 100 12.47 -1.60 1.50
C PRO A 100 12.71 -2.96 0.85
N LYS A 101 12.78 -3.99 1.69
CA LYS A 101 13.00 -5.35 1.21
C LYS A 101 11.69 -6.15 1.24
N MET A 102 10.73 -5.68 2.03
CA MET A 102 9.45 -6.35 2.15
C MET A 102 8.38 -5.63 1.34
N VAL A 103 8.35 -4.31 1.44
CA VAL A 103 7.38 -3.50 0.71
C VAL A 103 7.22 -4.00 -0.73
N MET A 104 8.25 -4.68 -1.22
CA MET A 104 8.23 -5.21 -2.59
C MET A 104 6.90 -5.92 -2.86
N THR A 105 6.47 -6.75 -1.91
CA THR A 105 5.23 -7.49 -2.05
C THR A 105 4.03 -6.65 -1.62
N VAL A 106 4.15 -6.00 -0.47
CA VAL A 106 3.08 -5.17 0.06
C VAL A 106 2.39 -4.40 -1.05
N PHE A 107 3.19 -3.82 -1.95
CA PHE A 107 2.65 -3.06 -3.07
C PHE A 107 2.38 -3.95 -4.28
N ALA A 108 3.41 -4.68 -4.72
CA ALA A 108 3.28 -5.57 -5.85
C ALA A 108 1.93 -6.27 -5.85
N CYS A 109 1.59 -6.92 -4.74
CA CYS A 109 0.32 -7.62 -4.62
C CYS A 109 -0.84 -6.72 -4.99
N LEU A 110 -0.74 -5.45 -4.61
CA LEU A 110 -1.80 -4.47 -4.91
C LEU A 110 -1.70 -3.99 -6.35
N MET A 111 -0.51 -4.12 -6.92
CA MET A 111 -0.28 -3.69 -8.30
C MET A 111 -0.69 -4.78 -9.28
N GLY A 112 -0.91 -5.99 -8.76
CA GLY A 112 -1.30 -7.10 -9.61
C GLY A 112 -2.38 -6.71 -10.61
N LYS A 113 -3.16 -5.69 -10.27
CA LYS A 113 -4.23 -5.22 -11.14
C LYS A 113 -3.66 -4.61 -12.42
N GLY A 114 -2.61 -3.81 -12.27
CA GLY A 114 -1.98 -3.17 -13.42
C GLY A 114 -1.53 -4.17 -14.46
N MET A 115 -0.57 -5.01 -14.09
CA MET A 115 -0.04 -6.02 -15.00
C MET A 115 0.52 -7.22 -14.22
N LYS A 116 -0.11 -8.37 -14.38
CA LYS A 116 0.32 -9.58 -13.70
C LYS A 116 -0.41 -10.80 -14.25
N ARG A 117 0.26 -11.95 -14.22
CA ARG A 117 -0.32 -13.19 -14.72
C ARG A 117 0.47 -14.40 -14.22
N VAL A 118 -0.25 -15.48 -13.91
CA VAL A 118 0.37 -16.70 -13.41
C VAL A 118 -0.33 -17.94 -13.96
N SER A 119 0.45 -18.98 -14.21
CA SER A 119 -0.10 -20.24 -14.74
C SER A 119 -0.69 -21.09 -13.62
N GLY A 120 -1.99 -20.90 -13.36
CA GLY A 120 -2.65 -21.66 -12.32
C GLY A 120 -4.04 -21.14 -12.04
N PRO A 121 -4.79 -21.88 -11.20
CA PRO A 121 -6.16 -21.51 -10.83
C PRO A 121 -6.21 -20.28 -9.93
N SER A 122 -6.94 -19.26 -10.37
CA SER A 122 -7.06 -18.02 -9.61
C SER A 122 -8.17 -18.13 -8.57
N SER A 123 -8.33 -17.09 -7.76
CA SER A 123 -9.35 -17.07 -6.72
C SER A 123 -10.53 -16.21 -7.16
N GLY A 124 -11.58 -16.20 -6.33
CA GLY A 124 -12.76 -15.42 -6.64
C GLY A 124 -13.53 -15.97 -7.83
N GLY A 1 -0.45 17.36 -10.26
CA GLY A 1 -0.64 16.02 -10.80
C GLY A 1 -0.51 15.99 -12.31
N SER A 2 -0.59 14.78 -12.88
CA SER A 2 -0.49 14.61 -14.32
C SER A 2 -1.15 13.30 -14.76
N SER A 3 -1.39 13.19 -16.06
CA SER A 3 -2.02 12.00 -16.61
C SER A 3 -1.14 11.35 -17.68
N GLY A 4 -0.74 10.10 -17.43
CA GLY A 4 0.10 9.40 -18.37
C GLY A 4 1.37 8.87 -17.73
N SER A 5 1.50 7.55 -17.70
CA SER A 5 2.68 6.92 -17.10
C SER A 5 3.11 5.69 -17.90
N SER A 6 4.37 5.32 -17.77
CA SER A 6 4.91 4.16 -18.49
C SER A 6 5.83 3.35 -17.59
N GLY A 7 5.56 2.05 -17.48
CA GLY A 7 6.37 1.19 -16.66
C GLY A 7 5.55 0.18 -15.88
N ASN A 8 6.23 -0.73 -15.19
CA ASN A 8 5.54 -1.75 -14.40
C ASN A 8 5.95 -1.67 -12.93
N ASP A 9 7.24 -1.51 -12.69
CA ASP A 9 7.76 -1.42 -11.33
C ASP A 9 7.85 0.03 -10.89
N ASP A 10 7.90 0.95 -11.85
CA ASP A 10 7.99 2.37 -11.56
C ASP A 10 6.61 2.95 -11.23
N ILE A 11 5.60 2.53 -12.00
CA ILE A 11 4.24 3.00 -11.79
C ILE A 11 3.75 2.65 -10.39
N ILE A 12 4.46 1.76 -9.72
CA ILE A 12 4.09 1.33 -8.37
C ILE A 12 3.87 2.53 -7.46
N VAL A 13 4.68 3.58 -7.65
CA VAL A 13 4.56 4.80 -6.86
C VAL A 13 3.47 5.71 -7.40
N ASN A 14 3.43 5.85 -8.73
CA ASN A 14 2.43 6.70 -9.37
C ASN A 14 1.03 6.26 -9.00
N TRP A 15 0.71 4.99 -9.28
CA TRP A 15 -0.60 4.45 -8.98
C TRP A 15 -1.04 4.82 -7.57
N VAL A 16 -0.17 4.54 -6.60
CA VAL A 16 -0.47 4.85 -5.20
C VAL A 16 -0.90 6.29 -5.04
N ASN A 17 -0.11 7.21 -5.59
CA ASN A 17 -0.41 8.64 -5.50
C ASN A 17 -1.80 8.94 -6.06
N GLU A 18 -1.99 8.65 -7.34
CA GLU A 18 -3.27 8.89 -7.99
C GLU A 18 -4.40 8.21 -7.23
N THR A 19 -4.33 6.89 -7.12
CA THR A 19 -5.35 6.13 -6.42
C THR A 19 -5.84 6.87 -5.18
N LEU A 20 -4.91 7.43 -4.42
CA LEU A 20 -5.25 8.17 -3.22
C LEU A 20 -5.88 9.52 -3.56
N ARG A 21 -5.30 10.20 -4.54
CA ARG A 21 -5.80 11.50 -4.97
C ARG A 21 -7.27 11.40 -5.39
N GLU A 22 -7.57 10.42 -6.23
CA GLU A 22 -8.94 10.21 -6.70
C GLU A 22 -9.92 10.17 -5.55
N ALA A 23 -9.51 9.52 -4.45
CA ALA A 23 -10.36 9.40 -3.27
C ALA A 23 -10.21 10.62 -2.38
N GLU A 24 -9.24 11.48 -2.69
CA GLU A 24 -9.00 12.68 -1.91
C GLU A 24 -8.37 12.33 -0.55
N LYS A 25 -7.42 11.41 -0.56
CA LYS A 25 -6.76 10.99 0.65
C LYS A 25 -5.63 11.95 1.02
N SER A 26 -5.32 12.04 2.31
CA SER A 26 -4.27 12.92 2.79
C SER A 26 -2.94 12.17 2.91
N SER A 27 -2.86 11.01 2.28
CA SER A 27 -1.66 10.20 2.32
C SER A 27 -1.03 10.09 0.94
N SER A 28 0.26 9.77 0.90
CA SER A 28 0.98 9.64 -0.36
C SER A 28 2.41 9.17 -0.12
N ILE A 29 3.08 8.77 -1.20
CA ILE A 29 4.46 8.30 -1.11
C ILE A 29 5.32 8.89 -2.22
N SER A 30 6.58 9.15 -1.91
CA SER A 30 7.51 9.73 -2.88
C SER A 30 8.31 8.64 -3.58
N SER A 31 8.68 7.60 -2.82
CA SER A 31 9.45 6.50 -3.36
C SER A 31 9.49 5.33 -2.38
N PHE A 32 9.78 4.14 -2.89
CA PHE A 32 9.85 2.94 -2.06
C PHE A 32 10.46 3.25 -0.71
N LYS A 33 11.34 4.26 -0.67
CA LYS A 33 12.00 4.66 0.56
C LYS A 33 11.30 5.87 1.17
N ASP A 34 9.98 5.85 1.18
CA ASP A 34 9.20 6.95 1.74
C ASP A 34 9.03 6.78 3.25
N PRO A 35 9.14 7.89 3.98
CA PRO A 35 9.00 7.88 5.45
C PRO A 35 7.56 7.63 5.89
N LYS A 36 6.62 8.29 5.23
CA LYS A 36 5.21 8.12 5.55
C LYS A 36 4.85 6.65 5.69
N ILE A 37 5.42 5.83 4.82
CA ILE A 37 5.15 4.39 4.84
C ILE A 37 5.27 3.84 6.26
N SER A 38 6.16 4.42 7.05
CA SER A 38 6.38 3.99 8.42
C SER A 38 5.05 3.90 9.18
N THR A 39 4.21 4.93 9.02
CA THR A 39 2.92 4.97 9.68
C THR A 39 1.90 4.11 8.94
N SER A 40 2.28 3.63 7.76
CA SER A 40 1.39 2.80 6.96
C SER A 40 0.21 3.62 6.42
N LEU A 41 0.42 4.92 6.28
CA LEU A 41 -0.62 5.82 5.79
C LEU A 41 -0.91 5.55 4.31
N PRO A 42 0.14 5.56 3.49
CA PRO A 42 0.02 5.31 2.04
C PRO A 42 -0.33 3.86 1.73
N VAL A 43 -0.05 2.97 2.69
CA VAL A 43 -0.33 1.55 2.51
C VAL A 43 -1.72 1.20 3.03
N LEU A 44 -2.15 1.91 4.06
CA LEU A 44 -3.47 1.66 4.66
C LEU A 44 -4.56 2.34 3.83
N ASP A 45 -4.39 3.64 3.58
CA ASP A 45 -5.36 4.40 2.80
C ASP A 45 -5.48 3.84 1.39
N LEU A 46 -4.35 3.58 0.76
CA LEU A 46 -4.34 3.04 -0.60
C LEU A 46 -5.32 1.88 -0.73
N ILE A 47 -5.26 0.94 0.21
CA ILE A 47 -6.15 -0.21 0.19
C ILE A 47 -7.61 0.23 0.21
N ASP A 48 -7.95 1.09 1.16
CA ASP A 48 -9.32 1.58 1.28
C ASP A 48 -9.78 2.25 -0.01
N ALA A 49 -8.94 3.14 -0.54
CA ALA A 49 -9.27 3.85 -1.77
C ALA A 49 -9.94 2.93 -2.77
N ILE A 50 -9.41 1.71 -2.90
CA ILE A 50 -9.97 0.73 -3.84
C ILE A 50 -11.24 0.09 -3.26
N GLN A 51 -11.12 -0.47 -2.06
CA GLN A 51 -12.24 -1.12 -1.41
C GLN A 51 -12.68 -0.33 -0.18
N PRO A 52 -13.65 0.58 -0.38
CA PRO A 52 -14.18 1.42 0.70
C PRO A 52 -15.00 0.61 1.71
N GLY A 53 -14.55 0.59 2.96
CA GLY A 53 -15.25 -0.14 3.98
C GLY A 53 -14.33 -1.03 4.80
N SER A 54 -13.26 -1.50 4.17
CA SER A 54 -12.29 -2.37 4.84
C SER A 54 -11.55 -1.60 5.93
N ILE A 55 -10.85 -0.55 5.54
CA ILE A 55 -10.09 0.25 6.48
C ILE A 55 -11.01 1.08 7.37
N ASN A 56 -10.69 1.15 8.66
CA ASN A 56 -11.50 1.90 9.61
C ASN A 56 -10.63 2.87 10.41
N TYR A 57 -10.38 4.04 9.84
CA TYR A 57 -9.56 5.05 10.50
C TYR A 57 -9.92 5.17 11.98
N ASP A 58 -11.22 5.13 12.26
CA ASP A 58 -11.70 5.24 13.63
C ASP A 58 -10.88 4.36 14.57
N LEU A 59 -10.56 3.16 14.11
CA LEU A 59 -9.78 2.22 14.91
C LEU A 59 -8.28 2.51 14.79
N LEU A 60 -7.86 2.92 13.60
CA LEU A 60 -6.46 3.24 13.36
C LEU A 60 -6.02 4.45 14.17
N LYS A 61 -4.72 4.56 14.41
CA LYS A 61 -4.18 5.69 15.17
C LYS A 61 -3.80 6.84 14.26
N THR A 62 -2.86 6.59 13.35
CA THR A 62 -2.41 7.61 12.41
C THR A 62 -2.06 8.92 13.14
N GLU A 63 -1.55 8.78 14.36
CA GLU A 63 -1.18 9.95 15.15
C GLU A 63 0.06 9.67 15.99
N ASN A 64 1.13 10.41 15.74
CA ASN A 64 2.37 10.23 16.47
C ASN A 64 2.61 8.76 16.81
N LEU A 65 2.23 7.89 15.88
CA LEU A 65 2.40 6.45 16.08
C LEU A 65 3.77 6.14 16.67
N ASN A 66 3.84 5.05 17.43
CA ASN A 66 5.09 4.64 18.07
C ASN A 66 5.38 3.17 17.77
N ASP A 67 6.64 2.77 17.97
CA ASP A 67 7.06 1.40 17.74
C ASP A 67 5.93 0.42 18.08
N ASP A 68 5.14 0.78 19.08
CA ASP A 68 4.02 -0.07 19.52
C ASP A 68 2.86 0.04 18.54
N GLU A 69 2.26 1.23 18.46
CA GLU A 69 1.12 1.46 17.58
C GLU A 69 1.49 1.13 16.14
N LYS A 70 2.57 1.74 15.64
CA LYS A 70 3.02 1.51 14.28
C LYS A 70 2.87 0.04 13.89
N LEU A 71 3.28 -0.85 14.79
CA LEU A 71 3.18 -2.28 14.54
C LEU A 71 1.74 -2.68 14.24
N ASN A 72 0.87 -2.48 15.22
CA ASN A 72 -0.55 -2.83 15.07
C ASN A 72 -1.08 -2.38 13.71
N ASN A 73 -0.66 -1.18 13.29
CA ASN A 73 -1.10 -0.63 12.00
C ASN A 73 -0.57 -1.48 10.86
N ALA A 74 0.71 -1.82 10.92
CA ALA A 74 1.33 -2.63 9.87
C ALA A 74 0.66 -3.99 9.76
N LYS A 75 0.39 -4.61 10.90
CA LYS A 75 -0.26 -5.92 10.92
C LYS A 75 -1.63 -5.85 10.25
N TYR A 76 -2.31 -4.73 10.41
CA TYR A 76 -3.63 -4.53 9.84
C TYR A 76 -3.54 -4.30 8.32
N ALA A 77 -2.56 -3.51 7.91
CA ALA A 77 -2.35 -3.22 6.50
C ALA A 77 -2.15 -4.50 5.70
N ILE A 78 -1.13 -5.27 6.08
CA ILE A 78 -0.82 -6.52 5.39
C ILE A 78 -2.00 -7.49 5.47
N SER A 79 -2.59 -7.61 6.65
CA SER A 79 -3.72 -8.50 6.85
C SER A 79 -4.88 -8.13 5.93
N MET A 80 -5.24 -6.85 5.91
CA MET A 80 -6.33 -6.37 5.07
C MET A 80 -6.20 -6.93 3.65
N ALA A 81 -5.00 -6.82 3.09
CA ALA A 81 -4.75 -7.31 1.74
C ALA A 81 -5.41 -8.65 1.50
N ARG A 82 -5.18 -9.59 2.42
CA ARG A 82 -5.75 -10.92 2.31
C ARG A 82 -7.25 -10.89 2.59
N LYS A 83 -7.65 -10.11 3.59
CA LYS A 83 -9.06 -10.00 3.95
C LYS A 83 -9.91 -9.66 2.73
N ILE A 84 -9.55 -8.59 2.03
CA ILE A 84 -10.28 -8.18 0.84
C ILE A 84 -9.97 -9.09 -0.34
N GLY A 85 -8.81 -9.74 -0.30
CA GLY A 85 -8.43 -10.64 -1.37
C GLY A 85 -7.11 -10.25 -2.00
N ALA A 86 -6.01 -10.65 -1.37
CA ALA A 86 -4.68 -10.34 -1.88
C ALA A 86 -3.60 -11.02 -1.03
N ARG A 87 -2.88 -11.95 -1.65
CA ARG A 87 -1.82 -12.66 -0.96
C ARG A 87 -0.53 -11.85 -0.94
N VAL A 88 0.05 -11.69 0.25
CA VAL A 88 1.28 -10.93 0.41
C VAL A 88 2.31 -11.72 1.22
N TYR A 89 3.57 -11.58 0.84
CA TYR A 89 4.65 -12.29 1.53
C TYR A 89 5.58 -11.30 2.23
N ALA A 90 4.99 -10.41 3.03
CA ALA A 90 5.76 -9.41 3.76
C ALA A 90 5.59 -9.59 5.27
N LEU A 91 6.23 -8.71 6.04
CA LEU A 91 6.16 -8.78 7.49
C LEU A 91 5.88 -7.40 8.08
N PRO A 92 4.96 -7.33 9.04
CA PRO A 92 4.59 -6.07 9.71
C PRO A 92 5.70 -5.56 10.61
N GLU A 93 6.55 -6.46 11.08
CA GLU A 93 7.67 -6.09 11.95
C GLU A 93 8.72 -5.31 11.19
N ASP A 94 8.80 -5.55 9.88
CA ASP A 94 9.77 -4.86 9.03
C ASP A 94 9.19 -3.58 8.46
N LEU A 95 7.89 -3.62 8.15
CA LEU A 95 7.20 -2.45 7.59
C LEU A 95 7.37 -1.23 8.50
N VAL A 96 7.17 -1.43 9.80
CA VAL A 96 7.31 -0.35 10.76
C VAL A 96 8.63 0.39 10.58
N GLU A 97 9.66 -0.34 10.20
CA GLU A 97 10.98 0.26 9.99
C GLU A 97 11.17 0.65 8.53
N VAL A 98 10.07 0.89 7.83
CA VAL A 98 10.10 1.27 6.43
C VAL A 98 11.14 0.45 5.67
N ASN A 99 11.04 -0.87 5.77
CA ASN A 99 11.97 -1.76 5.10
C ASN A 99 11.45 -2.15 3.72
N PRO A 100 12.15 -1.70 2.67
CA PRO A 100 11.77 -1.98 1.28
C PRO A 100 11.99 -3.45 0.92
N LYS A 101 12.47 -4.23 1.87
CA LYS A 101 12.73 -5.64 1.65
C LYS A 101 11.42 -6.42 1.52
N MET A 102 10.42 -6.02 2.31
CA MET A 102 9.11 -6.67 2.27
C MET A 102 8.10 -5.83 1.52
N VAL A 103 8.17 -4.51 1.70
CA VAL A 103 7.25 -3.59 1.04
C VAL A 103 7.18 -3.88 -0.45
N MET A 104 8.20 -4.55 -0.97
CA MET A 104 8.25 -4.89 -2.39
C MET A 104 7.00 -5.68 -2.80
N THR A 105 6.50 -6.49 -1.89
CA THR A 105 5.32 -7.30 -2.16
C THR A 105 4.06 -6.62 -1.62
N VAL A 106 4.18 -5.95 -0.49
CA VAL A 106 3.06 -5.26 0.13
C VAL A 106 2.30 -4.43 -0.89
N PHE A 107 3.04 -3.80 -1.80
CA PHE A 107 2.44 -2.96 -2.84
C PHE A 107 2.17 -3.78 -4.10
N ALA A 108 3.19 -4.50 -4.55
CA ALA A 108 3.06 -5.32 -5.75
C ALA A 108 1.68 -5.96 -5.84
N CYS A 109 1.30 -6.67 -4.79
CA CYS A 109 0.01 -7.35 -4.75
C CYS A 109 -1.12 -6.36 -5.07
N LEU A 110 -0.97 -5.13 -4.59
CA LEU A 110 -1.97 -4.09 -4.83
C LEU A 110 -1.87 -3.54 -6.23
N MET A 111 -0.67 -3.62 -6.81
CA MET A 111 -0.44 -3.13 -8.17
C MET A 111 -0.78 -4.20 -9.20
N GLY A 112 -1.07 -5.41 -8.72
CA GLY A 112 -1.40 -6.50 -9.62
C GLY A 112 -2.51 -6.13 -10.59
N LYS A 113 -3.23 -5.06 -10.28
CA LYS A 113 -4.32 -4.59 -11.13
C LYS A 113 -3.79 -3.92 -12.39
N GLY A 114 -2.62 -3.31 -12.27
CA GLY A 114 -2.01 -2.64 -13.41
C GLY A 114 -1.59 -3.60 -14.50
N MET A 115 -1.12 -4.77 -14.09
CA MET A 115 -0.68 -5.79 -15.05
C MET A 115 -1.76 -6.07 -16.09
N LYS A 116 -1.36 -6.64 -17.22
CA LYS A 116 -2.30 -6.96 -18.29
C LYS A 116 -3.24 -8.09 -17.87
N ARG A 117 -2.66 -9.13 -17.29
CA ARG A 117 -3.43 -10.29 -16.85
C ARG A 117 -4.24 -9.96 -15.59
N VAL A 118 -5.34 -10.67 -15.40
CA VAL A 118 -6.21 -10.45 -14.24
C VAL A 118 -6.93 -11.73 -13.84
N SER A 119 -6.91 -12.03 -12.55
CA SER A 119 -7.56 -13.23 -12.03
C SER A 119 -8.73 -12.86 -11.12
N GLY A 120 -9.89 -12.64 -11.73
CA GLY A 120 -11.07 -12.27 -10.96
C GLY A 120 -11.65 -10.93 -11.37
N PRO A 121 -11.44 -9.91 -10.53
CA PRO A 121 -11.94 -8.56 -10.79
C PRO A 121 -11.20 -7.89 -11.95
N SER A 122 -11.88 -7.79 -13.09
CA SER A 122 -11.30 -7.17 -14.27
C SER A 122 -11.01 -5.69 -14.02
N SER A 123 -10.38 -5.04 -14.99
CA SER A 123 -10.04 -3.64 -14.89
C SER A 123 -9.84 -3.00 -16.27
N GLY A 124 -10.81 -2.22 -16.70
CA GLY A 124 -10.72 -1.57 -17.99
C GLY A 124 -9.32 -1.08 -18.30
N GLY A 1 -5.03 11.33 -15.11
CA GLY A 1 -3.70 11.12 -14.58
C GLY A 1 -2.71 10.68 -15.63
N SER A 2 -2.88 9.46 -16.13
CA SER A 2 -2.00 8.91 -17.15
C SER A 2 -2.78 8.42 -18.36
N SER A 3 -2.27 8.70 -19.55
CA SER A 3 -2.92 8.28 -20.78
C SER A 3 -1.96 7.53 -21.70
N GLY A 4 -2.20 6.23 -21.86
CA GLY A 4 -1.36 5.43 -22.71
C GLY A 4 -0.54 4.42 -21.91
N SER A 5 -1.21 3.65 -21.06
CA SER A 5 -0.55 2.65 -20.24
C SER A 5 0.57 1.97 -21.03
N SER A 6 1.70 1.74 -20.35
CA SER A 6 2.85 1.10 -20.97
C SER A 6 3.22 -0.19 -20.25
N GLY A 7 3.40 -0.08 -18.93
CA GLY A 7 3.75 -1.25 -18.14
C GLY A 7 5.10 -1.11 -17.47
N ASN A 8 5.29 -0.02 -16.73
CA ASN A 8 6.54 0.24 -16.03
C ASN A 8 6.37 0.10 -14.52
N ASP A 9 7.32 -0.56 -13.88
CA ASP A 9 7.28 -0.75 -12.43
C ASP A 9 7.27 0.59 -11.71
N ASP A 10 7.53 1.66 -12.45
CA ASP A 10 7.55 3.00 -11.88
C ASP A 10 6.13 3.48 -11.56
N ILE A 11 5.14 2.74 -12.05
CA ILE A 11 3.74 3.08 -11.82
C ILE A 11 3.32 2.75 -10.39
N ILE A 12 4.16 1.99 -9.69
CA ILE A 12 3.87 1.60 -8.31
C ILE A 12 3.68 2.84 -7.44
N VAL A 13 4.42 3.89 -7.73
CA VAL A 13 4.33 5.13 -6.97
C VAL A 13 3.25 6.05 -7.54
N ASN A 14 3.26 6.21 -8.87
CA ASN A 14 2.29 7.06 -9.54
C ASN A 14 0.86 6.63 -9.21
N TRP A 15 0.58 5.35 -9.41
CA TRP A 15 -0.75 4.81 -9.13
C TRP A 15 -1.18 5.14 -7.70
N VAL A 16 -0.36 4.73 -6.74
CA VAL A 16 -0.66 4.98 -5.34
C VAL A 16 -1.10 6.43 -5.11
N ASN A 17 -0.39 7.36 -5.75
CA ASN A 17 -0.70 8.78 -5.62
C ASN A 17 -2.11 9.06 -6.12
N GLU A 18 -2.35 8.77 -7.39
CA GLU A 18 -3.67 9.00 -7.99
C GLU A 18 -4.76 8.31 -7.19
N THR A 19 -4.67 7.00 -7.07
CA THR A 19 -5.66 6.22 -6.33
C THR A 19 -6.10 6.95 -5.08
N LEU A 20 -5.14 7.55 -4.38
CA LEU A 20 -5.43 8.29 -3.16
C LEU A 20 -6.06 9.64 -3.47
N ARG A 21 -5.53 10.31 -4.49
CA ARG A 21 -6.03 11.62 -4.89
C ARG A 21 -7.51 11.54 -5.25
N GLU A 22 -7.86 10.58 -6.09
CA GLU A 22 -9.25 10.40 -6.52
C GLU A 22 -10.15 10.17 -5.32
N ALA A 23 -9.63 9.48 -4.30
CA ALA A 23 -10.38 9.20 -3.09
C ALA A 23 -10.30 10.36 -2.09
N GLU A 24 -9.44 11.33 -2.40
CA GLU A 24 -9.26 12.48 -1.53
C GLU A 24 -8.58 12.08 -0.22
N LYS A 25 -7.49 11.33 -0.33
CA LYS A 25 -6.75 10.87 0.84
C LYS A 25 -5.59 11.81 1.14
N SER A 26 -5.28 11.97 2.42
CA SER A 26 -4.19 12.84 2.84
C SER A 26 -2.88 12.05 2.96
N SER A 27 -2.87 10.86 2.37
CA SER A 27 -1.68 10.00 2.42
C SER A 27 -1.09 9.84 1.02
N SER A 28 0.21 9.55 0.98
CA SER A 28 0.91 9.38 -0.30
C SER A 28 2.35 8.92 -0.07
N ILE A 29 3.01 8.49 -1.14
CA ILE A 29 4.39 8.03 -1.05
C ILE A 29 5.25 8.67 -2.14
N SER A 30 6.53 8.85 -1.84
CA SER A 30 7.46 9.46 -2.78
C SER A 30 8.28 8.38 -3.49
N SER A 31 8.64 7.34 -2.75
CA SER A 31 9.44 6.25 -3.30
C SER A 31 9.39 5.03 -2.39
N PHE A 32 9.87 3.89 -2.90
CA PHE A 32 9.87 2.66 -2.13
C PHE A 32 10.40 2.90 -0.72
N LYS A 33 11.27 3.88 -0.57
CA LYS A 33 11.85 4.22 0.73
C LYS A 33 11.20 5.48 1.30
N ASP A 34 9.87 5.54 1.25
CA ASP A 34 9.13 6.69 1.76
C ASP A 34 8.95 6.59 3.27
N PRO A 35 9.08 7.74 3.96
CA PRO A 35 8.93 7.80 5.42
C PRO A 35 7.49 7.58 5.86
N LYS A 36 6.56 8.24 5.17
CA LYS A 36 5.14 8.11 5.49
C LYS A 36 4.75 6.64 5.66
N ILE A 37 5.36 5.77 4.86
CA ILE A 37 5.07 4.34 4.92
C ILE A 37 5.18 3.83 6.36
N SER A 38 6.10 4.42 7.12
CA SER A 38 6.30 4.02 8.51
C SER A 38 4.98 3.93 9.26
N THR A 39 4.13 4.92 9.05
CA THR A 39 2.82 4.96 9.69
C THR A 39 1.81 4.10 8.96
N SER A 40 2.19 3.61 7.78
CA SER A 40 1.32 2.77 6.98
C SER A 40 0.13 3.57 6.45
N LEU A 41 0.32 4.89 6.30
CA LEU A 41 -0.73 5.76 5.81
C LEU A 41 -1.04 5.46 4.34
N PRO A 42 0.00 5.47 3.50
CA PRO A 42 -0.13 5.21 2.06
C PRO A 42 -0.49 3.74 1.78
N VAL A 43 -0.16 2.87 2.72
CA VAL A 43 -0.45 1.45 2.57
C VAL A 43 -1.87 1.12 2.99
N LEU A 44 -2.35 1.83 4.00
CA LEU A 44 -3.70 1.62 4.51
C LEU A 44 -4.73 2.33 3.64
N ASP A 45 -4.51 3.63 3.43
CA ASP A 45 -5.41 4.43 2.62
C ASP A 45 -5.50 3.88 1.20
N LEU A 46 -4.36 3.53 0.63
CA LEU A 46 -4.31 2.98 -0.72
C LEU A 46 -5.33 1.86 -0.89
N ILE A 47 -5.46 1.03 0.14
CA ILE A 47 -6.41 -0.09 0.10
C ILE A 47 -7.85 0.41 0.13
N ASP A 48 -8.13 1.31 1.06
CA ASP A 48 -9.47 1.87 1.20
C ASP A 48 -9.95 2.47 -0.12
N ALA A 49 -9.13 3.36 -0.69
CA ALA A 49 -9.47 4.00 -1.95
C ALA A 49 -10.16 3.03 -2.90
N ILE A 50 -9.62 1.82 -3.00
CA ILE A 50 -10.19 0.80 -3.87
C ILE A 50 -11.44 0.18 -3.26
N GLN A 51 -11.26 -0.47 -2.11
CA GLN A 51 -12.37 -1.11 -1.41
C GLN A 51 -12.72 -0.35 -0.14
N PRO A 52 -13.67 0.59 -0.26
CA PRO A 52 -14.13 1.41 0.87
C PRO A 52 -14.92 0.60 1.89
N GLY A 53 -14.62 0.82 3.17
CA GLY A 53 -15.31 0.10 4.22
C GLY A 53 -14.38 -0.79 5.03
N SER A 54 -13.33 -1.29 4.38
CA SER A 54 -12.37 -2.17 5.03
C SER A 54 -11.59 -1.40 6.11
N ILE A 55 -10.92 -0.34 5.69
CA ILE A 55 -10.13 0.48 6.61
C ILE A 55 -11.03 1.43 7.41
N ASN A 56 -10.66 1.68 8.65
CA ASN A 56 -11.42 2.58 9.51
C ASN A 56 -10.50 3.48 10.32
N TYR A 57 -10.42 4.74 9.93
CA TYR A 57 -9.56 5.71 10.62
C TYR A 57 -9.94 5.81 12.09
N ASP A 58 -11.23 5.66 12.37
CA ASP A 58 -11.72 5.74 13.75
C ASP A 58 -10.92 4.82 14.66
N LEU A 59 -10.54 3.66 14.14
CA LEU A 59 -9.77 2.69 14.91
C LEU A 59 -8.27 2.96 14.79
N LEU A 60 -7.84 3.40 13.61
CA LEU A 60 -6.45 3.71 13.36
C LEU A 60 -5.94 4.76 14.34
N LYS A 61 -4.62 4.92 14.39
CA LYS A 61 -4.00 5.91 15.27
C LYS A 61 -3.49 7.11 14.48
N THR A 62 -2.63 6.85 13.49
CA THR A 62 -2.07 7.90 12.66
C THR A 62 -1.75 9.14 13.50
N GLU A 63 -1.45 8.93 14.78
CA GLU A 63 -1.12 10.03 15.68
C GLU A 63 0.16 9.72 16.46
N ASN A 64 1.22 10.45 16.14
CA ASN A 64 2.51 10.25 16.80
C ASN A 64 2.79 8.77 17.04
N LEU A 65 2.43 7.95 16.06
CA LEU A 65 2.64 6.51 16.16
C LEU A 65 4.02 6.20 16.74
N ASN A 66 4.17 4.98 17.25
CA ASN A 66 5.44 4.56 17.83
C ASN A 66 5.70 3.08 17.55
N ASP A 67 6.97 2.67 17.69
CA ASP A 67 7.36 1.29 17.45
C ASP A 67 6.26 0.33 17.90
N ASP A 68 5.50 0.73 18.91
CA ASP A 68 4.42 -0.09 19.44
C ASP A 68 3.18 0.01 18.54
N GLU A 69 2.60 1.20 18.46
CA GLU A 69 1.41 1.43 17.65
C GLU A 69 1.68 1.08 16.19
N LYS A 70 2.74 1.66 15.63
CA LYS A 70 3.11 1.40 14.24
C LYS A 70 2.89 -0.06 13.88
N LEU A 71 3.45 -0.96 14.69
CA LEU A 71 3.31 -2.39 14.45
C LEU A 71 1.85 -2.76 14.21
N ASN A 72 1.01 -2.52 15.22
CA ASN A 72 -0.41 -2.83 15.11
C ASN A 72 -0.97 -2.37 13.78
N ASN A 73 -0.54 -1.19 13.33
CA ASN A 73 -1.01 -0.64 12.06
C ASN A 73 -0.51 -1.47 10.89
N ALA A 74 0.73 -1.92 10.98
CA ALA A 74 1.34 -2.73 9.92
C ALA A 74 0.57 -4.05 9.75
N LYS A 75 0.31 -4.73 10.86
CA LYS A 75 -0.40 -6.00 10.83
C LYS A 75 -1.77 -5.83 10.18
N TYR A 76 -2.45 -4.74 10.53
CA TYR A 76 -3.78 -4.47 9.99
C TYR A 76 -3.72 -4.30 8.47
N ALA A 77 -2.78 -3.48 8.01
CA ALA A 77 -2.61 -3.23 6.58
C ALA A 77 -2.49 -4.54 5.81
N ILE A 78 -1.55 -5.39 6.24
CA ILE A 78 -1.33 -6.67 5.59
C ILE A 78 -2.58 -7.53 5.61
N SER A 79 -3.21 -7.61 6.79
CA SER A 79 -4.43 -8.40 6.95
C SER A 79 -5.47 -8.01 5.92
N MET A 80 -5.72 -6.71 5.80
CA MET A 80 -6.70 -6.20 4.85
C MET A 80 -6.37 -6.65 3.44
N ALA A 81 -5.15 -6.35 3.00
CA ALA A 81 -4.71 -6.72 1.66
C ALA A 81 -5.17 -8.13 1.30
N ARG A 82 -4.78 -9.10 2.13
CA ARG A 82 -5.15 -10.49 1.90
C ARG A 82 -6.65 -10.69 2.07
N LYS A 83 -7.24 -9.99 3.03
CA LYS A 83 -8.67 -10.08 3.28
C LYS A 83 -9.47 -9.76 2.03
N ILE A 84 -9.13 -8.66 1.37
CA ILE A 84 -9.82 -8.25 0.15
C ILE A 84 -9.41 -9.12 -1.03
N GLY A 85 -8.24 -9.75 -0.92
CA GLY A 85 -7.76 -10.62 -1.98
C GLY A 85 -6.36 -10.24 -2.45
N ALA A 86 -5.35 -10.73 -1.74
CA ALA A 86 -3.96 -10.45 -2.08
C ALA A 86 -3.01 -11.24 -1.19
N ARG A 87 -2.37 -12.25 -1.77
CA ARG A 87 -1.43 -13.09 -1.03
C ARG A 87 -0.08 -12.40 -0.92
N VAL A 88 0.10 -11.65 0.17
CA VAL A 88 1.36 -10.95 0.40
C VAL A 88 2.28 -11.75 1.32
N TYR A 89 3.53 -11.91 0.90
CA TYR A 89 4.51 -12.65 1.69
C TYR A 89 5.47 -11.70 2.39
N ALA A 90 4.93 -10.78 3.18
CA ALA A 90 5.74 -9.82 3.91
C ALA A 90 5.46 -9.89 5.41
N LEU A 91 6.13 -9.04 6.17
CA LEU A 91 5.95 -9.01 7.62
C LEU A 91 5.69 -7.59 8.10
N PRO A 92 4.72 -7.44 9.01
CA PRO A 92 4.35 -6.14 9.58
C PRO A 92 5.42 -5.58 10.50
N GLU A 93 6.30 -6.46 10.98
CA GLU A 93 7.38 -6.05 11.88
C GLU A 93 8.42 -5.23 11.13
N ASP A 94 8.65 -5.58 9.87
CA ASP A 94 9.62 -4.87 9.05
C ASP A 94 9.02 -3.60 8.46
N LEU A 95 7.77 -3.68 8.05
CA LEU A 95 7.07 -2.54 7.47
C LEU A 95 7.14 -1.32 8.40
N VAL A 96 7.07 -1.58 9.71
CA VAL A 96 7.13 -0.52 10.70
C VAL A 96 8.32 0.40 10.44
N GLU A 97 9.45 -0.18 10.10
CA GLU A 97 10.67 0.58 9.83
C GLU A 97 10.86 0.77 8.33
N VAL A 98 9.78 1.06 7.63
CA VAL A 98 9.83 1.27 6.18
C VAL A 98 10.89 0.38 5.54
N ASN A 99 10.87 -0.90 5.90
CA ASN A 99 11.82 -1.86 5.35
C ASN A 99 11.41 -2.32 3.96
N PRO A 100 12.20 -1.93 2.95
CA PRO A 100 11.93 -2.29 1.55
C PRO A 100 12.15 -3.78 1.28
N LYS A 101 12.67 -4.48 2.28
CA LYS A 101 12.92 -5.92 2.15
C LYS A 101 11.61 -6.69 2.06
N MET A 102 10.59 -6.20 2.75
CA MET A 102 9.28 -6.85 2.75
C MET A 102 8.29 -6.08 1.87
N VAL A 103 8.37 -4.75 1.95
CA VAL A 103 7.48 -3.90 1.16
C VAL A 103 7.51 -4.28 -0.32
N MET A 104 8.56 -5.00 -0.71
CA MET A 104 8.71 -5.43 -2.09
C MET A 104 7.44 -6.11 -2.59
N THR A 105 6.81 -6.89 -1.72
CA THR A 105 5.58 -7.58 -2.09
C THR A 105 4.35 -6.81 -1.62
N VAL A 106 4.47 -6.18 -0.46
CA VAL A 106 3.36 -5.41 0.10
C VAL A 106 2.64 -4.62 -0.98
N PHE A 107 3.32 -3.61 -1.51
CA PHE A 107 2.74 -2.77 -2.56
C PHE A 107 2.62 -3.53 -3.87
N ALA A 108 3.74 -4.13 -4.30
CA ALA A 108 3.77 -4.90 -5.54
C ALA A 108 2.46 -5.68 -5.73
N CYS A 109 2.13 -6.52 -4.76
CA CYS A 109 0.91 -7.31 -4.83
C CYS A 109 -0.29 -6.44 -5.20
N LEU A 110 -0.40 -5.29 -4.57
CA LEU A 110 -1.50 -4.36 -4.84
C LEU A 110 -1.45 -3.86 -6.28
N MET A 111 -0.24 -3.78 -6.83
CA MET A 111 -0.06 -3.31 -8.21
C MET A 111 -0.25 -4.46 -9.19
N GLY A 112 -0.14 -5.69 -8.70
CA GLY A 112 -0.30 -6.86 -9.55
C GLY A 112 -1.49 -6.73 -10.49
N LYS A 113 -2.51 -6.01 -10.04
CA LYS A 113 -3.72 -5.81 -10.84
C LYS A 113 -3.39 -5.07 -12.13
N GLY A 114 -2.53 -4.05 -12.03
CA GLY A 114 -2.16 -3.28 -13.20
C GLY A 114 -1.55 -4.14 -14.29
N MET A 115 -0.50 -4.88 -13.93
CA MET A 115 0.18 -5.75 -14.89
C MET A 115 -0.68 -6.97 -15.22
N LYS A 116 -0.23 -7.75 -16.19
CA LYS A 116 -0.95 -8.96 -16.60
C LYS A 116 -0.31 -10.21 -15.99
N ARG A 117 -0.95 -10.72 -14.94
CA ARG A 117 -0.44 -11.92 -14.27
C ARG A 117 -1.51 -13.01 -14.23
N VAL A 118 -1.09 -14.23 -13.87
CA VAL A 118 -2.02 -15.36 -13.80
C VAL A 118 -2.62 -15.48 -12.40
N SER A 119 -3.95 -15.44 -12.33
CA SER A 119 -4.64 -15.53 -11.06
C SER A 119 -6.15 -15.59 -11.27
N GLY A 120 -6.82 -16.47 -10.54
CA GLY A 120 -8.26 -16.60 -10.66
C GLY A 120 -8.99 -16.26 -9.38
N PRO A 121 -9.98 -15.37 -9.49
CA PRO A 121 -10.77 -14.92 -8.33
C PRO A 121 -11.68 -16.02 -7.80
N SER A 122 -12.22 -15.81 -6.60
CA SER A 122 -13.10 -16.79 -5.97
C SER A 122 -12.57 -18.20 -6.17
N SER A 123 -11.27 -18.37 -6.01
CA SER A 123 -10.64 -19.68 -6.18
C SER A 123 -10.77 -20.52 -4.92
N GLY A 124 -10.51 -19.89 -3.78
CA GLY A 124 -10.60 -20.60 -2.51
C GLY A 124 -12.02 -20.60 -1.95
N GLY A 1 -6.14 13.58 -15.90
CA GLY A 1 -6.63 12.48 -16.73
C GLY A 1 -5.94 11.17 -16.42
N SER A 2 -5.86 10.30 -17.42
CA SER A 2 -5.22 9.00 -17.25
C SER A 2 -4.80 8.42 -18.61
N SER A 3 -3.62 7.82 -18.64
CA SER A 3 -3.10 7.24 -19.87
C SER A 3 -3.21 5.71 -19.83
N GLY A 4 -2.62 5.10 -18.80
CA GLY A 4 -2.66 3.66 -18.66
C GLY A 4 -1.31 3.01 -18.91
N SER A 5 -0.29 3.50 -18.19
CA SER A 5 1.05 2.97 -18.34
C SER A 5 1.08 1.47 -18.03
N SER A 6 1.75 0.71 -18.89
CA SER A 6 1.87 -0.73 -18.72
C SER A 6 2.42 -1.07 -17.34
N GLY A 7 2.31 -2.35 -16.96
CA GLY A 7 2.81 -2.78 -15.67
C GLY A 7 4.31 -2.59 -15.53
N ASN A 8 4.74 -2.06 -14.38
CA ASN A 8 6.15 -1.82 -14.13
C ASN A 8 6.43 -1.73 -12.64
N ASP A 9 7.71 -1.63 -12.28
CA ASP A 9 8.11 -1.54 -10.88
C ASP A 9 8.13 -0.08 -10.43
N ASP A 10 8.41 0.82 -11.35
CA ASP A 10 8.47 2.24 -11.05
C ASP A 10 7.07 2.82 -10.88
N ILE A 11 6.13 2.35 -11.70
CA ILE A 11 4.76 2.82 -11.63
C ILE A 11 4.14 2.53 -10.27
N ILE A 12 4.70 1.54 -9.57
CA ILE A 12 4.20 1.17 -8.25
C ILE A 12 3.85 2.41 -7.42
N VAL A 13 4.68 3.45 -7.53
CA VAL A 13 4.46 4.68 -6.81
C VAL A 13 3.35 5.51 -7.45
N ASN A 14 3.41 5.63 -8.77
CA ASN A 14 2.42 6.39 -9.52
C ASN A 14 1.01 5.88 -9.23
N TRP A 15 0.83 4.57 -9.34
CA TRP A 15 -0.46 3.95 -9.09
C TRP A 15 -0.99 4.31 -7.71
N VAL A 16 -0.12 4.22 -6.71
CA VAL A 16 -0.50 4.56 -5.34
C VAL A 16 -0.95 6.00 -5.23
N ASN A 17 -0.08 6.92 -5.63
CA ASN A 17 -0.39 8.35 -5.58
C ASN A 17 -1.76 8.63 -6.21
N GLU A 18 -1.92 8.21 -7.46
CA GLU A 18 -3.16 8.43 -8.18
C GLU A 18 -4.33 7.79 -7.44
N THR A 19 -4.23 6.48 -7.20
CA THR A 19 -5.28 5.75 -6.50
C THR A 19 -5.80 6.53 -5.31
N LEU A 20 -4.89 7.21 -4.61
CA LEU A 20 -5.27 8.01 -3.45
C LEU A 20 -5.83 9.36 -3.87
N ARG A 21 -5.19 9.98 -4.86
CA ARG A 21 -5.63 11.28 -5.36
C ARG A 21 -7.10 11.23 -5.79
N GLU A 22 -7.44 10.23 -6.58
CA GLU A 22 -8.81 10.07 -7.06
C GLU A 22 -9.78 9.88 -5.90
N ALA A 23 -9.30 9.21 -4.85
CA ALA A 23 -10.12 8.96 -3.66
C ALA A 23 -10.12 10.16 -2.73
N GLU A 24 -9.24 11.12 -3.00
CA GLU A 24 -9.14 12.32 -2.19
C GLU A 24 -8.54 11.99 -0.82
N LYS A 25 -7.48 11.19 -0.81
CA LYS A 25 -6.83 10.79 0.43
C LYS A 25 -5.67 11.75 0.75
N SER A 26 -5.51 12.06 2.03
CA SER A 26 -4.45 12.96 2.47
C SER A 26 -3.12 12.21 2.60
N SER A 27 -3.12 10.95 2.17
CA SER A 27 -1.93 10.12 2.25
C SER A 27 -1.17 10.14 0.92
N SER A 28 0.13 9.84 0.99
CA SER A 28 0.97 9.84 -0.20
C SER A 28 2.37 9.33 0.13
N ILE A 29 3.10 8.90 -0.89
CA ILE A 29 4.45 8.40 -0.71
C ILE A 29 5.39 8.94 -1.79
N SER A 30 6.58 9.35 -1.38
CA SER A 30 7.57 9.90 -2.31
C SER A 30 8.28 8.77 -3.06
N SER A 31 8.65 7.72 -2.34
CA SER A 31 9.34 6.58 -2.93
C SER A 31 9.37 5.40 -1.98
N PHE A 32 9.67 4.22 -2.51
CA PHE A 32 9.73 3.01 -1.71
C PHE A 32 10.43 3.27 -0.37
N LYS A 33 11.26 4.30 -0.34
CA LYS A 33 11.99 4.67 0.88
C LYS A 33 11.36 5.88 1.54
N ASP A 34 10.03 5.89 1.62
CA ASP A 34 9.31 7.00 2.23
C ASP A 34 9.01 6.70 3.71
N PRO A 35 9.18 7.72 4.56
CA PRO A 35 8.94 7.59 6.00
C PRO A 35 7.46 7.44 6.33
N LYS A 36 6.61 8.17 5.60
CA LYS A 36 5.17 8.11 5.81
C LYS A 36 4.69 6.66 5.89
N ILE A 37 5.22 5.83 4.99
CA ILE A 37 4.84 4.42 4.96
C ILE A 37 4.95 3.78 6.34
N SER A 38 5.87 4.29 7.15
CA SER A 38 6.07 3.79 8.50
C SER A 38 4.76 3.72 9.26
N THR A 39 3.92 4.73 9.08
CA THR A 39 2.62 4.80 9.75
C THR A 39 1.58 3.97 9.00
N SER A 40 1.94 3.50 7.81
CA SER A 40 1.03 2.72 7.00
C SER A 40 -0.15 3.56 6.51
N LEU A 41 0.09 4.87 6.39
CA LEU A 41 -0.95 5.78 5.94
C LEU A 41 -1.27 5.56 4.46
N PRO A 42 -0.23 5.57 3.62
CA PRO A 42 -0.39 5.37 2.18
C PRO A 42 -0.76 3.93 1.83
N VAL A 43 -0.37 3.00 2.70
CA VAL A 43 -0.68 1.58 2.49
C VAL A 43 -2.10 1.26 2.90
N LEU A 44 -2.56 1.88 3.99
CA LEU A 44 -3.91 1.65 4.49
C LEU A 44 -4.93 2.38 3.64
N ASP A 45 -4.65 3.64 3.33
CA ASP A 45 -5.55 4.46 2.52
C ASP A 45 -5.66 3.88 1.11
N LEU A 46 -4.54 3.40 0.57
CA LEU A 46 -4.52 2.82 -0.76
C LEU A 46 -5.51 1.66 -0.88
N ILE A 47 -5.63 0.89 0.20
CA ILE A 47 -6.55 -0.25 0.22
C ILE A 47 -8.01 0.21 0.19
N ASP A 48 -8.34 1.14 1.07
CA ASP A 48 -9.70 1.67 1.14
C ASP A 48 -10.14 2.24 -0.21
N ALA A 49 -9.27 3.03 -0.82
CA ALA A 49 -9.57 3.63 -2.12
C ALA A 49 -10.33 2.66 -3.01
N ILE A 50 -9.86 1.41 -3.05
CA ILE A 50 -10.50 0.39 -3.86
C ILE A 50 -11.74 -0.18 -3.17
N GLN A 51 -11.54 -0.72 -1.98
CA GLN A 51 -12.63 -1.30 -1.20
C GLN A 51 -12.98 -0.42 -0.01
N PRO A 52 -13.99 0.45 -0.18
CA PRO A 52 -14.43 1.37 0.88
C PRO A 52 -15.13 0.63 2.02
N GLY A 53 -14.87 1.07 3.24
CA GLY A 53 -15.49 0.44 4.40
C GLY A 53 -14.52 -0.44 5.16
N SER A 54 -13.60 -1.07 4.43
CA SER A 54 -12.62 -1.97 5.04
C SER A 54 -11.82 -1.23 6.11
N ILE A 55 -11.12 -0.18 5.70
CA ILE A 55 -10.31 0.61 6.62
C ILE A 55 -11.16 1.64 7.35
N ASN A 56 -10.85 1.84 8.63
CA ASN A 56 -11.59 2.80 9.45
C ASN A 56 -10.63 3.58 10.35
N TYR A 57 -10.37 4.83 10.00
CA TYR A 57 -9.48 5.69 10.78
C TYR A 57 -9.85 5.65 12.25
N ASP A 58 -11.15 5.63 12.53
CA ASP A 58 -11.64 5.60 13.91
C ASP A 58 -10.88 4.56 14.72
N LEU A 59 -10.63 3.40 14.10
CA LEU A 59 -9.91 2.32 14.78
C LEU A 59 -8.40 2.52 14.69
N LEU A 60 -7.94 3.07 13.57
CA LEU A 60 -6.53 3.33 13.35
C LEU A 60 -6.00 4.31 14.39
N LYS A 61 -4.67 4.49 14.41
CA LYS A 61 -4.04 5.41 15.34
C LYS A 61 -3.76 6.76 14.67
N THR A 62 -2.88 6.74 13.67
CA THR A 62 -2.53 7.96 12.96
C THR A 62 -2.31 9.12 13.91
N GLU A 63 -1.82 8.82 15.11
CA GLU A 63 -1.56 9.84 16.12
C GLU A 63 -0.25 9.57 16.85
N ASN A 64 0.76 10.38 16.55
CA ASN A 64 2.07 10.24 17.18
C ASN A 64 2.42 8.77 17.36
N LEU A 65 2.23 7.99 16.30
CA LEU A 65 2.54 6.56 16.34
C LEU A 65 3.93 6.31 16.88
N ASN A 66 4.27 5.04 17.07
CA ASN A 66 5.58 4.67 17.59
C ASN A 66 5.88 3.20 17.31
N ASP A 67 7.15 2.82 17.49
CA ASP A 67 7.56 1.43 17.27
C ASP A 67 6.46 0.46 17.65
N ASP A 68 5.75 0.77 18.73
CA ASP A 68 4.66 -0.08 19.20
C ASP A 68 3.45 0.04 18.29
N GLU A 69 2.77 1.18 18.35
CA GLU A 69 1.59 1.42 17.53
C GLU A 69 1.86 1.06 16.07
N LYS A 70 2.91 1.64 15.51
CA LYS A 70 3.28 1.39 14.12
C LYS A 70 3.14 -0.11 13.79
N LEU A 71 3.70 -0.95 14.65
CA LEU A 71 3.64 -2.40 14.45
C LEU A 71 2.19 -2.86 14.31
N ASN A 72 1.37 -2.51 15.29
CA ASN A 72 -0.04 -2.89 15.28
C ASN A 72 -0.69 -2.53 13.95
N ASN A 73 -0.31 -1.37 13.41
CA ASN A 73 -0.86 -0.91 12.15
C ASN A 73 -0.30 -1.72 10.98
N ALA A 74 0.95 -2.14 11.10
CA ALA A 74 1.59 -2.94 10.06
C ALA A 74 0.91 -4.29 9.90
N LYS A 75 0.71 -4.99 11.01
CA LYS A 75 0.07 -6.30 10.98
C LYS A 75 -1.34 -6.21 10.39
N TYR A 76 -2.06 -5.14 10.75
CA TYR A 76 -3.41 -4.94 10.25
C TYR A 76 -3.41 -4.62 8.76
N ALA A 77 -2.58 -3.65 8.36
CA ALA A 77 -2.48 -3.26 6.96
C ALA A 77 -2.33 -4.49 6.07
N ILE A 78 -1.24 -5.23 6.28
CA ILE A 78 -0.98 -6.43 5.48
C ILE A 78 -2.19 -7.37 5.48
N SER A 79 -2.81 -7.52 6.64
CA SER A 79 -3.97 -8.38 6.78
C SER A 79 -5.08 -7.98 5.80
N MET A 80 -5.51 -6.73 5.90
CA MET A 80 -6.56 -6.21 5.03
C MET A 80 -6.35 -6.68 3.59
N ALA A 81 -5.17 -6.43 3.06
CA ALA A 81 -4.84 -6.84 1.69
C ALA A 81 -5.36 -8.24 1.40
N ARG A 82 -5.10 -9.17 2.32
CA ARG A 82 -5.54 -10.54 2.15
C ARG A 82 -7.06 -10.65 2.28
N LYS A 83 -7.61 -9.96 3.26
CA LYS A 83 -9.05 -9.97 3.50
C LYS A 83 -9.81 -9.64 2.21
N ILE A 84 -9.44 -8.54 1.57
CA ILE A 84 -10.09 -8.13 0.34
C ILE A 84 -9.75 -9.07 -0.81
N GLY A 85 -8.59 -9.70 -0.72
CA GLY A 85 -8.16 -10.63 -1.76
C GLY A 85 -6.86 -10.22 -2.41
N ALA A 86 -5.75 -10.57 -1.79
CA ALA A 86 -4.43 -10.24 -2.31
C ALA A 86 -3.33 -10.98 -1.56
N ARG A 87 -2.54 -11.76 -2.29
CA ARG A 87 -1.45 -12.52 -1.69
C ARG A 87 -0.35 -11.59 -1.17
N VAL A 88 -0.20 -11.53 0.15
CA VAL A 88 0.82 -10.69 0.75
C VAL A 88 1.91 -11.52 1.42
N TYR A 89 3.13 -11.43 0.87
CA TYR A 89 4.26 -12.18 1.41
C TYR A 89 5.27 -11.25 2.07
N ALA A 90 4.75 -10.23 2.76
CA ALA A 90 5.61 -9.27 3.45
C ALA A 90 5.57 -9.47 4.95
N LEU A 91 6.23 -8.58 5.68
CA LEU A 91 6.26 -8.67 7.14
C LEU A 91 5.93 -7.33 7.77
N PRO A 92 5.06 -7.36 8.80
CA PRO A 92 4.64 -6.15 9.52
C PRO A 92 5.76 -5.54 10.35
N GLU A 93 6.66 -6.39 10.84
CA GLU A 93 7.78 -5.93 11.64
C GLU A 93 8.76 -5.11 10.81
N ASP A 94 8.97 -5.54 9.56
CA ASP A 94 9.87 -4.85 8.66
C ASP A 94 9.22 -3.58 8.10
N LEU A 95 7.93 -3.66 7.79
CA LEU A 95 7.20 -2.54 7.25
C LEU A 95 7.33 -1.32 8.16
N VAL A 96 7.23 -1.54 9.46
CA VAL A 96 7.33 -0.47 10.44
C VAL A 96 8.54 0.42 10.14
N GLU A 97 9.60 -0.18 9.64
CA GLU A 97 10.82 0.57 9.32
C GLU A 97 10.92 0.81 7.82
N VAL A 98 9.77 1.00 7.18
CA VAL A 98 9.72 1.24 5.73
C VAL A 98 10.81 0.44 5.02
N ASN A 99 10.91 -0.84 5.35
CA ASN A 99 11.91 -1.72 4.74
C ASN A 99 11.48 -2.11 3.33
N PRO A 100 12.26 -1.68 2.33
CA PRO A 100 11.98 -1.98 0.92
C PRO A 100 12.20 -3.45 0.58
N LYS A 101 12.60 -4.22 1.59
CA LYS A 101 12.85 -5.65 1.40
C LYS A 101 11.55 -6.44 1.41
N MET A 102 10.64 -6.07 2.30
CA MET A 102 9.35 -6.74 2.40
C MET A 102 8.28 -5.99 1.63
N VAL A 103 8.22 -4.68 1.85
CA VAL A 103 7.23 -3.83 1.17
C VAL A 103 7.09 -4.23 -0.30
N MET A 104 8.14 -4.83 -0.84
CA MET A 104 8.12 -5.27 -2.24
C MET A 104 6.80 -5.96 -2.58
N THR A 105 6.25 -6.68 -1.62
CA THR A 105 4.99 -7.38 -1.82
C THR A 105 3.80 -6.53 -1.39
N VAL A 106 3.92 -5.90 -0.22
CA VAL A 106 2.85 -5.05 0.30
C VAL A 106 2.21 -4.23 -0.81
N PHE A 107 3.05 -3.70 -1.71
CA PHE A 107 2.56 -2.89 -2.81
C PHE A 107 2.31 -3.76 -4.05
N ALA A 108 3.31 -4.52 -4.45
CA ALA A 108 3.20 -5.39 -5.61
C ALA A 108 1.81 -6.01 -5.70
N CYS A 109 1.38 -6.62 -4.61
CA CYS A 109 0.06 -7.26 -4.56
C CYS A 109 -1.04 -6.26 -4.90
N LEU A 110 -0.89 -5.04 -4.40
CA LEU A 110 -1.87 -3.99 -4.66
C LEU A 110 -1.70 -3.41 -6.06
N MET A 111 -0.56 -2.76 -6.28
CA MET A 111 -0.27 -2.17 -7.59
C MET A 111 -0.57 -3.14 -8.71
N GLY A 112 -0.40 -4.43 -8.44
CA GLY A 112 -0.66 -5.45 -9.44
C GLY A 112 -1.94 -5.20 -10.21
N LYS A 113 -2.84 -4.41 -9.61
CA LYS A 113 -4.12 -4.09 -10.24
C LYS A 113 -3.95 -2.99 -11.28
N GLY A 114 -2.70 -2.70 -11.64
CA GLY A 114 -2.44 -1.67 -12.61
C GLY A 114 -2.62 -2.16 -14.04
N MET A 115 -1.51 -2.48 -14.70
CA MET A 115 -1.55 -2.97 -16.07
C MET A 115 -0.68 -4.20 -16.25
N LYS A 116 -1.23 -5.36 -15.88
CA LYS A 116 -0.50 -6.62 -15.99
C LYS A 116 -1.42 -7.80 -15.73
N ARG A 117 -0.94 -9.01 -16.06
CA ARG A 117 -1.72 -10.22 -15.85
C ARG A 117 -0.98 -11.19 -14.94
N VAL A 118 -1.74 -11.99 -14.19
CA VAL A 118 -1.16 -12.97 -13.28
C VAL A 118 -0.89 -14.29 -14.00
N SER A 119 -0.24 -15.21 -13.30
CA SER A 119 0.09 -16.52 -13.86
C SER A 119 -1.17 -17.36 -14.03
N GLY A 120 -1.62 -17.51 -15.27
CA GLY A 120 -2.81 -18.30 -15.53
C GLY A 120 -4.04 -17.44 -15.75
N PRO A 121 -5.10 -17.71 -14.98
CA PRO A 121 -6.36 -16.97 -15.08
C PRO A 121 -6.23 -15.54 -14.56
N SER A 122 -6.97 -14.62 -15.18
CA SER A 122 -6.94 -13.22 -14.78
C SER A 122 -8.34 -12.66 -14.62
N SER A 123 -8.45 -11.54 -13.91
CA SER A 123 -9.75 -10.91 -13.68
C SER A 123 -9.85 -9.59 -14.44
N GLY A 124 -11.04 -8.98 -14.41
CA GLY A 124 -11.24 -7.73 -15.09
C GLY A 124 -12.24 -7.84 -16.23
N GLY A 1 -14.60 5.28 -21.21
CA GLY A 1 -14.28 6.22 -20.15
C GLY A 1 -13.30 5.65 -19.15
N SER A 2 -13.78 4.74 -18.30
CA SER A 2 -12.94 4.12 -17.29
C SER A 2 -11.65 3.57 -17.90
N SER A 3 -10.51 4.07 -17.43
CA SER A 3 -9.22 3.64 -17.94
C SER A 3 -8.15 3.73 -16.87
N GLY A 4 -7.23 2.77 -16.85
CA GLY A 4 -6.16 2.76 -15.87
C GLY A 4 -4.81 3.10 -16.47
N SER A 5 -3.77 2.47 -15.96
CA SER A 5 -2.42 2.71 -16.45
C SER A 5 -1.50 1.53 -16.12
N SER A 6 -0.42 1.39 -16.89
CA SER A 6 0.52 0.31 -16.69
C SER A 6 1.84 0.59 -17.41
N GLY A 7 2.95 0.24 -16.77
CA GLY A 7 4.26 0.47 -17.36
C GLY A 7 5.35 -0.30 -16.66
N ASN A 8 6.42 0.40 -16.28
CA ASN A 8 7.54 -0.22 -15.60
C ASN A 8 7.21 -0.47 -14.12
N ASP A 9 8.15 -1.08 -13.41
CA ASP A 9 7.96 -1.37 -11.99
C ASP A 9 7.93 -0.09 -11.17
N ASP A 10 8.30 1.02 -11.80
CA ASP A 10 8.32 2.32 -11.13
C ASP A 10 6.91 2.85 -10.94
N ILE A 11 5.96 2.23 -11.63
CA ILE A 11 4.56 2.65 -11.55
C ILE A 11 3.97 2.34 -10.18
N ILE A 12 4.62 1.43 -9.46
CA ILE A 12 4.17 1.05 -8.12
C ILE A 12 3.85 2.28 -7.28
N VAL A 13 4.63 3.33 -7.47
CA VAL A 13 4.44 4.58 -6.73
C VAL A 13 3.29 5.38 -7.29
N ASN A 14 3.36 5.68 -8.59
CA ASN A 14 2.32 6.45 -9.26
C ASN A 14 0.94 5.85 -8.99
N TRP A 15 0.79 4.57 -9.30
CA TRP A 15 -0.48 3.88 -9.09
C TRP A 15 -1.04 4.19 -7.70
N VAL A 16 -0.22 4.03 -6.68
CA VAL A 16 -0.62 4.30 -5.31
C VAL A 16 -1.05 5.75 -5.13
N ASN A 17 -0.20 6.67 -5.58
CA ASN A 17 -0.49 8.09 -5.47
C ASN A 17 -1.83 8.43 -6.11
N GLU A 18 -1.96 8.15 -7.40
CA GLU A 18 -3.20 8.42 -8.13
C GLU A 18 -4.39 7.84 -7.38
N THR A 19 -4.41 6.53 -7.21
CA THR A 19 -5.50 5.85 -6.53
C THR A 19 -5.97 6.66 -5.32
N LEU A 20 -5.02 7.29 -4.64
CA LEU A 20 -5.34 8.11 -3.46
C LEU A 20 -5.90 9.46 -3.87
N ARG A 21 -5.22 10.13 -4.80
CA ARG A 21 -5.64 11.44 -5.28
C ARG A 21 -7.07 11.37 -5.81
N GLU A 22 -7.32 10.41 -6.70
CA GLU A 22 -8.65 10.25 -7.28
C GLU A 22 -9.73 10.37 -6.22
N ALA A 23 -9.51 9.72 -5.07
CA ALA A 23 -10.47 9.75 -3.99
C ALA A 23 -10.23 10.96 -3.07
N GLU A 24 -9.09 11.62 -3.27
CA GLU A 24 -8.75 12.78 -2.47
C GLU A 24 -8.32 12.38 -1.06
N LYS A 25 -7.43 11.38 -0.99
CA LYS A 25 -6.94 10.90 0.29
C LYS A 25 -5.83 11.80 0.82
N SER A 26 -5.66 11.81 2.14
CA SER A 26 -4.63 12.64 2.77
C SER A 26 -3.34 11.84 2.96
N SER A 27 -3.25 10.70 2.29
CA SER A 27 -2.07 9.84 2.39
C SER A 27 -1.41 9.67 1.03
N SER A 28 -0.10 9.47 1.04
CA SER A 28 0.65 9.30 -0.20
C SER A 28 2.12 8.97 0.10
N ILE A 29 2.90 8.75 -0.96
CA ILE A 29 4.32 8.44 -0.81
C ILE A 29 5.14 9.14 -1.87
N SER A 30 6.42 9.34 -1.57
CA SER A 30 7.34 10.00 -2.50
C SER A 30 8.15 8.98 -3.29
N SER A 31 8.47 7.86 -2.64
CA SER A 31 9.25 6.81 -3.28
C SER A 31 9.21 5.54 -2.45
N PHE A 32 9.73 4.45 -3.01
CA PHE A 32 9.75 3.16 -2.33
C PHE A 32 10.27 3.32 -0.90
N LYS A 33 11.14 4.30 -0.71
CA LYS A 33 11.72 4.56 0.62
C LYS A 33 11.04 5.75 1.27
N ASP A 34 9.71 5.80 1.20
CA ASP A 34 8.94 6.88 1.80
C ASP A 34 8.81 6.69 3.31
N PRO A 35 8.95 7.80 4.05
CA PRO A 35 8.85 7.78 5.51
C PRO A 35 7.43 7.50 6.00
N LYS A 36 6.46 8.15 5.36
CA LYS A 36 5.07 7.99 5.73
C LYS A 36 4.70 6.51 5.82
N ILE A 37 5.38 5.69 5.03
CA ILE A 37 5.13 4.25 5.02
C ILE A 37 5.27 3.66 6.43
N SER A 38 6.16 4.25 7.22
CA SER A 38 6.39 3.79 8.58
C SER A 38 5.10 3.75 9.38
N THR A 39 4.20 4.70 9.07
CA THR A 39 2.92 4.78 9.76
C THR A 39 1.86 3.96 9.03
N SER A 40 2.20 3.47 7.84
CA SER A 40 1.27 2.68 7.04
C SER A 40 0.10 3.54 6.56
N LEU A 41 0.34 4.85 6.44
CA LEU A 41 -0.69 5.77 5.99
C LEU A 41 -1.03 5.54 4.51
N PRO A 42 0.01 5.55 3.67
CA PRO A 42 -0.14 5.33 2.23
C PRO A 42 -0.52 3.90 1.89
N VAL A 43 -0.24 2.99 2.81
CA VAL A 43 -0.56 1.58 2.61
C VAL A 43 -1.97 1.25 3.11
N LEU A 44 -2.44 2.06 4.06
CA LEU A 44 -3.78 1.86 4.62
C LEU A 44 -4.82 2.65 3.85
N ASP A 45 -4.53 3.92 3.59
CA ASP A 45 -5.44 4.79 2.86
C ASP A 45 -5.62 4.30 1.42
N LEU A 46 -4.58 3.64 0.90
CA LEU A 46 -4.62 3.13 -0.47
C LEU A 46 -5.62 1.98 -0.60
N ILE A 47 -5.63 1.10 0.39
CA ILE A 47 -6.53 -0.04 0.40
C ILE A 47 -7.99 0.42 0.33
N ASP A 48 -8.36 1.33 1.24
CA ASP A 48 -9.72 1.85 1.29
C ASP A 48 -10.16 2.33 -0.10
N ALA A 49 -9.36 3.21 -0.70
CA ALA A 49 -9.68 3.75 -2.01
C ALA A 49 -10.25 2.67 -2.93
N ILE A 50 -9.57 1.53 -2.99
CA ILE A 50 -10.01 0.42 -3.82
C ILE A 50 -11.33 -0.16 -3.31
N GLN A 51 -11.32 -0.63 -2.07
CA GLN A 51 -12.50 -1.21 -1.46
C GLN A 51 -13.06 -0.30 -0.36
N PRO A 52 -14.08 0.49 -0.70
CA PRO A 52 -14.72 1.41 0.23
C PRO A 52 -15.51 0.70 1.32
N GLY A 53 -15.13 0.91 2.57
CA GLY A 53 -15.81 0.27 3.68
C GLY A 53 -14.97 -0.80 4.34
N SER A 54 -13.68 -0.52 4.50
CA SER A 54 -12.76 -1.47 5.11
C SER A 54 -11.92 -0.79 6.19
N ILE A 55 -11.20 0.25 5.80
CA ILE A 55 -10.35 0.98 6.73
C ILE A 55 -11.16 2.02 7.50
N ASN A 56 -10.90 2.11 8.80
CA ASN A 56 -11.60 3.06 9.65
C ASN A 56 -10.61 3.84 10.53
N TYR A 57 -10.35 5.09 10.16
CA TYR A 57 -9.43 5.92 10.91
C TYR A 57 -9.84 6.02 12.38
N ASP A 58 -11.13 5.84 12.62
CA ASP A 58 -11.65 5.90 13.99
C ASP A 58 -10.96 4.87 14.88
N LEU A 59 -10.59 3.73 14.30
CA LEU A 59 -9.92 2.67 15.04
C LEU A 59 -8.40 2.82 14.94
N LEU A 60 -7.93 3.28 13.79
CA LEU A 60 -6.50 3.48 13.57
C LEU A 60 -5.93 4.48 14.55
N LYS A 61 -4.62 4.69 14.49
CA LYS A 61 -3.94 5.63 15.37
C LYS A 61 -3.45 6.85 14.59
N THR A 62 -2.57 6.62 13.63
CA THR A 62 -2.03 7.70 12.82
C THR A 62 -1.69 8.92 13.67
N GLU A 63 -1.36 8.67 14.94
CA GLU A 63 -1.02 9.75 15.86
C GLU A 63 0.25 9.41 16.64
N ASN A 64 1.29 10.23 16.46
CA ASN A 64 2.56 10.02 17.14
C ASN A 64 2.86 8.53 17.28
N LEU A 65 2.55 7.77 16.23
CA LEU A 65 2.80 6.33 16.23
C LEU A 65 4.19 6.01 16.75
N ASN A 66 4.39 4.77 17.18
CA ASN A 66 5.67 4.34 17.71
C ASN A 66 5.90 2.86 17.45
N ASP A 67 7.08 2.37 17.79
CA ASP A 67 7.42 0.96 17.59
C ASP A 67 6.29 0.06 18.05
N ASP A 68 5.47 0.56 18.97
CA ASP A 68 4.34 -0.20 19.49
C ASP A 68 3.13 -0.08 18.58
N GLU A 69 2.62 1.15 18.45
CA GLU A 69 1.46 1.41 17.61
C GLU A 69 1.75 1.06 16.15
N LYS A 70 2.82 1.65 15.62
CA LYS A 70 3.21 1.40 14.24
C LYS A 70 3.03 -0.07 13.87
N LEU A 71 3.52 -0.96 14.74
CA LEU A 71 3.40 -2.40 14.51
C LEU A 71 1.95 -2.80 14.26
N ASN A 72 1.09 -2.49 15.23
CA ASN A 72 -0.33 -2.80 15.12
C ASN A 72 -0.89 -2.37 13.77
N ASN A 73 -0.42 -1.21 13.29
CA ASN A 73 -0.88 -0.67 12.01
C ASN A 73 -0.34 -1.51 10.86
N ALA A 74 0.91 -1.95 10.99
CA ALA A 74 1.54 -2.76 9.95
C ALA A 74 0.81 -4.10 9.78
N LYS A 75 0.48 -4.72 10.90
CA LYS A 75 -0.21 -6.01 10.87
C LYS A 75 -1.60 -5.86 10.25
N TYR A 76 -2.27 -4.75 10.55
CA TYR A 76 -3.60 -4.49 10.02
C TYR A 76 -3.55 -4.28 8.51
N ALA A 77 -2.52 -3.59 8.04
CA ALA A 77 -2.35 -3.32 6.62
C ALA A 77 -2.22 -4.62 5.83
N ILE A 78 -1.20 -5.40 6.16
CA ILE A 78 -0.96 -6.68 5.48
C ILE A 78 -2.15 -7.62 5.63
N SER A 79 -2.80 -7.56 6.80
CA SER A 79 -3.95 -8.41 7.08
C SER A 79 -5.10 -8.08 6.13
N MET A 80 -5.34 -6.79 5.93
CA MET A 80 -6.42 -6.34 5.07
C MET A 80 -6.20 -6.84 3.64
N ALA A 81 -5.02 -6.59 3.09
CA ALA A 81 -4.69 -7.02 1.74
C ALA A 81 -5.27 -8.39 1.45
N ARG A 82 -4.86 -9.38 2.23
CA ARG A 82 -5.34 -10.75 2.05
C ARG A 82 -6.86 -10.82 2.23
N LYS A 83 -7.37 -10.11 3.23
CA LYS A 83 -8.80 -10.09 3.51
C LYS A 83 -9.59 -9.70 2.27
N ILE A 84 -9.22 -8.58 1.67
CA ILE A 84 -9.90 -8.09 0.47
C ILE A 84 -9.53 -8.94 -0.75
N GLY A 85 -8.39 -9.61 -0.67
CA GLY A 85 -7.94 -10.44 -1.77
C GLY A 85 -6.51 -10.14 -2.18
N ALA A 86 -5.57 -10.92 -1.65
CA ALA A 86 -4.16 -10.73 -1.97
C ALA A 86 -3.31 -11.84 -1.36
N ARG A 87 -2.03 -11.85 -1.71
CA ARG A 87 -1.11 -12.86 -1.20
C ARG A 87 0.34 -12.44 -1.43
N VAL A 88 1.07 -12.20 -0.34
CA VAL A 88 2.47 -11.79 -0.42
C VAL A 88 3.29 -12.46 0.67
N TYR A 89 4.58 -12.13 0.71
CA TYR A 89 5.49 -12.70 1.71
C TYR A 89 6.14 -11.60 2.54
N ALA A 90 5.44 -10.48 2.69
CA ALA A 90 5.95 -9.36 3.46
C ALA A 90 5.84 -9.63 4.96
N LEU A 91 6.23 -8.65 5.77
CA LEU A 91 6.18 -8.79 7.22
C LEU A 91 5.86 -7.45 7.88
N PRO A 92 4.93 -7.47 8.84
CA PRO A 92 4.52 -6.26 9.57
C PRO A 92 5.61 -5.75 10.50
N GLU A 93 6.34 -6.68 11.10
CA GLU A 93 7.42 -6.33 12.03
C GLU A 93 8.48 -5.48 11.32
N ASP A 94 8.70 -5.76 10.04
CA ASP A 94 9.68 -5.03 9.25
C ASP A 94 9.07 -3.77 8.66
N LEU A 95 7.82 -3.86 8.24
CA LEU A 95 7.12 -2.73 7.65
C LEU A 95 7.27 -1.48 8.53
N VAL A 96 7.19 -1.67 9.84
CA VAL A 96 7.33 -0.57 10.78
C VAL A 96 8.57 0.25 10.49
N GLU A 97 9.67 -0.43 10.20
CA GLU A 97 10.92 0.24 9.90
C GLU A 97 11.05 0.54 8.41
N VAL A 98 9.94 0.91 7.79
CA VAL A 98 9.91 1.22 6.37
C VAL A 98 10.90 0.34 5.60
N ASN A 99 10.77 -0.97 5.77
CA ASN A 99 11.64 -1.92 5.10
C ASN A 99 11.22 -2.11 3.65
N PRO A 100 12.10 -1.73 2.71
CA PRO A 100 11.84 -1.86 1.27
C PRO A 100 11.84 -3.32 0.82
N LYS A 101 12.30 -4.21 1.68
CA LYS A 101 12.35 -5.63 1.36
C LYS A 101 10.96 -6.25 1.46
N MET A 102 10.13 -5.72 2.36
CA MET A 102 8.78 -6.23 2.54
C MET A 102 7.77 -5.39 1.77
N VAL A 103 7.94 -4.07 1.83
CA VAL A 103 7.04 -3.15 1.12
C VAL A 103 6.99 -3.48 -0.37
N MET A 104 8.12 -3.87 -0.92
CA MET A 104 8.21 -4.20 -2.34
C MET A 104 7.10 -5.15 -2.74
N THR A 105 6.63 -5.95 -1.78
CA THR A 105 5.56 -6.91 -2.04
C THR A 105 4.21 -6.35 -1.61
N VAL A 106 4.16 -5.79 -0.42
CA VAL A 106 2.92 -5.21 0.12
C VAL A 106 2.14 -4.50 -0.98
N PHE A 107 2.84 -3.69 -1.77
CA PHE A 107 2.20 -2.94 -2.85
C PHE A 107 2.01 -3.83 -4.07
N ALA A 108 3.03 -4.62 -4.40
CA ALA A 108 2.97 -5.52 -5.54
C ALA A 108 1.58 -6.12 -5.70
N CYS A 109 1.18 -6.95 -4.75
CA CYS A 109 -0.14 -7.58 -4.79
C CYS A 109 -1.21 -6.58 -5.17
N LEU A 110 -1.16 -5.39 -4.58
CA LEU A 110 -2.13 -4.34 -4.85
C LEU A 110 -1.95 -3.80 -6.27
N MET A 111 -0.86 -3.06 -6.47
CA MET A 111 -0.57 -2.48 -7.78
C MET A 111 -0.85 -3.49 -8.90
N GLY A 112 -0.82 -4.78 -8.55
CA GLY A 112 -1.06 -5.81 -9.53
C GLY A 112 -2.16 -5.44 -10.50
N LYS A 113 -3.07 -4.59 -10.06
CA LYS A 113 -4.18 -4.15 -10.91
C LYS A 113 -3.68 -3.39 -12.12
N GLY A 114 -2.73 -2.49 -11.90
CA GLY A 114 -2.17 -1.70 -12.99
C GLY A 114 -1.02 -2.41 -13.67
N MET A 115 -1.08 -3.73 -13.72
CA MET A 115 -0.02 -4.52 -14.34
C MET A 115 -0.60 -5.45 -15.42
N LYS A 116 0.20 -5.72 -16.45
CA LYS A 116 -0.24 -6.59 -17.53
C LYS A 116 0.17 -8.04 -17.26
N ARG A 117 -0.80 -8.86 -16.86
CA ARG A 117 -0.54 -10.26 -16.58
C ARG A 117 -1.41 -11.16 -17.45
N VAL A 118 -1.21 -12.47 -17.31
CA VAL A 118 -1.97 -13.43 -18.10
C VAL A 118 -3.47 -13.21 -17.95
N SER A 119 -3.88 -12.76 -16.76
CA SER A 119 -5.29 -12.51 -16.48
C SER A 119 -6.17 -13.57 -17.14
N GLY A 120 -5.86 -14.84 -16.89
CA GLY A 120 -6.63 -15.92 -17.46
C GLY A 120 -7.59 -16.54 -16.46
N PRO A 121 -7.27 -17.77 -16.02
CA PRO A 121 -8.09 -18.50 -15.06
C PRO A 121 -8.04 -17.89 -13.67
N SER A 122 -6.95 -17.18 -13.38
CA SER A 122 -6.78 -16.54 -12.08
C SER A 122 -6.86 -15.02 -12.20
N SER A 123 -7.80 -14.42 -11.47
CA SER A 123 -7.98 -12.98 -11.51
C SER A 123 -6.78 -12.26 -10.92
N GLY A 124 -6.34 -12.71 -9.74
CA GLY A 124 -5.19 -12.10 -9.10
C GLY A 124 -5.52 -11.58 -7.71
N GLY A 1 -15.01 -3.93 -18.44
CA GLY A 1 -14.32 -5.13 -18.00
C GLY A 1 -13.07 -4.83 -17.20
N SER A 2 -12.35 -5.87 -16.81
CA SER A 2 -11.13 -5.71 -16.03
C SER A 2 -10.16 -6.87 -16.27
N SER A 3 -8.96 -6.55 -16.72
CA SER A 3 -7.94 -7.56 -16.99
C SER A 3 -7.08 -7.82 -15.77
N GLY A 4 -6.13 -8.75 -15.90
CA GLY A 4 -5.26 -9.07 -14.79
C GLY A 4 -3.83 -9.34 -15.23
N SER A 5 -2.94 -8.42 -14.92
CA SER A 5 -1.53 -8.56 -15.29
C SER A 5 -0.65 -7.66 -14.43
N SER A 6 0.66 -7.79 -14.61
CA SER A 6 1.62 -6.99 -13.85
C SER A 6 1.98 -5.71 -14.60
N GLY A 7 2.74 -4.84 -13.95
CA GLY A 7 3.13 -3.59 -14.58
C GLY A 7 4.61 -3.30 -14.39
N ASN A 8 5.00 -2.05 -14.64
CA ASN A 8 6.40 -1.64 -14.50
C ASN A 8 6.81 -1.62 -13.02
N ASP A 9 8.08 -1.35 -12.78
CA ASP A 9 8.60 -1.29 -11.42
C ASP A 9 8.56 0.13 -10.88
N ASP A 10 8.49 1.10 -11.78
CA ASP A 10 8.44 2.51 -11.39
C ASP A 10 7.00 2.97 -11.18
N ILE A 11 6.09 2.35 -11.92
CA ILE A 11 4.67 2.70 -11.83
C ILE A 11 4.10 2.31 -10.47
N ILE A 12 4.81 1.43 -9.76
CA ILE A 12 4.38 0.98 -8.45
C ILE A 12 3.99 2.16 -7.56
N VAL A 13 4.72 3.25 -7.67
CA VAL A 13 4.45 4.45 -6.89
C VAL A 13 3.35 5.28 -7.53
N ASN A 14 3.47 5.51 -8.83
CA ASN A 14 2.47 6.30 -9.56
C ASN A 14 1.06 5.80 -9.27
N TRP A 15 0.87 4.48 -9.36
CA TRP A 15 -0.43 3.89 -9.10
C TRP A 15 -0.93 4.24 -7.71
N VAL A 16 -0.07 4.07 -6.72
CA VAL A 16 -0.42 4.38 -5.34
C VAL A 16 -0.86 5.83 -5.19
N ASN A 17 -0.05 6.74 -5.72
CA ASN A 17 -0.36 8.17 -5.65
C ASN A 17 -1.70 8.47 -6.31
N GLU A 18 -1.90 7.93 -7.51
CA GLU A 18 -3.15 8.15 -8.24
C GLU A 18 -4.33 7.60 -7.46
N THR A 19 -4.33 6.29 -7.23
CA THR A 19 -5.41 5.63 -6.49
C THR A 19 -5.89 6.50 -5.33
N LEU A 20 -4.95 7.17 -4.67
CA LEU A 20 -5.27 8.03 -3.54
C LEU A 20 -5.75 9.40 -4.01
N ARG A 21 -5.12 9.90 -5.08
CA ARG A 21 -5.47 11.20 -5.64
C ARG A 21 -6.91 11.20 -6.13
N GLU A 22 -7.25 10.21 -6.95
CA GLU A 22 -8.60 10.09 -7.49
C GLU A 22 -9.63 10.02 -6.38
N ALA A 23 -9.20 9.54 -5.22
CA ALA A 23 -10.09 9.42 -4.06
C ALA A 23 -9.86 10.55 -3.07
N GLU A 24 -9.09 11.55 -3.48
CA GLU A 24 -8.78 12.69 -2.62
C GLU A 24 -8.43 12.22 -1.21
N LYS A 25 -7.53 11.25 -1.12
CA LYS A 25 -7.10 10.71 0.17
C LYS A 25 -6.12 11.67 0.85
N SER A 26 -5.87 11.42 2.13
CA SER A 26 -4.96 12.26 2.90
C SER A 26 -3.60 11.58 3.06
N SER A 27 -3.38 10.52 2.29
CA SER A 27 -2.12 9.78 2.34
C SER A 27 -1.38 9.89 1.01
N SER A 28 -0.08 9.63 1.06
CA SER A 28 0.75 9.70 -0.14
C SER A 28 2.18 9.25 0.16
N ILE A 29 2.87 8.75 -0.87
CA ILE A 29 4.24 8.28 -0.71
C ILE A 29 5.15 8.93 -1.74
N SER A 30 6.42 9.11 -1.37
CA SER A 30 7.39 9.72 -2.26
C SER A 30 8.20 8.65 -3.00
N SER A 31 8.41 7.52 -2.33
CA SER A 31 9.17 6.41 -2.92
C SER A 31 9.13 5.19 -2.02
N PHE A 32 9.48 4.03 -2.58
CA PHE A 32 9.48 2.79 -1.82
C PHE A 32 10.13 2.98 -0.46
N LYS A 33 10.99 4.00 -0.35
CA LYS A 33 11.68 4.30 0.89
C LYS A 33 11.10 5.54 1.55
N ASP A 34 9.78 5.68 1.49
CA ASP A 34 9.11 6.84 2.08
C ASP A 34 8.94 6.65 3.59
N PRO A 35 9.13 7.74 4.34
CA PRO A 35 9.00 7.72 5.80
C PRO A 35 7.55 7.54 6.25
N LYS A 36 6.64 8.24 5.59
CA LYS A 36 5.22 8.16 5.92
C LYS A 36 4.75 6.71 5.94
N ILE A 37 5.42 5.86 5.18
CA ILE A 37 5.08 4.45 5.11
C ILE A 37 5.19 3.79 6.48
N SER A 38 6.09 4.31 7.31
CA SER A 38 6.30 3.77 8.65
C SER A 38 4.99 3.76 9.44
N THR A 39 4.13 4.74 9.15
CA THR A 39 2.85 4.84 9.85
C THR A 39 1.79 4.02 9.14
N SER A 40 2.12 3.50 7.96
CA SER A 40 1.18 2.69 7.19
C SER A 40 0.02 3.53 6.69
N LEU A 41 0.26 4.84 6.54
CA LEU A 41 -0.78 5.75 6.07
C LEU A 41 -1.12 5.48 4.61
N PRO A 42 -0.10 5.46 3.75
CA PRO A 42 -0.27 5.22 2.32
C PRO A 42 -0.66 3.77 2.02
N VAL A 43 -0.17 2.85 2.84
CA VAL A 43 -0.47 1.44 2.68
C VAL A 43 -1.87 1.10 3.18
N LEU A 44 -2.35 1.90 4.13
CA LEU A 44 -3.68 1.69 4.70
C LEU A 44 -4.74 2.42 3.88
N ASP A 45 -4.43 3.65 3.50
CA ASP A 45 -5.35 4.46 2.71
C ASP A 45 -5.47 3.93 1.29
N LEU A 46 -4.37 3.43 0.76
CA LEU A 46 -4.35 2.89 -0.60
C LEU A 46 -5.36 1.75 -0.74
N ILE A 47 -5.49 0.94 0.31
CA ILE A 47 -6.43 -0.17 0.31
C ILE A 47 -7.88 0.31 0.34
N ASP A 48 -8.16 1.21 1.29
CA ASP A 48 -9.50 1.76 1.43
C ASP A 48 -10.01 2.31 0.11
N ALA A 49 -9.17 3.06 -0.59
CA ALA A 49 -9.53 3.63 -1.88
C ALA A 49 -10.09 2.58 -2.82
N ILE A 50 -9.59 1.36 -2.69
CA ILE A 50 -10.03 0.26 -3.53
C ILE A 50 -11.42 -0.21 -3.13
N GLN A 51 -11.60 -0.49 -1.84
CA GLN A 51 -12.88 -0.95 -1.32
C GLN A 51 -13.27 -0.18 -0.07
N PRO A 52 -14.39 0.56 -0.14
CA PRO A 52 -14.88 1.36 0.98
C PRO A 52 -15.42 0.49 2.12
N GLY A 53 -14.84 0.64 3.31
CA GLY A 53 -15.26 -0.14 4.45
C GLY A 53 -14.16 -1.01 5.00
N SER A 54 -13.27 -1.49 4.13
CA SER A 54 -12.17 -2.35 4.53
C SER A 54 -11.40 -1.71 5.70
N ILE A 55 -10.89 -0.51 5.47
CA ILE A 55 -10.14 0.21 6.49
C ILE A 55 -11.06 1.06 7.36
N ASN A 56 -10.73 1.13 8.66
CA ASN A 56 -11.53 1.92 9.60
C ASN A 56 -10.64 2.85 10.41
N TYR A 57 -10.53 4.10 9.96
CA TYR A 57 -9.72 5.09 10.65
C TYR A 57 -10.03 5.11 12.14
N ASP A 58 -11.27 4.79 12.49
CA ASP A 58 -11.70 4.77 13.88
C ASP A 58 -10.75 3.94 14.73
N LEU A 59 -10.35 2.78 14.21
CA LEU A 59 -9.45 1.88 14.92
C LEU A 59 -8.00 2.29 14.68
N LEU A 60 -7.73 2.86 13.52
CA LEU A 60 -6.38 3.30 13.17
C LEU A 60 -5.91 4.40 14.10
N LYS A 61 -4.60 4.45 14.35
CA LYS A 61 -4.03 5.46 15.22
C LYS A 61 -3.77 6.76 14.46
N THR A 62 -2.81 6.73 13.55
CA THR A 62 -2.48 7.90 12.75
C THR A 62 -2.26 9.13 13.64
N GLU A 63 -1.64 8.91 14.79
CA GLU A 63 -1.36 10.00 15.73
C GLU A 63 -0.09 9.72 16.53
N ASN A 64 0.97 10.46 16.22
CA ASN A 64 2.25 10.29 16.90
C ASN A 64 2.52 8.82 17.21
N LEU A 65 2.43 7.98 16.17
CA LEU A 65 2.66 6.56 16.32
C LEU A 65 4.09 6.29 16.80
N ASN A 66 4.30 5.11 17.37
CA ASN A 66 5.62 4.72 17.87
C ASN A 66 5.91 3.26 17.57
N ASP A 67 7.15 2.84 17.79
CA ASP A 67 7.56 1.47 17.55
C ASP A 67 6.46 0.50 17.96
N ASP A 68 5.69 0.87 18.97
CA ASP A 68 4.60 0.03 19.46
C ASP A 68 3.39 0.14 18.56
N GLU A 69 2.74 1.30 18.58
CA GLU A 69 1.56 1.54 17.76
C GLU A 69 1.84 1.23 16.29
N LYS A 70 2.89 1.86 15.76
CA LYS A 70 3.27 1.66 14.36
C LYS A 70 3.08 0.20 13.95
N LEU A 71 3.55 -0.70 14.80
CA LEU A 71 3.44 -2.14 14.52
C LEU A 71 1.99 -2.53 14.30
N ASN A 72 1.16 -2.29 15.31
CA ASN A 72 -0.27 -2.62 15.23
C ASN A 72 -0.83 -2.25 13.85
N ASN A 73 -0.53 -1.05 13.40
CA ASN A 73 -1.01 -0.57 12.10
C ASN A 73 -0.42 -1.43 10.97
N ALA A 74 0.85 -1.75 11.07
CA ALA A 74 1.53 -2.56 10.07
C ALA A 74 0.87 -3.93 9.93
N LYS A 75 0.61 -4.58 11.06
CA LYS A 75 -0.02 -5.88 11.07
C LYS A 75 -1.41 -5.83 10.44
N TYR A 76 -2.13 -4.73 10.70
CA TYR A 76 -3.47 -4.56 10.16
C TYR A 76 -3.43 -4.35 8.64
N ALA A 77 -2.47 -3.55 8.19
CA ALA A 77 -2.32 -3.27 6.77
C ALA A 77 -2.17 -4.56 5.97
N ILE A 78 -1.06 -5.26 6.19
CA ILE A 78 -0.79 -6.51 5.50
C ILE A 78 -1.98 -7.46 5.59
N SER A 79 -2.60 -7.50 6.76
CA SER A 79 -3.75 -8.36 6.97
C SER A 79 -4.91 -7.96 6.07
N MET A 80 -5.19 -6.66 6.01
CA MET A 80 -6.27 -6.14 5.19
C MET A 80 -6.18 -6.70 3.77
N ALA A 81 -5.02 -6.55 3.15
CA ALA A 81 -4.80 -7.04 1.79
C ALA A 81 -5.46 -8.39 1.59
N ARG A 82 -5.17 -9.33 2.48
CA ARG A 82 -5.73 -10.67 2.39
C ARG A 82 -7.24 -10.65 2.65
N LYS A 83 -7.64 -9.97 3.72
CA LYS A 83 -9.05 -9.87 4.08
C LYS A 83 -9.90 -9.56 2.85
N ILE A 84 -9.48 -8.56 2.09
CA ILE A 84 -10.20 -8.15 0.88
C ILE A 84 -9.92 -9.12 -0.27
N GLY A 85 -8.76 -9.78 -0.22
CA GLY A 85 -8.40 -10.71 -1.26
C GLY A 85 -6.94 -10.60 -1.66
N ALA A 86 -6.55 -9.42 -2.12
CA ALA A 86 -5.16 -9.18 -2.54
C ALA A 86 -4.19 -9.77 -1.54
N ARG A 87 -3.58 -10.91 -1.90
CA ARG A 87 -2.61 -11.57 -1.03
C ARG A 87 -1.27 -10.87 -1.07
N VAL A 88 -0.53 -10.94 0.03
CA VAL A 88 0.78 -10.31 0.12
C VAL A 88 1.72 -11.11 1.03
N TYR A 89 2.98 -11.19 0.64
CA TYR A 89 3.97 -11.93 1.42
C TYR A 89 5.02 -10.98 2.00
N ALA A 90 4.90 -10.72 3.30
CA ALA A 90 5.83 -9.83 3.98
C ALA A 90 5.61 -9.84 5.49
N LEU A 91 6.41 -9.07 6.21
CA LEU A 91 6.29 -8.99 7.67
C LEU A 91 6.05 -7.56 8.13
N PRO A 92 5.14 -7.39 9.08
CA PRO A 92 4.79 -6.07 9.63
C PRO A 92 5.92 -5.48 10.47
N GLU A 93 6.48 -6.30 11.35
CA GLU A 93 7.56 -5.85 12.22
C GLU A 93 8.60 -5.06 11.44
N ASP A 94 8.72 -5.37 10.15
CA ASP A 94 9.66 -4.68 9.28
C ASP A 94 9.03 -3.46 8.63
N LEU A 95 7.75 -3.57 8.32
CA LEU A 95 7.02 -2.47 7.69
C LEU A 95 7.18 -1.18 8.49
N VAL A 96 7.13 -1.31 9.81
CA VAL A 96 7.28 -0.15 10.70
C VAL A 96 8.58 0.61 10.40
N GLU A 97 9.53 -0.09 9.80
CA GLU A 97 10.82 0.51 9.47
C GLU A 97 10.94 0.72 7.97
N VAL A 98 9.81 0.84 7.29
CA VAL A 98 9.79 1.04 5.85
C VAL A 98 10.83 0.16 5.16
N ASN A 99 10.77 -1.14 5.43
CA ASN A 99 11.71 -2.09 4.85
C ASN A 99 11.38 -2.34 3.37
N PRO A 100 12.30 -1.97 2.48
CA PRO A 100 12.12 -2.15 1.04
C PRO A 100 12.17 -3.61 0.62
N LYS A 101 12.44 -4.49 1.60
CA LYS A 101 12.51 -5.92 1.33
C LYS A 101 11.12 -6.54 1.29
N MET A 102 10.23 -6.04 2.13
CA MET A 102 8.86 -6.54 2.19
C MET A 102 7.94 -5.74 1.28
N VAL A 103 8.12 -4.41 1.30
CA VAL A 103 7.30 -3.53 0.48
C VAL A 103 7.26 -4.00 -0.97
N MET A 104 8.22 -4.84 -1.34
CA MET A 104 8.29 -5.38 -2.70
C MET A 104 6.95 -5.97 -3.11
N THR A 105 6.33 -6.70 -2.21
CA THR A 105 5.04 -7.34 -2.48
C THR A 105 3.88 -6.46 -1.99
N VAL A 106 4.04 -5.91 -0.79
CA VAL A 106 3.01 -5.05 -0.21
C VAL A 106 2.36 -4.17 -1.27
N PHE A 107 3.19 -3.44 -2.00
CA PHE A 107 2.70 -2.55 -3.06
C PHE A 107 2.44 -3.32 -4.35
N ALA A 108 3.47 -4.02 -4.82
CA ALA A 108 3.37 -4.80 -6.04
C ALA A 108 2.00 -5.48 -6.15
N CYS A 109 1.70 -6.32 -5.16
CA CYS A 109 0.43 -7.04 -5.13
C CYS A 109 -0.74 -6.08 -5.37
N LEU A 110 -0.66 -4.90 -4.77
CA LEU A 110 -1.71 -3.91 -4.92
C LEU A 110 -1.67 -3.26 -6.30
N MET A 111 -0.61 -2.49 -6.55
CA MET A 111 -0.45 -1.83 -7.84
C MET A 111 -0.68 -2.80 -8.99
N GLY A 112 -0.59 -4.09 -8.69
CA GLY A 112 -0.78 -5.11 -9.72
C GLY A 112 -2.02 -4.84 -10.55
N LYS A 113 -2.95 -4.06 -10.02
CA LYS A 113 -4.18 -3.73 -10.73
C LYS A 113 -3.88 -2.91 -11.98
N GLY A 114 -2.93 -1.98 -11.87
CA GLY A 114 -2.57 -1.15 -12.99
C GLY A 114 -2.63 -1.89 -14.32
N MET A 115 -3.64 -1.56 -15.13
CA MET A 115 -3.82 -2.21 -16.42
C MET A 115 -2.61 -1.97 -17.31
N LYS A 116 -1.58 -2.81 -17.15
CA LYS A 116 -0.37 -2.70 -17.95
C LYS A 116 -0.03 -4.03 -18.61
N ARG A 117 0.60 -3.96 -19.77
CA ARG A 117 0.99 -5.16 -20.51
C ARG A 117 2.39 -5.03 -21.06
N VAL A 118 2.99 -6.16 -21.44
CA VAL A 118 4.34 -6.17 -21.98
C VAL A 118 4.44 -7.08 -23.21
N SER A 119 4.59 -6.47 -24.37
CA SER A 119 4.69 -7.21 -25.62
C SER A 119 5.74 -8.31 -25.52
N GLY A 120 5.51 -9.41 -26.21
CA GLY A 120 6.44 -10.52 -26.19
C GLY A 120 6.39 -11.36 -27.45
N PRO A 121 7.56 -11.89 -27.86
CA PRO A 121 7.66 -12.72 -29.06
C PRO A 121 6.99 -14.08 -28.90
N SER A 122 6.38 -14.29 -27.73
CA SER A 122 5.71 -15.54 -27.44
C SER A 122 4.91 -16.03 -28.66
N SER A 123 4.06 -15.16 -29.19
CA SER A 123 3.25 -15.50 -30.35
C SER A 123 3.71 -14.73 -31.58
N GLY A 124 4.30 -15.45 -32.53
CA GLY A 124 4.79 -14.83 -33.75
C GLY A 124 6.22 -14.37 -33.63
N GLY A 1 8.06 6.60 -19.44
CA GLY A 1 8.59 6.32 -18.12
C GLY A 1 9.51 5.10 -18.11
N SER A 2 9.43 4.31 -17.05
CA SER A 2 10.24 3.11 -16.92
C SER A 2 11.71 3.48 -16.79
N SER A 3 11.99 4.55 -16.05
CA SER A 3 13.36 5.01 -15.84
C SER A 3 14.26 3.86 -15.40
N GLY A 4 15.01 3.30 -16.34
CA GLY A 4 15.90 2.20 -16.02
C GLY A 4 15.17 1.03 -15.40
N SER A 5 13.95 0.77 -15.86
CA SER A 5 13.14 -0.32 -15.33
C SER A 5 12.86 -1.36 -16.41
N SER A 6 12.61 -2.59 -15.99
CA SER A 6 12.33 -3.68 -16.92
C SER A 6 10.84 -3.74 -17.25
N GLY A 7 10.01 -3.66 -16.20
CA GLY A 7 8.58 -3.72 -16.40
C GLY A 7 7.84 -2.66 -15.61
N ASN A 8 6.80 -3.07 -14.90
CA ASN A 8 6.01 -2.14 -14.09
C ASN A 8 6.53 -2.08 -12.66
N ASP A 9 7.79 -1.69 -12.51
CA ASP A 9 8.42 -1.59 -11.19
C ASP A 9 8.33 -0.16 -10.66
N ASP A 10 8.47 0.81 -11.56
CA ASP A 10 8.43 2.21 -11.19
C ASP A 10 6.98 2.67 -11.03
N ILE A 11 6.12 2.23 -11.92
CA ILE A 11 4.71 2.60 -11.89
C ILE A 11 4.09 2.26 -10.54
N ILE A 12 4.75 1.36 -9.80
CA ILE A 12 4.25 0.96 -8.49
C ILE A 12 3.88 2.16 -7.63
N VAL A 13 4.69 3.22 -7.74
CA VAL A 13 4.44 4.44 -6.98
C VAL A 13 3.40 5.30 -7.65
N ASN A 14 3.61 5.59 -8.94
CA ASN A 14 2.69 6.42 -9.71
C ASN A 14 1.25 5.94 -9.52
N TRP A 15 1.07 4.62 -9.49
CA TRP A 15 -0.26 4.04 -9.31
C TRP A 15 -0.86 4.46 -7.98
N VAL A 16 -0.14 4.23 -6.89
CA VAL A 16 -0.60 4.59 -5.56
C VAL A 16 -1.09 6.04 -5.52
N ASN A 17 -0.20 6.96 -5.88
CA ASN A 17 -0.53 8.38 -5.89
C ASN A 17 -1.92 8.61 -6.48
N GLU A 18 -2.14 8.11 -7.70
CA GLU A 18 -3.41 8.26 -8.37
C GLU A 18 -4.53 7.63 -7.56
N THR A 19 -4.36 6.36 -7.20
CA THR A 19 -5.36 5.64 -6.43
C THR A 19 -5.82 6.46 -5.23
N LEU A 20 -4.90 7.22 -4.65
CA LEU A 20 -5.22 8.06 -3.49
C LEU A 20 -5.85 9.37 -3.93
N ARG A 21 -5.32 9.95 -5.00
CA ARG A 21 -5.83 11.22 -5.53
C ARG A 21 -7.30 11.09 -5.93
N GLU A 22 -7.58 10.09 -6.75
CA GLU A 22 -8.93 9.85 -7.23
C GLU A 22 -9.90 9.69 -6.06
N ALA A 23 -9.40 9.12 -4.96
CA ALA A 23 -10.21 8.90 -3.77
C ALA A 23 -10.19 10.14 -2.87
N GLU A 24 -9.29 11.07 -3.17
CA GLU A 24 -9.17 12.29 -2.38
C GLU A 24 -8.55 12.00 -1.02
N LYS A 25 -7.47 11.24 -1.02
CA LYS A 25 -6.78 10.89 0.22
C LYS A 25 -5.70 11.91 0.56
N SER A 26 -5.50 12.15 1.84
CA SER A 26 -4.50 13.12 2.30
C SER A 26 -3.14 12.45 2.49
N SER A 27 -3.03 11.20 2.02
CA SER A 27 -1.80 10.45 2.14
C SER A 27 -1.04 10.42 0.81
N SER A 28 0.20 9.97 0.85
CA SER A 28 1.03 9.89 -0.35
C SER A 28 2.37 9.24 -0.04
N ILE A 29 3.11 8.89 -1.09
CA ILE A 29 4.42 8.26 -0.94
C ILE A 29 5.40 8.78 -1.98
N SER A 30 6.58 9.20 -1.51
CA SER A 30 7.61 9.71 -2.41
C SER A 30 8.35 8.57 -3.10
N SER A 31 8.59 7.50 -2.36
CA SER A 31 9.30 6.33 -2.89
C SER A 31 9.34 5.21 -1.88
N PHE A 32 9.72 4.02 -2.33
CA PHE A 32 9.79 2.85 -1.46
C PHE A 32 10.47 3.20 -0.14
N LYS A 33 11.31 4.22 -0.16
CA LYS A 33 12.02 4.66 1.04
C LYS A 33 11.37 5.91 1.63
N ASP A 34 10.04 5.93 1.63
CA ASP A 34 9.29 7.06 2.17
C ASP A 34 9.06 6.89 3.66
N PRO A 35 9.17 7.99 4.41
CA PRO A 35 8.97 8.00 5.86
C PRO A 35 7.51 7.76 6.25
N LYS A 36 6.61 8.45 5.56
CA LYS A 36 5.19 8.32 5.82
C LYS A 36 4.78 6.86 5.92
N ILE A 37 5.33 6.04 5.04
CA ILE A 37 5.02 4.62 5.02
C ILE A 37 5.18 4.00 6.41
N SER A 38 6.09 4.56 7.19
CA SER A 38 6.34 4.07 8.54
C SER A 38 5.04 3.94 9.32
N THR A 39 4.13 4.88 9.10
CA THR A 39 2.84 4.87 9.78
C THR A 39 1.81 4.02 9.03
N SER A 40 2.17 3.64 7.80
CA SER A 40 1.28 2.83 6.97
C SER A 40 0.08 3.64 6.51
N LEU A 41 0.27 4.95 6.38
CA LEU A 41 -0.81 5.84 5.95
C LEU A 41 -1.16 5.59 4.48
N PRO A 42 -0.14 5.64 3.61
CA PRO A 42 -0.31 5.42 2.18
C PRO A 42 -0.66 3.97 1.85
N VAL A 43 -0.23 3.05 2.71
CA VAL A 43 -0.51 1.63 2.52
C VAL A 43 -1.92 1.28 2.94
N LEU A 44 -2.42 1.95 3.97
CA LEU A 44 -3.77 1.71 4.47
C LEU A 44 -4.80 2.43 3.61
N ASP A 45 -4.58 3.72 3.39
CA ASP A 45 -5.49 4.52 2.59
C ASP A 45 -5.60 3.97 1.17
N LEU A 46 -4.50 3.44 0.66
CA LEU A 46 -4.47 2.88 -0.68
C LEU A 46 -5.43 1.70 -0.80
N ILE A 47 -5.39 0.80 0.19
CA ILE A 47 -6.26 -0.37 0.19
C ILE A 47 -7.73 0.04 0.24
N ASP A 48 -8.06 0.92 1.18
CA ASP A 48 -9.43 1.39 1.34
C ASP A 48 -9.94 2.00 0.05
N ALA A 49 -9.12 2.84 -0.58
CA ALA A 49 -9.49 3.48 -1.84
C ALA A 49 -10.22 2.51 -2.76
N ILE A 50 -9.73 1.28 -2.81
CA ILE A 50 -10.34 0.26 -3.66
C ILE A 50 -11.60 -0.32 -3.01
N GLN A 51 -11.44 -0.87 -1.81
CA GLN A 51 -12.57 -1.45 -1.09
C GLN A 51 -12.92 -0.61 0.13
N PRO A 52 -13.93 0.26 -0.02
CA PRO A 52 -14.40 1.14 1.05
C PRO A 52 -15.10 0.37 2.17
N GLY A 53 -14.58 0.51 3.39
CA GLY A 53 -15.17 -0.18 4.52
C GLY A 53 -14.17 -1.04 5.26
N SER A 54 -13.17 -1.54 4.54
CA SER A 54 -12.15 -2.39 5.14
C SER A 54 -11.40 -1.64 6.23
N ILE A 55 -10.72 -0.57 5.86
CA ILE A 55 -9.96 0.23 6.81
C ILE A 55 -10.88 1.15 7.61
N ASN A 56 -10.49 1.44 8.84
CA ASN A 56 -11.29 2.30 9.71
C ASN A 56 -10.39 3.19 10.57
N TYR A 57 -10.30 4.47 10.23
CA TYR A 57 -9.47 5.41 10.97
C TYR A 57 -9.76 5.32 12.47
N ASP A 58 -11.04 5.17 12.81
CA ASP A 58 -11.45 5.08 14.20
C ASP A 58 -10.55 4.12 14.98
N LEU A 59 -10.18 3.01 14.33
CA LEU A 59 -9.33 2.01 14.96
C LEU A 59 -7.85 2.37 14.79
N LEU A 60 -7.52 2.94 13.63
CA LEU A 60 -6.16 3.34 13.34
C LEU A 60 -5.66 4.39 14.34
N LYS A 61 -4.35 4.58 14.40
CA LYS A 61 -3.75 5.55 15.31
C LYS A 61 -3.32 6.80 14.55
N THR A 62 -2.43 6.63 13.58
CA THR A 62 -1.94 7.74 12.78
C THR A 62 -1.63 8.95 13.67
N GLU A 63 -1.33 8.69 14.93
CA GLU A 63 -1.03 9.76 15.87
C GLU A 63 0.19 9.40 16.72
N ASN A 64 1.26 10.20 16.59
CA ASN A 64 2.49 9.97 17.34
C ASN A 64 2.73 8.47 17.54
N LEU A 65 2.57 7.71 16.46
CA LEU A 65 2.78 6.26 16.51
C LEU A 65 4.16 5.93 17.05
N ASN A 66 4.38 4.66 17.37
CA ASN A 66 5.66 4.20 17.90
C ASN A 66 5.89 2.73 17.59
N ASP A 67 7.05 2.22 17.98
CA ASP A 67 7.39 0.82 17.74
C ASP A 67 6.22 -0.09 18.08
N ASP A 68 5.38 0.34 19.02
CA ASP A 68 4.22 -0.43 19.44
C ASP A 68 3.05 -0.19 18.51
N GLU A 69 2.52 1.03 18.51
CA GLU A 69 1.40 1.39 17.67
C GLU A 69 1.72 1.13 16.19
N LYS A 70 2.82 1.69 15.72
CA LYS A 70 3.23 1.53 14.34
C LYS A 70 3.02 0.09 13.87
N LEU A 71 3.51 -0.86 14.68
CA LEU A 71 3.39 -2.27 14.35
C LEU A 71 1.93 -2.64 14.06
N ASN A 72 1.07 -2.48 15.07
CA ASN A 72 -0.34 -2.78 14.92
C ASN A 72 -0.88 -2.29 13.58
N ASN A 73 -0.46 -1.08 13.19
CA ASN A 73 -0.89 -0.50 11.93
C ASN A 73 -0.38 -1.32 10.75
N ALA A 74 0.89 -1.71 10.81
CA ALA A 74 1.49 -2.51 9.75
C ALA A 74 0.79 -3.85 9.59
N LYS A 75 0.61 -4.54 10.71
CA LYS A 75 -0.05 -5.84 10.70
C LYS A 75 -1.49 -5.72 10.21
N TYR A 76 -2.09 -4.55 10.44
CA TYR A 76 -3.47 -4.30 10.02
C TYR A 76 -3.57 -4.22 8.50
N ALA A 77 -2.68 -3.43 7.90
CA ALA A 77 -2.68 -3.26 6.45
C ALA A 77 -2.45 -4.59 5.75
N ILE A 78 -1.41 -5.31 6.16
CA ILE A 78 -1.09 -6.60 5.56
C ILE A 78 -2.24 -7.58 5.74
N SER A 79 -2.86 -7.56 6.92
CA SER A 79 -3.97 -8.45 7.22
C SER A 79 -5.15 -8.18 6.29
N MET A 80 -5.50 -6.90 6.14
CA MET A 80 -6.61 -6.51 5.28
C MET A 80 -6.43 -7.05 3.87
N ALA A 81 -5.20 -6.97 3.36
CA ALA A 81 -4.89 -7.44 2.02
C ALA A 81 -5.50 -8.81 1.78
N ARG A 82 -5.28 -9.73 2.70
CA ARG A 82 -5.81 -11.09 2.58
C ARG A 82 -7.33 -11.08 2.70
N LYS A 83 -7.85 -10.26 3.61
CA LYS A 83 -9.29 -10.15 3.82
C LYS A 83 -10.01 -9.80 2.52
N ILE A 84 -9.49 -8.80 1.81
CA ILE A 84 -10.08 -8.37 0.55
C ILE A 84 -9.74 -9.33 -0.58
N GLY A 85 -8.74 -10.19 -0.34
CA GLY A 85 -8.34 -11.15 -1.33
C GLY A 85 -6.85 -11.16 -1.57
N ALA A 86 -6.35 -10.17 -2.30
CA ALA A 86 -4.92 -10.07 -2.60
C ALA A 86 -4.09 -10.51 -1.39
N ARG A 87 -3.21 -11.49 -1.62
CA ARG A 87 -2.36 -12.00 -0.56
C ARG A 87 -0.93 -11.46 -0.70
N VAL A 88 -0.47 -10.78 0.35
CA VAL A 88 0.88 -10.22 0.35
C VAL A 88 1.83 -11.05 1.19
N TYR A 89 2.97 -11.40 0.61
CA TYR A 89 3.97 -12.19 1.31
C TYR A 89 5.03 -11.31 1.96
N ALA A 90 4.57 -10.29 2.69
CA ALA A 90 5.48 -9.37 3.36
C ALA A 90 5.31 -9.44 4.88
N LEU A 91 6.28 -8.90 5.61
CA LEU A 91 6.24 -8.90 7.06
C LEU A 91 6.03 -7.48 7.60
N PRO A 92 5.07 -7.33 8.51
CA PRO A 92 4.75 -6.03 9.12
C PRO A 92 5.85 -5.56 10.06
N GLU A 93 6.34 -6.47 10.91
CA GLU A 93 7.38 -6.14 11.86
C GLU A 93 8.49 -5.33 11.20
N ASP A 94 8.59 -5.43 9.88
CA ASP A 94 9.60 -4.70 9.12
C ASP A 94 9.02 -3.39 8.58
N LEU A 95 7.77 -3.43 8.13
CA LEU A 95 7.11 -2.25 7.60
C LEU A 95 7.25 -1.07 8.54
N VAL A 96 7.11 -1.34 9.85
CA VAL A 96 7.23 -0.30 10.85
C VAL A 96 8.42 0.61 10.59
N GLU A 97 9.50 0.02 10.09
CA GLU A 97 10.72 0.77 9.79
C GLU A 97 10.87 0.98 8.28
N VAL A 98 9.75 1.16 7.59
CA VAL A 98 9.76 1.37 6.16
C VAL A 98 10.77 0.47 5.47
N ASN A 99 10.66 -0.84 5.72
CA ASN A 99 11.58 -1.81 5.13
C ASN A 99 11.18 -2.13 3.69
N PRO A 100 12.02 -1.69 2.74
CA PRO A 100 11.78 -1.91 1.31
C PRO A 100 11.93 -3.38 0.92
N LYS A 101 12.34 -4.20 1.88
CA LYS A 101 12.52 -5.63 1.63
C LYS A 101 11.18 -6.35 1.57
N MET A 102 10.27 -5.96 2.46
CA MET A 102 8.95 -6.57 2.50
C MET A 102 7.96 -5.80 1.62
N VAL A 103 8.03 -4.47 1.70
CA VAL A 103 7.14 -3.61 0.92
C VAL A 103 6.99 -4.13 -0.50
N MET A 104 8.05 -4.76 -1.01
CA MET A 104 8.03 -5.30 -2.36
C MET A 104 6.64 -5.81 -2.73
N THR A 105 6.08 -6.67 -1.89
CA THR A 105 4.76 -7.23 -2.12
C THR A 105 3.67 -6.26 -1.69
N VAL A 106 3.89 -5.60 -0.56
CA VAL A 106 2.92 -4.63 -0.03
C VAL A 106 2.28 -3.85 -1.16
N PHE A 107 3.10 -3.31 -2.06
CA PHE A 107 2.59 -2.54 -3.18
C PHE A 107 2.37 -3.42 -4.41
N ALA A 108 3.42 -4.13 -4.81
CA ALA A 108 3.34 -5.01 -5.96
C ALA A 108 1.99 -5.71 -6.03
N CYS A 109 1.59 -6.34 -4.93
CA CYS A 109 0.33 -7.04 -4.86
C CYS A 109 -0.84 -6.10 -5.18
N LEU A 110 -0.72 -4.85 -4.73
CA LEU A 110 -1.76 -3.86 -4.96
C LEU A 110 -1.62 -3.23 -6.34
N MET A 111 -0.54 -2.50 -6.55
CA MET A 111 -0.28 -1.85 -7.82
C MET A 111 -0.49 -2.83 -8.98
N GLY A 112 -0.44 -4.12 -8.68
CA GLY A 112 -0.64 -5.13 -9.69
C GLY A 112 -1.77 -4.79 -10.64
N LYS A 113 -2.82 -4.18 -10.11
CA LYS A 113 -3.97 -3.81 -10.92
C LYS A 113 -3.55 -2.96 -12.11
N GLY A 114 -2.59 -2.07 -11.89
CA GLY A 114 -2.11 -1.21 -12.96
C GLY A 114 -1.19 -1.94 -13.92
N MET A 115 -1.61 -3.13 -14.34
CA MET A 115 -0.83 -3.94 -15.27
C MET A 115 -1.40 -3.85 -16.68
N LYS A 116 -0.77 -4.56 -17.61
CA LYS A 116 -1.22 -4.57 -19.01
C LYS A 116 -1.12 -3.17 -19.61
N ARG A 117 0.00 -2.50 -19.38
CA ARG A 117 0.22 -1.16 -19.91
C ARG A 117 0.23 -1.17 -21.44
N VAL A 118 0.46 -0.01 -22.03
CA VAL A 118 0.50 0.12 -23.49
C VAL A 118 1.55 -0.81 -24.09
N SER A 119 2.75 -0.78 -23.52
CA SER A 119 3.85 -1.61 -24.01
C SER A 119 4.79 -1.98 -22.87
N GLY A 120 5.67 -2.95 -23.13
CA GLY A 120 6.62 -3.37 -22.12
C GLY A 120 7.74 -4.20 -22.71
N PRO A 121 8.31 -5.10 -21.87
CA PRO A 121 9.40 -5.99 -22.28
C PRO A 121 8.94 -7.05 -23.28
N SER A 122 7.65 -7.05 -23.59
CA SER A 122 7.08 -8.02 -24.52
C SER A 122 7.39 -7.62 -25.97
N SER A 123 7.75 -8.61 -26.77
CA SER A 123 8.07 -8.38 -28.17
C SER A 123 6.89 -7.77 -28.92
N GLY A 124 5.74 -8.43 -28.80
CA GLY A 124 4.54 -7.94 -29.47
C GLY A 124 3.71 -9.06 -30.06
N GLY A 1 4.98 11.20 -9.89
CA GLY A 1 5.25 11.98 -11.09
C GLY A 1 6.61 11.67 -11.69
N SER A 2 6.70 10.59 -12.45
CA SER A 2 7.95 10.19 -13.07
C SER A 2 7.70 9.45 -14.37
N SER A 3 8.57 9.68 -15.36
CA SER A 3 8.44 9.03 -16.66
C SER A 3 8.71 7.54 -16.56
N GLY A 4 8.08 6.77 -17.44
CA GLY A 4 8.26 5.32 -17.43
C GLY A 4 7.12 4.60 -18.11
N SER A 5 7.15 4.56 -19.44
CA SER A 5 6.11 3.89 -20.21
C SER A 5 6.03 2.42 -19.84
N SER A 6 7.14 1.71 -20.00
CA SER A 6 7.19 0.28 -19.68
C SER A 6 7.75 0.06 -18.28
N GLY A 7 7.35 0.92 -17.34
CA GLY A 7 7.82 0.80 -15.98
C GLY A 7 6.77 0.20 -15.06
N ASN A 8 6.65 -1.12 -15.10
CA ASN A 8 5.68 -1.83 -14.27
C ASN A 8 6.03 -1.69 -12.79
N ASP A 9 7.32 -1.69 -12.48
CA ASP A 9 7.79 -1.56 -11.12
C ASP A 9 7.94 -0.09 -10.73
N ASP A 10 8.05 0.77 -11.74
CA ASP A 10 8.20 2.19 -11.50
C ASP A 10 6.85 2.85 -11.20
N ILE A 11 5.82 2.40 -11.90
CA ILE A 11 4.48 2.94 -11.70
C ILE A 11 3.96 2.62 -10.31
N ILE A 12 4.66 1.74 -9.61
CA ILE A 12 4.26 1.35 -8.26
C ILE A 12 4.03 2.57 -7.38
N VAL A 13 4.83 3.61 -7.60
CA VAL A 13 4.71 4.85 -6.83
C VAL A 13 3.61 5.73 -7.39
N ASN A 14 3.58 5.89 -8.71
CA ASN A 14 2.57 6.71 -9.36
C ASN A 14 1.17 6.22 -9.03
N TRP A 15 0.91 4.94 -9.30
CA TRP A 15 -0.38 4.34 -9.02
C TRP A 15 -0.89 4.73 -7.64
N VAL A 16 -0.15 4.30 -6.61
CA VAL A 16 -0.51 4.61 -5.24
C VAL A 16 -0.92 6.07 -5.08
N ASN A 17 -0.08 6.97 -5.59
CA ASN A 17 -0.34 8.40 -5.51
C ASN A 17 -1.71 8.73 -6.10
N GLU A 18 -1.90 8.39 -7.38
CA GLU A 18 -3.17 8.65 -8.05
C GLU A 18 -4.34 8.06 -7.27
N THR A 19 -4.29 6.75 -7.04
CA THR A 19 -5.35 6.07 -6.31
C THR A 19 -5.80 6.89 -5.11
N LEU A 20 -4.85 7.55 -4.45
CA LEU A 20 -5.15 8.37 -3.28
C LEU A 20 -5.76 9.70 -3.70
N ARG A 21 -5.18 10.32 -4.72
CA ARG A 21 -5.65 11.61 -5.21
C ARG A 21 -7.09 11.49 -5.72
N GLU A 22 -7.30 10.60 -6.68
CA GLU A 22 -8.62 10.38 -7.25
C GLU A 22 -9.66 10.17 -6.15
N ALA A 23 -9.21 9.68 -5.00
CA ALA A 23 -10.09 9.43 -3.87
C ALA A 23 -10.11 10.62 -2.91
N GLU A 24 -9.11 11.49 -3.04
CA GLU A 24 -9.01 12.66 -2.18
C GLU A 24 -8.54 12.28 -0.79
N LYS A 25 -7.57 11.37 -0.73
CA LYS A 25 -7.03 10.92 0.55
C LYS A 25 -5.91 11.83 1.02
N SER A 26 -5.61 11.78 2.31
CA SER A 26 -4.55 12.62 2.89
C SER A 26 -3.25 11.83 3.00
N SER A 27 -3.20 10.68 2.33
CA SER A 27 -2.01 9.83 2.36
C SER A 27 -1.33 9.80 0.99
N SER A 28 -0.02 9.66 0.99
CA SER A 28 0.76 9.62 -0.24
C SER A 28 2.22 9.31 0.04
N ILE A 29 2.92 8.80 -0.98
CA ILE A 29 4.33 8.47 -0.85
C ILE A 29 5.16 9.14 -1.92
N SER A 30 6.45 9.31 -1.66
CA SER A 30 7.36 9.94 -2.61
C SER A 30 8.23 8.89 -3.31
N SER A 31 8.53 7.82 -2.58
CA SER A 31 9.37 6.76 -3.13
C SER A 31 9.30 5.50 -2.25
N PHE A 32 9.71 4.37 -2.81
CA PHE A 32 9.69 3.11 -2.07
C PHE A 32 10.22 3.31 -0.65
N LYS A 33 11.12 4.27 -0.49
CA LYS A 33 11.70 4.55 0.82
C LYS A 33 11.03 5.77 1.46
N ASP A 34 9.71 5.82 1.37
CA ASP A 34 8.94 6.93 1.94
C ASP A 34 8.80 6.76 3.45
N PRO A 35 8.96 7.87 4.18
CA PRO A 35 8.85 7.88 5.65
C PRO A 35 7.42 7.64 6.13
N LYS A 36 6.47 8.31 5.49
CA LYS A 36 5.06 8.18 5.85
C LYS A 36 4.66 6.71 5.95
N ILE A 37 5.32 5.87 5.16
CA ILE A 37 5.04 4.44 5.17
C ILE A 37 5.15 3.86 6.58
N SER A 38 6.04 4.44 7.38
CA SER A 38 6.24 3.98 8.75
C SER A 38 4.92 3.97 9.52
N THR A 39 3.98 4.80 9.07
CA THR A 39 2.67 4.89 9.72
C THR A 39 1.64 4.08 8.96
N SER A 40 2.00 3.59 7.78
CA SER A 40 1.10 2.80 6.96
C SER A 40 -0.03 3.67 6.42
N LEU A 41 0.24 4.96 6.27
CA LEU A 41 -0.76 5.89 5.76
C LEU A 41 -1.07 5.62 4.29
N PRO A 42 -0.01 5.57 3.47
CA PRO A 42 -0.13 5.32 2.03
C PRO A 42 -0.56 3.88 1.73
N VAL A 43 -0.13 2.95 2.59
CA VAL A 43 -0.47 1.55 2.41
C VAL A 43 -1.93 1.28 2.77
N LEU A 44 -2.38 1.89 3.87
CA LEU A 44 -3.74 1.71 4.32
C LEU A 44 -4.72 2.47 3.43
N ASP A 45 -4.51 3.78 3.32
CA ASP A 45 -5.37 4.63 2.49
C ASP A 45 -5.46 4.08 1.07
N LEU A 46 -4.35 3.54 0.57
CA LEU A 46 -4.31 2.98 -0.77
C LEU A 46 -5.29 1.83 -0.91
N ILE A 47 -5.33 0.97 0.10
CA ILE A 47 -6.23 -0.18 0.09
C ILE A 47 -7.69 0.26 0.14
N ASP A 48 -7.99 1.15 1.08
CA ASP A 48 -9.36 1.66 1.23
C ASP A 48 -9.84 2.31 -0.05
N ALA A 49 -9.02 3.19 -0.61
CA ALA A 49 -9.36 3.89 -1.85
C ALA A 49 -10.10 2.96 -2.80
N ILE A 50 -9.60 1.74 -2.94
CA ILE A 50 -10.21 0.75 -3.83
C ILE A 50 -11.46 0.14 -3.20
N GLN A 51 -11.29 -0.40 -2.00
CA GLN A 51 -12.41 -1.03 -1.30
C GLN A 51 -12.83 -0.18 -0.10
N PRO A 52 -13.92 0.58 -0.27
CA PRO A 52 -14.45 1.45 0.79
C PRO A 52 -15.06 0.66 1.94
N GLY A 53 -14.48 0.80 3.13
CA GLY A 53 -14.98 0.08 4.29
C GLY A 53 -13.93 -0.81 4.92
N SER A 54 -13.05 -1.35 4.09
CA SER A 54 -11.99 -2.23 4.57
C SER A 54 -11.25 -1.61 5.75
N ILE A 55 -10.68 -0.43 5.53
CA ILE A 55 -9.94 0.26 6.58
C ILE A 55 -10.88 1.11 7.43
N ASN A 56 -10.61 1.15 8.73
CA ASN A 56 -11.43 1.91 9.66
C ASN A 56 -10.57 2.87 10.50
N TYR A 57 -10.52 4.13 10.08
CA TYR A 57 -9.72 5.13 10.79
C TYR A 57 -9.97 5.05 12.30
N ASP A 58 -11.23 4.89 12.67
CA ASP A 58 -11.60 4.80 14.08
C ASP A 58 -10.59 3.94 14.85
N LEU A 59 -10.26 2.79 14.30
CA LEU A 59 -9.31 1.89 14.93
C LEU A 59 -7.86 2.32 14.67
N LEU A 60 -7.64 2.92 13.50
CA LEU A 60 -6.31 3.39 13.13
C LEU A 60 -5.84 4.49 14.07
N LYS A 61 -4.52 4.57 14.27
CA LYS A 61 -3.94 5.57 15.15
C LYS A 61 -3.73 6.89 14.41
N THR A 62 -2.82 6.87 13.44
CA THR A 62 -2.53 8.06 12.65
C THR A 62 -2.21 9.25 13.55
N GLU A 63 -1.51 8.99 14.64
CA GLU A 63 -1.15 10.04 15.59
C GLU A 63 0.20 9.74 16.24
N ASN A 64 1.23 10.48 15.85
CA ASN A 64 2.57 10.29 16.39
C ASN A 64 2.85 8.81 16.63
N LEU A 65 2.53 7.98 15.65
CA LEU A 65 2.76 6.55 15.75
C LEU A 65 4.20 6.26 16.14
N ASN A 66 4.42 5.08 16.71
CA ASN A 66 5.75 4.67 17.15
C ASN A 66 5.96 3.18 16.90
N ASP A 67 7.21 2.73 17.05
CA ASP A 67 7.54 1.32 16.85
C ASP A 67 6.46 0.42 17.43
N ASP A 68 5.76 0.91 18.45
CA ASP A 68 4.70 0.15 19.09
C ASP A 68 3.43 0.20 18.25
N GLU A 69 2.87 1.39 18.10
CA GLU A 69 1.65 1.57 17.33
C GLU A 69 1.85 1.15 15.87
N LYS A 70 2.86 1.74 15.22
CA LYS A 70 3.16 1.42 13.83
C LYS A 70 2.95 -0.05 13.56
N LEU A 71 3.36 -0.89 14.50
CA LEU A 71 3.22 -2.34 14.36
C LEU A 71 1.76 -2.73 14.21
N ASN A 72 0.94 -2.35 15.19
CA ASN A 72 -0.48 -2.67 15.16
C ASN A 72 -1.10 -2.29 13.81
N ASN A 73 -0.61 -1.20 13.24
CA ASN A 73 -1.11 -0.73 11.94
C ASN A 73 -0.53 -1.55 10.80
N ALA A 74 0.70 -2.03 11.00
CA ALA A 74 1.37 -2.83 9.98
C ALA A 74 0.75 -4.22 9.88
N LYS A 75 0.40 -4.79 11.03
CA LYS A 75 -0.21 -6.11 11.06
C LYS A 75 -1.60 -6.09 10.43
N TYR A 76 -2.33 -5.00 10.63
CA TYR A 76 -3.67 -4.85 10.09
C TYR A 76 -3.62 -4.60 8.59
N ALA A 77 -2.82 -3.63 8.18
CA ALA A 77 -2.68 -3.28 6.77
C ALA A 77 -2.37 -4.53 5.94
N ILE A 78 -1.27 -5.18 6.25
CA ILE A 78 -0.86 -6.38 5.54
C ILE A 78 -1.99 -7.41 5.48
N SER A 79 -2.72 -7.52 6.59
CA SER A 79 -3.83 -8.46 6.67
C SER A 79 -4.98 -8.03 5.76
N MET A 80 -5.25 -6.73 5.73
CA MET A 80 -6.32 -6.19 4.90
C MET A 80 -6.19 -6.68 3.47
N ALA A 81 -5.04 -6.41 2.85
CA ALA A 81 -4.79 -6.83 1.47
C ALA A 81 -5.34 -8.23 1.22
N ARG A 82 -4.88 -9.20 2.00
CA ARG A 82 -5.32 -10.58 1.85
C ARG A 82 -6.82 -10.70 2.12
N LYS A 83 -7.28 -10.04 3.18
CA LYS A 83 -8.69 -10.08 3.55
C LYS A 83 -9.57 -9.72 2.35
N ILE A 84 -9.26 -8.60 1.70
CA ILE A 84 -10.02 -8.16 0.54
C ILE A 84 -9.72 -9.01 -0.68
N GLY A 85 -8.49 -9.51 -0.75
CA GLY A 85 -8.09 -10.34 -1.87
C GLY A 85 -6.74 -9.94 -2.45
N ALA A 86 -5.69 -10.66 -2.06
CA ALA A 86 -4.35 -10.38 -2.53
C ALA A 86 -3.37 -11.44 -2.06
N ARG A 87 -2.16 -11.42 -2.62
CA ARG A 87 -1.13 -12.38 -2.26
C ARG A 87 0.14 -11.67 -1.78
N VAL A 88 0.19 -11.38 -0.48
CA VAL A 88 1.34 -10.70 0.11
C VAL A 88 2.05 -11.60 1.11
N TYR A 89 3.38 -11.60 1.06
CA TYR A 89 4.17 -12.42 1.95
C TYR A 89 5.30 -11.61 2.58
N ALA A 90 4.99 -10.91 3.67
CA ALA A 90 5.97 -10.10 4.36
C ALA A 90 5.72 -10.08 5.87
N LEU A 91 6.51 -9.30 6.58
CA LEU A 91 6.37 -9.19 8.04
C LEU A 91 6.09 -7.76 8.46
N PRO A 92 5.12 -7.59 9.37
CA PRO A 92 4.72 -6.27 9.87
C PRO A 92 5.80 -5.65 10.77
N GLU A 93 6.70 -6.49 11.25
CA GLU A 93 7.78 -6.03 12.12
C GLU A 93 8.83 -5.27 11.32
N ASP A 94 8.85 -5.49 10.01
CA ASP A 94 9.81 -4.82 9.14
C ASP A 94 9.20 -3.57 8.53
N LEU A 95 7.91 -3.62 8.23
CA LEU A 95 7.21 -2.49 7.64
C LEU A 95 7.29 -1.27 8.56
N VAL A 96 7.22 -1.50 9.86
CA VAL A 96 7.29 -0.43 10.84
C VAL A 96 8.56 0.40 10.66
N GLU A 97 9.61 -0.24 10.16
CA GLU A 97 10.89 0.44 9.94
C GLU A 97 11.06 0.80 8.46
N VAL A 98 9.95 0.96 7.76
CA VAL A 98 9.98 1.29 6.34
C VAL A 98 11.02 0.46 5.60
N ASN A 99 10.90 -0.86 5.74
CA ASN A 99 11.84 -1.77 5.08
C ASN A 99 11.36 -2.10 3.67
N PRO A 100 12.17 -1.71 2.67
CA PRO A 100 11.85 -1.95 1.26
C PRO A 100 11.96 -3.43 0.89
N LYS A 101 12.35 -4.25 1.86
CA LYS A 101 12.49 -5.69 1.64
C LYS A 101 11.14 -6.39 1.80
N MET A 102 10.26 -5.79 2.58
CA MET A 102 8.94 -6.36 2.82
C MET A 102 7.88 -5.66 1.98
N VAL A 103 7.89 -4.33 2.02
CA VAL A 103 6.94 -3.53 1.26
C VAL A 103 6.90 -3.97 -0.21
N MET A 104 7.93 -4.68 -0.63
CA MET A 104 8.02 -5.16 -2.00
C MET A 104 6.77 -5.96 -2.38
N THR A 105 6.14 -6.57 -1.38
CA THR A 105 4.93 -7.36 -1.60
C THR A 105 3.68 -6.55 -1.34
N VAL A 106 3.63 -5.90 -0.18
CA VAL A 106 2.49 -5.08 0.19
C VAL A 106 1.95 -4.30 -1.00
N PHE A 107 2.87 -3.76 -1.80
CA PHE A 107 2.49 -2.98 -2.97
C PHE A 107 2.31 -3.89 -4.19
N ALA A 108 3.34 -4.67 -4.49
CA ALA A 108 3.31 -5.59 -5.62
C ALA A 108 1.94 -6.26 -5.74
N CYS A 109 1.51 -6.92 -4.67
CA CYS A 109 0.22 -7.60 -4.66
C CYS A 109 -0.90 -6.64 -5.01
N LEU A 110 -0.72 -5.36 -4.65
CA LEU A 110 -1.73 -4.34 -4.92
C LEU A 110 -1.64 -3.87 -6.37
N MET A 111 -0.43 -3.85 -6.90
CA MET A 111 -0.21 -3.42 -8.28
C MET A 111 -1.09 -4.20 -9.24
N GLY A 112 -1.37 -5.46 -8.89
CA GLY A 112 -2.20 -6.29 -9.74
C GLY A 112 -3.38 -5.53 -10.34
N LYS A 113 -3.78 -4.46 -9.67
CA LYS A 113 -4.89 -3.64 -10.15
C LYS A 113 -4.47 -2.77 -11.33
N GLY A 114 -3.31 -2.14 -11.20
CA GLY A 114 -2.81 -1.29 -12.26
C GLY A 114 -2.52 -2.06 -13.54
N MET A 115 -1.96 -3.26 -13.39
CA MET A 115 -1.64 -4.10 -14.54
C MET A 115 -2.79 -4.12 -15.54
N LYS A 116 -2.47 -4.37 -16.80
CA LYS A 116 -3.47 -4.43 -17.86
C LYS A 116 -3.49 -5.80 -18.52
N ARG A 117 -4.64 -6.17 -19.08
CA ARG A 117 -4.79 -7.46 -19.74
C ARG A 117 -5.38 -7.28 -21.14
N VAL A 118 -5.31 -8.34 -21.94
CA VAL A 118 -5.84 -8.30 -23.30
C VAL A 118 -6.64 -9.57 -23.62
N SER A 119 -7.95 -9.42 -23.68
CA SER A 119 -8.82 -10.56 -23.97
C SER A 119 -8.48 -11.75 -23.10
N GLY A 120 -8.22 -11.49 -21.82
CA GLY A 120 -7.88 -12.55 -20.89
C GLY A 120 -8.86 -13.70 -20.93
N PRO A 121 -8.37 -14.93 -20.68
CA PRO A 121 -9.19 -16.13 -20.68
C PRO A 121 -10.18 -16.18 -19.51
N SER A 122 -9.87 -15.41 -18.47
CA SER A 122 -10.72 -15.36 -17.28
C SER A 122 -11.80 -14.30 -17.44
N SER A 123 -13.06 -14.73 -17.45
CA SER A 123 -14.18 -13.81 -17.59
C SER A 123 -14.56 -13.19 -16.24
N GLY A 124 -14.46 -11.87 -16.17
CA GLY A 124 -14.78 -11.17 -14.93
C GLY A 124 -16.27 -11.01 -14.73
N GLY A 1 9.41 14.45 -11.08
CA GLY A 1 10.18 13.65 -12.02
C GLY A 1 9.90 12.17 -11.87
N SER A 2 9.70 11.50 -12.99
CA SER A 2 9.43 10.06 -12.98
C SER A 2 10.66 9.27 -13.40
N SER A 3 11.46 8.89 -12.41
CA SER A 3 12.68 8.13 -12.68
C SER A 3 12.35 6.66 -12.98
N GLY A 4 12.12 6.37 -14.26
CA GLY A 4 11.80 5.01 -14.66
C GLY A 4 10.91 4.95 -15.88
N SER A 5 11.51 4.73 -17.04
CA SER A 5 10.75 4.66 -18.29
C SER A 5 10.78 3.25 -18.86
N SER A 6 10.60 2.26 -17.99
CA SER A 6 10.59 0.87 -18.40
C SER A 6 9.97 -0.02 -17.32
N GLY A 7 9.29 -1.08 -17.74
CA GLY A 7 8.67 -1.99 -16.80
C GLY A 7 7.64 -1.29 -15.93
N ASN A 8 6.95 -2.07 -15.09
CA ASN A 8 5.94 -1.53 -14.21
C ASN A 8 6.41 -1.56 -12.76
N ASP A 9 7.70 -1.28 -12.55
CA ASP A 9 8.27 -1.27 -11.21
C ASP A 9 8.29 0.13 -10.63
N ASP A 10 8.38 1.13 -11.51
CA ASP A 10 8.41 2.53 -11.09
C ASP A 10 6.99 3.04 -10.87
N ILE A 11 6.04 2.49 -11.60
CA ILE A 11 4.64 2.90 -11.47
C ILE A 11 4.10 2.59 -10.07
N ILE A 12 4.75 1.66 -9.39
CA ILE A 12 4.34 1.28 -8.04
C ILE A 12 4.02 2.52 -7.20
N VAL A 13 4.78 3.59 -7.41
CA VAL A 13 4.58 4.82 -6.68
C VAL A 13 3.41 5.63 -7.26
N ASN A 14 3.39 5.74 -8.59
CA ASN A 14 2.34 6.48 -9.28
C ASN A 14 0.96 5.89 -8.97
N TRP A 15 0.80 4.61 -9.26
CA TRP A 15 -0.46 3.92 -9.02
C TRP A 15 -1.00 4.25 -7.64
N VAL A 16 -0.15 4.14 -6.63
CA VAL A 16 -0.53 4.43 -5.25
C VAL A 16 -1.04 5.86 -5.11
N ASN A 17 -0.23 6.81 -5.56
CA ASN A 17 -0.59 8.23 -5.48
C ASN A 17 -1.97 8.45 -6.09
N GLU A 18 -2.16 7.98 -7.32
CA GLU A 18 -3.43 8.15 -8.01
C GLU A 18 -4.57 7.52 -7.21
N THR A 19 -4.47 6.22 -6.95
CA THR A 19 -5.50 5.51 -6.20
C THR A 19 -5.99 6.36 -5.03
N LEU A 20 -5.07 7.00 -4.33
CA LEU A 20 -5.42 7.83 -3.18
C LEU A 20 -6.06 9.14 -3.64
N ARG A 21 -5.46 9.77 -4.65
CA ARG A 21 -5.97 11.02 -5.19
C ARG A 21 -7.43 10.89 -5.59
N GLU A 22 -7.73 9.85 -6.37
CA GLU A 22 -9.09 9.62 -6.83
C GLU A 22 -10.05 9.53 -5.65
N ALA A 23 -9.60 8.90 -4.57
CA ALA A 23 -10.42 8.75 -3.38
C ALA A 23 -10.36 10.00 -2.51
N GLU A 24 -9.42 10.88 -2.81
CA GLU A 24 -9.25 12.11 -2.06
C GLU A 24 -8.66 11.83 -0.68
N LYS A 25 -7.64 10.98 -0.64
CA LYS A 25 -6.99 10.62 0.61
C LYS A 25 -5.80 11.54 0.89
N SER A 26 -5.58 11.84 2.17
CA SER A 26 -4.47 12.72 2.56
C SER A 26 -3.19 11.93 2.73
N SER A 27 -3.22 10.66 2.31
CA SER A 27 -2.05 9.79 2.40
C SER A 27 -1.38 9.63 1.04
N SER A 28 -0.07 9.42 1.05
CA SER A 28 0.68 9.25 -0.19
C SER A 28 2.14 8.90 0.11
N ILE A 29 2.92 8.67 -0.94
CA ILE A 29 4.32 8.33 -0.79
C ILE A 29 5.17 8.97 -1.89
N SER A 30 6.39 9.39 -1.53
CA SER A 30 7.29 10.02 -2.48
C SER A 30 8.13 8.98 -3.21
N SER A 31 8.49 7.92 -2.49
CA SER A 31 9.30 6.84 -3.07
C SER A 31 9.31 5.63 -2.15
N PHE A 32 9.74 4.49 -2.69
CA PHE A 32 9.81 3.25 -1.92
C PHE A 32 10.36 3.51 -0.53
N LYS A 33 11.26 4.47 -0.42
CA LYS A 33 11.87 4.81 0.86
C LYS A 33 11.16 6.00 1.49
N ASP A 34 9.84 6.03 1.39
CA ASP A 34 9.04 7.11 1.95
C ASP A 34 8.87 6.94 3.46
N PRO A 35 8.96 8.04 4.20
CA PRO A 35 8.81 8.03 5.66
C PRO A 35 7.38 7.74 6.09
N LYS A 36 6.42 8.32 5.39
CA LYS A 36 5.01 8.12 5.70
C LYS A 36 4.66 6.63 5.72
N ILE A 37 5.46 5.83 5.02
CA ILE A 37 5.23 4.39 4.97
C ILE A 37 5.45 3.75 6.32
N SER A 38 6.29 4.38 7.14
CA SER A 38 6.60 3.87 8.48
C SER A 38 5.33 3.81 9.33
N THR A 39 4.39 4.71 9.05
CA THR A 39 3.15 4.76 9.79
C THR A 39 2.07 3.93 9.11
N SER A 40 2.36 3.46 7.91
CA SER A 40 1.41 2.65 7.14
C SER A 40 0.23 3.50 6.68
N LEU A 41 0.46 4.79 6.51
CA LEU A 41 -0.58 5.70 6.07
C LEU A 41 -0.95 5.44 4.62
N PRO A 42 0.05 5.45 3.73
CA PRO A 42 -0.14 5.20 2.30
C PRO A 42 -0.53 3.75 2.01
N VAL A 43 -0.16 2.86 2.92
CA VAL A 43 -0.47 1.44 2.75
C VAL A 43 -1.92 1.15 3.15
N LEU A 44 -2.45 1.95 4.06
CA LEU A 44 -3.83 1.77 4.52
C LEU A 44 -4.81 2.51 3.62
N ASP A 45 -4.55 3.80 3.40
CA ASP A 45 -5.42 4.61 2.56
C ASP A 45 -5.48 4.04 1.14
N LEU A 46 -4.37 3.50 0.68
CA LEU A 46 -4.30 2.92 -0.66
C LEU A 46 -5.35 1.83 -0.85
N ILE A 47 -5.45 0.95 0.14
CA ILE A 47 -6.43 -0.15 0.10
C ILE A 47 -7.85 0.39 0.17
N ASP A 48 -8.13 1.20 1.19
CA ASP A 48 -9.45 1.79 1.36
C ASP A 48 -9.95 2.42 0.07
N ALA A 49 -9.11 3.26 -0.54
CA ALA A 49 -9.46 3.93 -1.78
C ALA A 49 -10.19 2.98 -2.73
N ILE A 50 -9.67 1.76 -2.85
CA ILE A 50 -10.28 0.76 -3.72
C ILE A 50 -11.58 0.22 -3.13
N GLN A 51 -11.47 -0.38 -1.95
CA GLN A 51 -12.63 -0.95 -1.26
C GLN A 51 -12.96 -0.15 -0.01
N PRO A 52 -13.92 0.78 -0.13
CA PRO A 52 -14.34 1.62 0.99
C PRO A 52 -15.12 0.84 2.05
N GLY A 53 -14.77 1.07 3.31
CA GLY A 53 -15.43 0.38 4.40
C GLY A 53 -14.49 -0.52 5.18
N SER A 54 -13.44 -0.98 4.51
CA SER A 54 -12.46 -1.86 5.15
C SER A 54 -11.68 -1.11 6.23
N ILE A 55 -10.90 -0.11 5.80
CA ILE A 55 -10.10 0.68 6.73
C ILE A 55 -10.99 1.61 7.56
N ASN A 56 -10.66 1.74 8.84
CA ASN A 56 -11.42 2.59 9.75
C ASN A 56 -10.50 3.43 10.61
N TYR A 57 -10.38 4.71 10.28
CA TYR A 57 -9.52 5.62 11.03
C TYR A 57 -9.80 5.53 12.53
N ASP A 58 -11.08 5.38 12.87
CA ASP A 58 -11.47 5.27 14.27
C ASP A 58 -10.59 4.30 15.02
N LEU A 59 -10.18 3.23 14.33
CA LEU A 59 -9.32 2.21 14.94
C LEU A 59 -7.85 2.56 14.77
N LEU A 60 -7.52 3.17 13.63
CA LEU A 60 -6.14 3.56 13.35
C LEU A 60 -5.65 4.59 14.36
N LYS A 61 -4.34 4.76 14.42
CA LYS A 61 -3.73 5.70 15.35
C LYS A 61 -3.26 6.96 14.62
N THR A 62 -2.34 6.77 13.68
CA THR A 62 -1.80 7.88 12.89
C THR A 62 -1.50 9.08 13.79
N GLU A 63 -1.21 8.82 15.05
CA GLU A 63 -0.90 9.87 16.01
C GLU A 63 0.26 9.47 16.92
N ASN A 64 1.37 10.18 16.80
CA ASN A 64 2.55 9.90 17.60
C ASN A 64 2.73 8.40 17.79
N LEU A 65 2.62 7.65 16.69
CA LEU A 65 2.78 6.20 16.74
C LEU A 65 4.18 5.82 17.23
N ASN A 66 4.28 4.64 17.83
CA ASN A 66 5.56 4.15 18.33
C ASN A 66 5.87 2.76 17.79
N ASP A 67 7.12 2.33 17.95
CA ASP A 67 7.53 1.02 17.47
C ASP A 67 6.41 -0.01 17.63
N ASP A 68 5.68 0.10 18.73
CA ASP A 68 4.57 -0.82 19.00
C ASP A 68 3.39 -0.51 18.09
N GLU A 69 2.72 0.61 18.34
CA GLU A 69 1.57 1.01 17.55
C GLU A 69 1.85 0.87 16.06
N LYS A 70 2.94 1.49 15.60
CA LYS A 70 3.33 1.42 14.20
C LYS A 70 3.04 0.04 13.62
N LEU A 71 3.54 -0.99 14.28
CA LEU A 71 3.34 -2.36 13.84
C LEU A 71 1.86 -2.66 13.64
N ASN A 72 1.07 -2.42 14.68
CA ASN A 72 -0.37 -2.66 14.62
C ASN A 72 -0.97 -2.07 13.35
N ASN A 73 -0.55 -0.85 13.01
CA ASN A 73 -1.04 -0.17 11.81
C ASN A 73 -0.69 -0.96 10.56
N ALA A 74 0.57 -1.39 10.46
CA ALA A 74 1.03 -2.17 9.31
C ALA A 74 0.20 -3.44 9.15
N LYS A 75 0.02 -4.17 10.24
CA LYS A 75 -0.75 -5.41 10.21
C LYS A 75 -2.15 -5.17 9.66
N TYR A 76 -2.80 -4.11 10.14
CA TYR A 76 -4.14 -3.77 9.68
C TYR A 76 -4.16 -3.50 8.18
N ALA A 77 -3.09 -2.87 7.69
CA ALA A 77 -2.98 -2.55 6.27
C ALA A 77 -2.87 -3.81 5.42
N ILE A 78 -1.86 -4.62 5.71
CA ILE A 78 -1.65 -5.86 4.97
C ILE A 78 -2.83 -6.81 5.13
N SER A 79 -3.38 -6.87 6.34
CA SER A 79 -4.52 -7.74 6.62
C SER A 79 -5.62 -7.54 5.58
N MET A 80 -6.18 -6.33 5.55
CA MET A 80 -7.24 -6.01 4.60
C MET A 80 -6.89 -6.50 3.20
N ALA A 81 -5.64 -6.31 2.80
CA ALA A 81 -5.18 -6.74 1.48
C ALA A 81 -5.66 -8.16 1.18
N ARG A 82 -5.43 -9.07 2.12
CA ARG A 82 -5.83 -10.46 1.94
C ARG A 82 -7.35 -10.59 2.01
N LYS A 83 -7.95 -9.91 2.97
CA LYS A 83 -9.40 -9.95 3.15
C LYS A 83 -10.12 -9.81 1.81
N ILE A 84 -9.80 -8.76 1.08
CA ILE A 84 -10.41 -8.51 -0.21
C ILE A 84 -9.84 -9.43 -1.28
N GLY A 85 -8.65 -9.95 -1.01
CA GLY A 85 -8.01 -10.86 -1.97
C GLY A 85 -6.62 -10.39 -2.36
N ALA A 86 -5.62 -10.85 -1.62
CA ALA A 86 -4.23 -10.47 -1.89
C ALA A 86 -3.26 -11.24 -1.00
N ARG A 87 -2.52 -12.17 -1.60
CA ARG A 87 -1.56 -12.98 -0.85
C ARG A 87 -0.18 -12.34 -0.88
N VAL A 88 0.41 -12.15 0.30
CA VAL A 88 1.72 -11.54 0.41
C VAL A 88 2.62 -12.34 1.36
N TYR A 89 3.93 -12.23 1.17
CA TYR A 89 4.88 -12.94 2.01
C TYR A 89 5.81 -11.97 2.72
N ALA A 90 5.22 -10.99 3.40
CA ALA A 90 5.99 -10.00 4.14
C ALA A 90 5.36 -9.71 5.50
N LEU A 91 6.20 -9.32 6.45
CA LEU A 91 5.73 -9.01 7.80
C LEU A 91 5.47 -7.51 7.95
N PRO A 92 4.35 -7.17 8.61
CA PRO A 92 3.96 -5.78 8.84
C PRO A 92 4.88 -5.08 9.84
N GLU A 93 5.61 -5.87 10.62
CA GLU A 93 6.52 -5.33 11.61
C GLU A 93 7.70 -4.63 10.95
N ASP A 94 8.12 -5.15 9.80
CA ASP A 94 9.24 -4.57 9.06
C ASP A 94 8.80 -3.31 8.32
N LEU A 95 7.59 -3.33 7.77
CA LEU A 95 7.06 -2.20 7.04
C LEU A 95 7.13 -0.93 7.88
N VAL A 96 7.09 -1.10 9.20
CA VAL A 96 7.15 0.04 10.11
C VAL A 96 8.42 0.86 9.89
N GLU A 97 9.52 0.17 9.58
CA GLU A 97 10.80 0.84 9.34
C GLU A 97 11.01 1.09 7.86
N VAL A 98 9.91 1.19 7.11
CA VAL A 98 9.96 1.43 5.67
C VAL A 98 11.08 0.61 5.03
N ASN A 99 11.06 -0.70 5.25
CA ASN A 99 12.06 -1.59 4.68
C ASN A 99 11.66 -2.06 3.29
N PRO A 100 12.42 -1.64 2.27
CA PRO A 100 12.16 -2.01 0.88
C PRO A 100 12.44 -3.48 0.61
N LYS A 101 12.96 -4.17 1.62
CA LYS A 101 13.28 -5.60 1.50
C LYS A 101 12.01 -6.44 1.50
N MET A 102 11.11 -6.15 2.43
CA MET A 102 9.86 -6.88 2.55
C MET A 102 8.75 -6.18 1.76
N VAL A 103 8.82 -4.86 1.68
CA VAL A 103 7.83 -4.08 0.96
C VAL A 103 7.81 -4.46 -0.52
N MET A 104 8.77 -5.27 -0.94
CA MET A 104 8.86 -5.71 -2.33
C MET A 104 7.53 -6.29 -2.79
N THR A 105 6.89 -7.09 -1.93
CA THR A 105 5.62 -7.71 -2.25
C THR A 105 4.45 -6.90 -1.68
N VAL A 106 4.68 -6.28 -0.52
CA VAL A 106 3.65 -5.47 0.12
C VAL A 106 2.83 -4.70 -0.91
N PHE A 107 3.50 -3.83 -1.65
CA PHE A 107 2.83 -3.03 -2.67
C PHE A 107 2.50 -3.88 -3.90
N ALA A 108 3.48 -4.63 -4.37
CA ALA A 108 3.29 -5.49 -5.54
C ALA A 108 1.91 -6.12 -5.54
N CYS A 109 1.66 -6.99 -4.56
CA CYS A 109 0.37 -7.67 -4.45
C CYS A 109 -0.78 -6.69 -4.71
N LEU A 110 -0.60 -5.45 -4.28
CA LEU A 110 -1.62 -4.42 -4.46
C LEU A 110 -1.52 -3.80 -5.85
N MET A 111 -0.48 -3.02 -6.07
CA MET A 111 -0.28 -2.36 -7.36
C MET A 111 -0.62 -3.31 -8.51
N GLY A 112 -0.45 -4.61 -8.27
CA GLY A 112 -0.74 -5.60 -9.29
C GLY A 112 -1.99 -5.25 -10.08
N LYS A 113 -2.91 -4.53 -9.45
CA LYS A 113 -4.15 -4.13 -10.10
C LYS A 113 -3.88 -3.36 -11.39
N GLY A 114 -2.94 -2.42 -11.31
CA GLY A 114 -2.60 -1.63 -12.49
C GLY A 114 -2.70 -2.43 -13.77
N MET A 115 -3.35 -1.84 -14.77
CA MET A 115 -3.51 -2.50 -16.07
C MET A 115 -2.23 -2.40 -16.89
N LYS A 116 -1.12 -2.84 -16.31
CA LYS A 116 0.16 -2.80 -17.00
C LYS A 116 0.32 -1.51 -17.79
N ARG A 117 -0.13 -0.40 -17.22
CA ARG A 117 -0.05 0.90 -17.87
C ARG A 117 1.36 1.47 -17.77
N VAL A 118 1.75 2.26 -18.77
CA VAL A 118 3.08 2.87 -18.79
C VAL A 118 3.05 4.20 -19.52
N SER A 119 3.99 5.08 -19.16
CA SER A 119 4.07 6.40 -19.78
C SER A 119 5.52 6.78 -20.05
N GLY A 120 5.79 7.32 -21.24
CA GLY A 120 7.13 7.73 -21.60
C GLY A 120 7.31 7.89 -23.09
N PRO A 121 8.52 8.28 -23.51
CA PRO A 121 8.84 8.50 -24.92
C PRO A 121 8.89 7.18 -25.70
N SER A 122 9.30 7.27 -26.97
CA SER A 122 9.39 6.09 -27.82
C SER A 122 10.54 5.19 -27.38
N SER A 123 10.43 3.90 -27.69
CA SER A 123 11.46 2.93 -27.33
C SER A 123 12.37 2.65 -28.51
N GLY A 124 13.63 3.07 -28.40
CA GLY A 124 14.59 2.84 -29.47
C GLY A 124 14.53 3.92 -30.54
N GLY A 1 -0.51 16.84 -15.53
CA GLY A 1 -0.06 15.50 -15.17
C GLY A 1 1.45 15.33 -15.33
N SER A 2 2.19 15.62 -14.26
CA SER A 2 3.64 15.51 -14.29
C SER A 2 4.06 14.15 -14.85
N SER A 3 5.32 14.05 -15.26
CA SER A 3 5.86 12.81 -15.81
C SER A 3 7.38 12.81 -15.76
N GLY A 4 7.95 11.68 -15.34
CA GLY A 4 9.39 11.56 -15.26
C GLY A 4 9.87 10.13 -15.41
N SER A 5 9.92 9.41 -14.29
CA SER A 5 10.36 8.03 -14.30
C SER A 5 9.37 7.14 -15.05
N SER A 6 9.89 6.13 -15.74
CA SER A 6 9.06 5.21 -16.50
C SER A 6 9.42 3.76 -16.19
N GLY A 7 8.51 2.85 -16.53
CA GLY A 7 8.75 1.43 -16.28
C GLY A 7 7.59 0.78 -15.56
N ASN A 8 7.55 -0.55 -15.61
CA ASN A 8 6.48 -1.30 -14.96
C ASN A 8 6.61 -1.22 -13.44
N ASP A 9 7.84 -1.31 -12.95
CA ASP A 9 8.09 -1.24 -11.52
C ASP A 9 8.18 0.21 -11.05
N ASP A 10 8.39 1.12 -11.99
CA ASP A 10 8.50 2.54 -11.67
C ASP A 10 7.11 3.14 -11.42
N ILE A 11 6.10 2.57 -12.07
CA ILE A 11 4.74 3.04 -11.92
C ILE A 11 4.14 2.63 -10.58
N ILE A 12 4.77 1.64 -9.94
CA ILE A 12 4.32 1.16 -8.65
C ILE A 12 3.94 2.31 -7.73
N VAL A 13 4.72 3.38 -7.79
CA VAL A 13 4.46 4.56 -6.96
C VAL A 13 3.34 5.40 -7.54
N ASN A 14 3.40 5.66 -8.85
CA ASN A 14 2.37 6.45 -9.53
C ASN A 14 0.98 5.89 -9.25
N TRP A 15 0.82 4.59 -9.50
CA TRP A 15 -0.47 3.93 -9.27
C TRP A 15 -1.03 4.28 -7.90
N VAL A 16 -0.20 4.15 -6.88
CA VAL A 16 -0.61 4.45 -5.51
C VAL A 16 -1.01 5.91 -5.37
N ASN A 17 -0.11 6.81 -5.75
CA ASN A 17 -0.37 8.24 -5.67
C ASN A 17 -1.70 8.60 -6.32
N GLU A 18 -1.88 8.13 -7.56
CA GLU A 18 -3.10 8.40 -8.29
C GLU A 18 -4.32 7.87 -7.55
N THR A 19 -4.38 6.55 -7.39
CA THR A 19 -5.49 5.92 -6.70
C THR A 19 -5.95 6.75 -5.51
N LEU A 20 -4.99 7.31 -4.78
CA LEU A 20 -5.30 8.14 -3.63
C LEU A 20 -5.81 9.52 -4.05
N ARG A 21 -5.18 10.08 -5.07
CA ARG A 21 -5.58 11.40 -5.59
C ARG A 21 -7.02 11.37 -6.10
N GLU A 22 -7.32 10.40 -6.94
CA GLU A 22 -8.66 10.26 -7.51
C GLU A 22 -9.69 10.04 -6.41
N ALA A 23 -9.22 9.56 -5.27
CA ALA A 23 -10.11 9.31 -4.13
C ALA A 23 -10.09 10.48 -3.16
N GLU A 24 -9.17 11.41 -3.37
CA GLU A 24 -9.05 12.57 -2.49
C GLU A 24 -8.58 12.17 -1.10
N LYS A 25 -7.49 11.41 -1.04
CA LYS A 25 -6.95 10.95 0.22
C LYS A 25 -5.82 11.89 0.70
N SER A 26 -5.62 11.94 2.00
CA SER A 26 -4.58 12.78 2.58
C SER A 26 -3.30 12.00 2.80
N SER A 27 -3.26 10.78 2.28
CA SER A 27 -2.08 9.92 2.42
C SER A 27 -1.45 9.64 1.06
N SER A 28 -0.14 9.39 1.06
CA SER A 28 0.59 9.10 -0.16
C SER A 28 2.04 8.73 0.13
N ILE A 29 2.81 8.53 -0.92
CA ILE A 29 4.22 8.17 -0.77
C ILE A 29 5.10 8.94 -1.77
N SER A 30 6.35 9.17 -1.39
CA SER A 30 7.27 9.89 -2.25
C SER A 30 8.15 8.93 -3.04
N SER A 31 8.48 7.80 -2.41
CA SER A 31 9.32 6.79 -3.06
C SER A 31 9.27 5.47 -2.29
N PHE A 32 9.86 4.44 -2.87
CA PHE A 32 9.89 3.13 -2.24
C PHE A 32 10.38 3.22 -0.81
N LYS A 33 11.19 4.24 -0.52
CA LYS A 33 11.72 4.45 0.81
C LYS A 33 11.06 5.65 1.48
N ASP A 34 9.74 5.71 1.39
CA ASP A 34 8.99 6.80 2.00
C ASP A 34 8.80 6.58 3.50
N PRO A 35 8.93 7.66 4.27
CA PRO A 35 8.77 7.61 5.74
C PRO A 35 7.34 7.34 6.16
N LYS A 36 6.40 8.01 5.49
CA LYS A 36 4.98 7.84 5.79
C LYS A 36 4.59 6.37 5.83
N ILE A 37 5.30 5.56 5.05
CA ILE A 37 5.04 4.12 5.00
C ILE A 37 5.18 3.49 6.38
N SER A 38 6.04 4.07 7.21
CA SER A 38 6.27 3.56 8.55
C SER A 38 4.96 3.54 9.35
N THR A 39 4.11 4.53 9.10
CA THR A 39 2.84 4.63 9.79
C THR A 39 1.75 3.86 9.06
N SER A 40 2.06 3.39 7.87
CA SER A 40 1.11 2.63 7.05
C SER A 40 -0.02 3.53 6.58
N LEU A 41 0.25 4.82 6.49
CA LEU A 41 -0.75 5.79 6.06
C LEU A 41 -1.09 5.60 4.58
N PRO A 42 -0.06 5.61 3.73
CA PRO A 42 -0.21 5.42 2.28
C PRO A 42 -0.63 4.01 1.91
N VAL A 43 -0.31 3.05 2.79
CA VAL A 43 -0.65 1.66 2.55
C VAL A 43 -2.09 1.36 2.98
N LEU A 44 -2.53 2.03 4.05
CA LEU A 44 -3.87 1.84 4.56
C LEU A 44 -4.89 2.59 3.71
N ASP A 45 -4.55 3.82 3.34
CA ASP A 45 -5.42 4.65 2.52
C ASP A 45 -5.55 4.09 1.11
N LEU A 46 -4.44 3.58 0.58
CA LEU A 46 -4.43 3.02 -0.76
C LEU A 46 -5.44 1.87 -0.89
N ILE A 47 -5.55 1.07 0.16
CA ILE A 47 -6.48 -0.05 0.18
C ILE A 47 -7.92 0.45 0.18
N ASP A 48 -8.28 1.22 1.20
CA ASP A 48 -9.63 1.75 1.32
C ASP A 48 -10.14 2.23 -0.03
N ALA A 49 -9.32 2.99 -0.75
CA ALA A 49 -9.69 3.50 -2.06
C ALA A 49 -10.20 2.39 -2.97
N ILE A 50 -9.56 1.22 -2.87
CA ILE A 50 -9.94 0.07 -3.68
C ILE A 50 -11.32 -0.43 -3.30
N GLN A 51 -11.48 -0.82 -2.04
CA GLN A 51 -12.76 -1.33 -1.54
C GLN A 51 -13.31 -0.43 -0.44
N PRO A 52 -14.36 0.32 -0.76
CA PRO A 52 -15.01 1.24 0.19
C PRO A 52 -15.75 0.50 1.30
N GLY A 53 -15.29 0.69 2.53
CA GLY A 53 -15.94 0.02 3.66
C GLY A 53 -15.06 -1.06 4.27
N SER A 54 -13.76 -0.82 4.29
CA SER A 54 -12.80 -1.79 4.84
C SER A 54 -11.99 -1.17 5.97
N ILE A 55 -11.25 -0.11 5.65
CA ILE A 55 -10.43 0.58 6.63
C ILE A 55 -11.28 1.42 7.57
N ASN A 56 -10.75 1.69 8.77
CA ASN A 56 -11.46 2.48 9.75
C ASN A 56 -10.48 3.21 10.67
N TYR A 57 -10.36 4.52 10.47
CA TYR A 57 -9.45 5.33 11.27
C TYR A 57 -9.79 5.23 12.75
N ASP A 58 -11.08 5.04 13.04
CA ASP A 58 -11.54 4.91 14.42
C ASP A 58 -10.68 3.91 15.19
N LEU A 59 -10.29 2.83 14.52
CA LEU A 59 -9.47 1.80 15.15
C LEU A 59 -7.99 2.12 15.00
N LEU A 60 -7.63 2.75 13.89
CA LEU A 60 -6.24 3.12 13.63
C LEU A 60 -5.77 4.20 14.61
N LYS A 61 -4.47 4.46 14.61
CA LYS A 61 -3.90 5.47 15.49
C LYS A 61 -3.47 6.70 14.69
N THR A 62 -2.56 6.51 13.75
CA THR A 62 -2.08 7.60 12.93
C THR A 62 -1.79 8.85 13.77
N GLU A 63 -1.39 8.63 15.01
CA GLU A 63 -1.09 9.72 15.92
C GLU A 63 0.16 9.41 16.75
N ASN A 64 1.18 10.24 16.60
CA ASN A 64 2.43 10.06 17.33
C ASN A 64 2.73 8.58 17.53
N LEU A 65 2.52 7.79 16.48
CA LEU A 65 2.77 6.35 16.54
C LEU A 65 4.18 6.07 17.03
N ASN A 66 4.39 4.86 17.56
CA ASN A 66 5.69 4.46 18.06
C ASN A 66 5.95 2.97 17.80
N ASP A 67 7.18 2.54 18.03
CA ASP A 67 7.56 1.15 17.81
C ASP A 67 6.42 0.22 18.22
N ASP A 68 5.67 0.61 19.24
CA ASP A 68 4.55 -0.19 19.72
C ASP A 68 3.34 -0.03 18.80
N GLU A 69 2.74 1.15 18.80
CA GLU A 69 1.57 1.42 17.97
C GLU A 69 1.87 1.13 16.50
N LYS A 70 2.91 1.78 15.97
CA LYS A 70 3.31 1.59 14.58
C LYS A 70 3.08 0.14 14.15
N LEU A 71 3.49 -0.79 14.99
CA LEU A 71 3.33 -2.22 14.69
C LEU A 71 1.86 -2.57 14.46
N ASN A 72 1.03 -2.31 15.46
CA ASN A 72 -0.40 -2.60 15.36
C ASN A 72 -0.94 -2.20 13.99
N ASN A 73 -0.57 -1.00 13.55
CA ASN A 73 -1.02 -0.49 12.26
C ASN A 73 -0.48 -1.35 11.12
N ALA A 74 0.73 -1.88 11.30
CA ALA A 74 1.36 -2.72 10.30
C ALA A 74 0.68 -4.09 10.23
N LYS A 75 0.36 -4.65 11.40
CA LYS A 75 -0.29 -5.95 11.47
C LYS A 75 -1.69 -5.90 10.87
N TYR A 76 -2.34 -4.75 11.00
CA TYR A 76 -3.68 -4.57 10.46
C TYR A 76 -3.65 -4.40 8.94
N ALA A 77 -2.82 -3.47 8.48
CA ALA A 77 -2.69 -3.21 7.05
C ALA A 77 -2.56 -4.51 6.26
N ILE A 78 -1.55 -5.31 6.60
CA ILE A 78 -1.32 -6.59 5.93
C ILE A 78 -2.57 -7.45 5.96
N SER A 79 -3.26 -7.45 7.10
CA SER A 79 -4.47 -8.25 7.27
C SER A 79 -5.55 -7.80 6.28
N MET A 80 -5.73 -6.49 6.17
CA MET A 80 -6.73 -5.93 5.26
C MET A 80 -6.41 -6.30 3.81
N ALA A 81 -5.25 -5.88 3.34
CA ALA A 81 -4.83 -6.17 1.97
C ALA A 81 -5.15 -7.61 1.59
N ARG A 82 -4.88 -8.53 2.49
CA ARG A 82 -5.13 -9.95 2.26
C ARG A 82 -6.64 -10.25 2.32
N LYS A 83 -7.29 -9.68 3.33
CA LYS A 83 -8.73 -9.87 3.50
C LYS A 83 -9.49 -9.62 2.21
N ILE A 84 -9.15 -8.51 1.55
CA ILE A 84 -9.79 -8.14 0.30
C ILE A 84 -9.33 -9.04 -0.84
N GLY A 85 -8.10 -9.52 -0.75
CA GLY A 85 -7.55 -10.39 -1.77
C GLY A 85 -6.24 -9.89 -2.33
N ALA A 86 -5.14 -10.38 -1.76
CA ALA A 86 -3.81 -9.97 -2.21
C ALA A 86 -2.72 -10.76 -1.49
N ARG A 87 -1.65 -11.07 -2.20
CA ARG A 87 -0.53 -11.83 -1.64
C ARG A 87 0.45 -10.90 -0.94
N VAL A 88 0.23 -10.66 0.34
CA VAL A 88 1.12 -9.78 1.12
C VAL A 88 2.51 -10.39 1.27
N TYR A 89 2.55 -11.68 1.61
CA TYR A 89 3.81 -12.38 1.78
C TYR A 89 4.87 -11.46 2.40
N ALA A 90 4.44 -10.66 3.38
CA ALA A 90 5.35 -9.74 4.05
C ALA A 90 5.18 -9.83 5.56
N LEU A 91 5.96 -9.02 6.28
CA LEU A 91 5.91 -9.01 7.74
C LEU A 91 5.66 -7.60 8.27
N PRO A 92 4.75 -7.47 9.24
CA PRO A 92 4.41 -6.18 9.84
C PRO A 92 5.55 -5.63 10.70
N GLU A 93 6.54 -6.46 10.98
CA GLU A 93 7.68 -6.06 11.78
C GLU A 93 8.67 -5.24 10.95
N ASP A 94 8.65 -5.45 9.64
CA ASP A 94 9.55 -4.74 8.74
C ASP A 94 8.87 -3.51 8.16
N LEU A 95 7.56 -3.59 7.97
CA LEU A 95 6.79 -2.48 7.42
C LEU A 95 6.95 -1.23 8.28
N VAL A 96 7.08 -1.44 9.59
CA VAL A 96 7.25 -0.33 10.52
C VAL A 96 8.54 0.44 10.25
N GLU A 97 9.51 -0.25 9.66
CA GLU A 97 10.79 0.37 9.34
C GLU A 97 10.91 0.62 7.84
N VAL A 98 9.76 0.76 7.18
CA VAL A 98 9.75 1.00 5.74
C VAL A 98 10.82 0.18 5.03
N ASN A 99 10.83 -1.13 5.28
CA ASN A 99 11.79 -2.02 4.67
C ASN A 99 11.51 -2.18 3.18
N PRO A 100 12.46 -1.76 2.34
CA PRO A 100 12.35 -1.86 0.89
C PRO A 100 12.42 -3.29 0.39
N LYS A 101 12.93 -4.19 1.24
CA LYS A 101 13.05 -5.59 0.88
C LYS A 101 11.75 -6.34 1.15
N MET A 102 10.83 -5.69 1.85
CA MET A 102 9.53 -6.29 2.17
C MET A 102 8.44 -5.69 1.29
N VAL A 103 8.33 -4.36 1.29
CA VAL A 103 7.32 -3.68 0.50
C VAL A 103 7.21 -4.30 -0.90
N MET A 104 8.28 -4.94 -1.34
CA MET A 104 8.30 -5.58 -2.66
C MET A 104 6.96 -6.24 -2.96
N THR A 105 6.37 -6.85 -1.95
CA THR A 105 5.08 -7.53 -2.10
C THR A 105 3.94 -6.63 -1.66
N VAL A 106 4.15 -5.90 -0.58
CA VAL A 106 3.13 -5.00 -0.05
C VAL A 106 2.41 -4.25 -1.17
N PHE A 107 3.19 -3.47 -1.93
CA PHE A 107 2.63 -2.70 -3.04
C PHE A 107 2.39 -3.59 -4.26
N ALA A 108 3.42 -4.32 -4.66
CA ALA A 108 3.32 -5.21 -5.81
C ALA A 108 1.96 -5.88 -5.86
N CYS A 109 1.66 -6.68 -4.84
CA CYS A 109 0.39 -7.40 -4.78
C CYS A 109 -0.77 -6.46 -5.09
N LEU A 110 -0.66 -5.21 -4.66
CA LEU A 110 -1.70 -4.22 -4.90
C LEU A 110 -1.62 -3.68 -6.33
N MET A 111 -0.55 -2.94 -6.61
CA MET A 111 -0.35 -2.37 -7.95
C MET A 111 -0.63 -3.41 -9.03
N GLY A 112 -0.56 -4.68 -8.65
CA GLY A 112 -0.82 -5.75 -9.60
C GLY A 112 -1.98 -5.45 -10.52
N LYS A 113 -2.88 -4.58 -10.07
CA LYS A 113 -4.05 -4.21 -10.85
C LYS A 113 -3.63 -3.49 -12.14
N GLY A 114 -2.66 -2.60 -12.03
CA GLY A 114 -2.20 -1.87 -13.20
C GLY A 114 -1.31 -2.71 -14.09
N MET A 115 -1.77 -3.92 -14.40
CA MET A 115 -1.01 -4.83 -15.25
C MET A 115 -1.83 -6.08 -15.56
N LYS A 116 -2.09 -6.31 -16.84
CA LYS A 116 -2.85 -7.48 -17.28
C LYS A 116 -1.96 -8.47 -18.03
N ARG A 117 -1.42 -9.43 -17.29
CA ARG A 117 -0.55 -10.44 -17.89
C ARG A 117 -0.97 -11.84 -17.44
N VAL A 118 -2.07 -11.92 -16.70
CA VAL A 118 -2.56 -13.20 -16.22
C VAL A 118 -2.43 -14.29 -17.28
N SER A 119 -1.82 -15.40 -16.91
CA SER A 119 -1.62 -16.52 -17.83
C SER A 119 -2.69 -17.59 -17.63
N GLY A 120 -3.94 -17.16 -17.54
CA GLY A 120 -5.04 -18.08 -17.34
C GLY A 120 -5.22 -18.48 -15.89
N PRO A 121 -5.63 -19.73 -15.65
CA PRO A 121 -5.84 -20.25 -14.30
C PRO A 121 -4.54 -20.43 -13.53
N SER A 122 -4.66 -20.81 -12.26
CA SER A 122 -3.49 -21.01 -11.40
C SER A 122 -3.56 -22.36 -10.71
N SER A 123 -2.62 -23.24 -11.05
CA SER A 123 -2.57 -24.57 -10.45
C SER A 123 -1.14 -25.11 -10.46
N GLY A 124 -0.94 -26.22 -9.75
CA GLY A 124 0.38 -26.82 -9.69
C GLY A 124 1.37 -26.00 -8.88
N GLY A 1 4.59 -11.25 -26.06
CA GLY A 1 5.72 -10.63 -25.40
C GLY A 1 5.37 -9.28 -24.80
N SER A 2 5.99 -8.22 -25.31
CA SER A 2 5.74 -6.88 -24.81
C SER A 2 6.17 -5.84 -25.83
N SER A 3 5.26 -4.92 -26.15
CA SER A 3 5.54 -3.86 -27.12
C SER A 3 5.68 -2.51 -26.43
N GLY A 4 6.91 -2.16 -26.07
CA GLY A 4 7.16 -0.89 -25.40
C GLY A 4 6.55 -0.84 -24.02
N SER A 5 7.18 -0.07 -23.12
CA SER A 5 6.70 0.06 -21.76
C SER A 5 7.21 1.34 -21.13
N SER A 6 6.35 1.99 -20.34
CA SER A 6 6.72 3.25 -19.68
C SER A 6 7.46 2.97 -18.38
N GLY A 7 6.99 1.97 -17.65
CA GLY A 7 7.63 1.62 -16.38
C GLY A 7 6.73 0.79 -15.48
N ASN A 8 6.89 -0.53 -15.56
CA ASN A 8 6.08 -1.44 -14.75
C ASN A 8 6.44 -1.32 -13.27
N ASP A 9 7.70 -0.99 -12.99
CA ASP A 9 8.18 -0.85 -11.62
C ASP A 9 8.14 0.61 -11.19
N ASP A 10 7.95 1.50 -12.16
CA ASP A 10 7.90 2.93 -11.87
C ASP A 10 6.48 3.36 -11.51
N ILE A 11 5.49 2.72 -12.14
CA ILE A 11 4.09 3.04 -11.89
C ILE A 11 3.67 2.61 -10.49
N ILE A 12 4.50 1.79 -9.86
CA ILE A 12 4.22 1.32 -8.51
C ILE A 12 3.91 2.48 -7.57
N VAL A 13 4.56 3.61 -7.81
CA VAL A 13 4.36 4.80 -6.98
C VAL A 13 3.23 5.66 -7.53
N ASN A 14 3.30 5.97 -8.83
CA ASN A 14 2.28 6.78 -9.48
C ASN A 14 0.88 6.31 -9.10
N TRP A 15 0.60 5.04 -9.36
CA TRP A 15 -0.70 4.47 -9.05
C TRP A 15 -1.15 4.86 -7.64
N VAL A 16 -0.47 4.31 -6.64
CA VAL A 16 -0.81 4.60 -5.24
C VAL A 16 -1.23 6.05 -5.08
N ASN A 17 -0.46 6.97 -5.64
CA ASN A 17 -0.76 8.39 -5.55
C ASN A 17 -2.10 8.71 -6.23
N GLU A 18 -2.34 8.08 -7.38
CA GLU A 18 -3.57 8.29 -8.12
C GLU A 18 -4.78 7.81 -7.31
N THR A 19 -4.86 6.49 -7.12
CA THR A 19 -5.96 5.90 -6.37
C THR A 19 -6.28 6.73 -5.14
N LEU A 20 -5.26 7.24 -4.48
CA LEU A 20 -5.44 8.05 -3.27
C LEU A 20 -5.93 9.45 -3.63
N ARG A 21 -5.35 10.02 -4.68
CA ARG A 21 -5.74 11.36 -5.12
C ARG A 21 -7.21 11.39 -5.54
N GLU A 22 -7.57 10.53 -6.48
CA GLU A 22 -8.94 10.46 -6.98
C GLU A 22 -9.91 10.15 -5.83
N ALA A 23 -9.42 9.46 -4.82
CA ALA A 23 -10.23 9.10 -3.67
C ALA A 23 -10.18 10.19 -2.59
N GLU A 24 -9.32 11.18 -2.80
CA GLU A 24 -9.18 12.27 -1.85
C GLU A 24 -8.65 11.77 -0.52
N LYS A 25 -7.54 11.04 -0.57
CA LYS A 25 -6.92 10.51 0.64
C LYS A 25 -5.83 11.44 1.16
N SER A 26 -5.70 11.51 2.48
CA SER A 26 -4.69 12.36 3.10
C SER A 26 -3.37 11.62 3.25
N SER A 27 -3.24 10.50 2.54
CA SER A 27 -2.02 9.70 2.60
C SER A 27 -1.43 9.51 1.21
N SER A 28 -0.13 9.26 1.15
CA SER A 28 0.56 9.06 -0.12
C SER A 28 2.02 8.66 0.10
N ILE A 29 2.76 8.50 -0.99
CA ILE A 29 4.17 8.11 -0.91
C ILE A 29 4.99 8.82 -1.98
N SER A 30 6.26 9.06 -1.69
CA SER A 30 7.15 9.72 -2.62
C SER A 30 8.06 8.72 -3.32
N SER A 31 8.45 7.67 -2.59
CA SER A 31 9.32 6.64 -3.14
C SER A 31 9.33 5.40 -2.23
N PHE A 32 9.93 4.33 -2.73
CA PHE A 32 10.01 3.08 -1.97
C PHE A 32 10.59 3.33 -0.58
N LYS A 33 11.32 4.42 -0.44
CA LYS A 33 11.93 4.78 0.84
C LYS A 33 11.21 5.97 1.47
N ASP A 34 9.88 5.95 1.44
CA ASP A 34 9.08 7.02 2.01
C ASP A 34 8.93 6.84 3.51
N PRO A 35 9.04 7.95 4.26
CA PRO A 35 8.91 7.93 5.72
C PRO A 35 7.48 7.65 6.17
N LYS A 36 6.51 8.28 5.52
CA LYS A 36 5.10 8.10 5.86
C LYS A 36 4.75 6.62 5.93
N ILE A 37 5.46 5.81 5.14
CA ILE A 37 5.23 4.37 5.12
C ILE A 37 5.35 3.78 6.51
N SER A 38 6.22 4.36 7.33
CA SER A 38 6.43 3.89 8.69
C SER A 38 5.12 3.87 9.47
N THR A 39 4.26 4.84 9.21
CA THR A 39 2.97 4.93 9.89
C THR A 39 1.92 4.09 9.17
N SER A 40 2.27 3.58 8.00
CA SER A 40 1.35 2.76 7.22
C SER A 40 0.18 3.60 6.69
N LEU A 41 0.43 4.89 6.52
CA LEU A 41 -0.60 5.80 6.02
C LEU A 41 -0.92 5.50 4.57
N PRO A 42 0.11 5.47 3.71
CA PRO A 42 -0.04 5.19 2.28
C PRO A 42 -0.44 3.74 2.01
N VAL A 43 0.03 2.85 2.88
CA VAL A 43 -0.27 1.43 2.73
C VAL A 43 -1.71 1.12 3.13
N LEU A 44 -2.19 1.83 4.16
CA LEU A 44 -3.55 1.64 4.65
C LEU A 44 -4.56 2.33 3.74
N ASP A 45 -4.33 3.61 3.48
CA ASP A 45 -5.22 4.38 2.62
C ASP A 45 -5.26 3.80 1.21
N LEU A 46 -4.10 3.43 0.70
CA LEU A 46 -4.00 2.85 -0.65
C LEU A 46 -5.07 1.78 -0.85
N ILE A 47 -5.22 0.90 0.14
CA ILE A 47 -6.21 -0.17 0.07
C ILE A 47 -7.63 0.39 -0.02
N ASP A 48 -8.02 1.12 1.02
CA ASP A 48 -9.35 1.71 1.06
C ASP A 48 -9.68 2.41 -0.26
N ALA A 49 -8.74 3.21 -0.75
CA ALA A 49 -8.92 3.94 -2.00
C ALA A 49 -9.61 3.06 -3.04
N ILE A 50 -9.17 1.82 -3.15
CA ILE A 50 -9.75 0.89 -4.12
C ILE A 50 -11.11 0.39 -3.65
N GLN A 51 -11.17 -0.07 -2.40
CA GLN A 51 -12.42 -0.58 -1.84
C GLN A 51 -12.76 0.16 -0.54
N PRO A 52 -13.56 1.23 -0.66
CA PRO A 52 -13.97 2.03 0.48
C PRO A 52 -14.94 1.29 1.39
N GLY A 53 -14.54 1.08 2.65
CA GLY A 53 -15.39 0.39 3.59
C GLY A 53 -14.62 -0.59 4.46
N SER A 54 -13.40 -0.94 4.02
CA SER A 54 -12.57 -1.87 4.75
C SER A 54 -11.81 -1.17 5.87
N ILE A 55 -10.93 -0.24 5.47
CA ILE A 55 -10.15 0.52 6.44
C ILE A 55 -11.03 1.40 7.31
N ASN A 56 -10.75 1.40 8.61
CA ASN A 56 -11.52 2.21 9.56
C ASN A 56 -10.60 3.09 10.40
N TYR A 57 -10.54 4.38 10.06
CA TYR A 57 -9.70 5.32 10.78
C TYR A 57 -10.01 5.30 12.27
N ASP A 58 -11.28 5.03 12.60
CA ASP A 58 -11.72 4.97 13.99
C ASP A 58 -10.77 4.11 14.82
N LEU A 59 -10.34 3.00 14.24
CA LEU A 59 -9.43 2.08 14.94
C LEU A 59 -7.98 2.49 14.73
N LEU A 60 -7.68 3.02 13.54
CA LEU A 60 -6.34 3.46 13.21
C LEU A 60 -5.87 4.56 14.16
N LYS A 61 -4.56 4.63 14.38
CA LYS A 61 -3.99 5.64 15.26
C LYS A 61 -3.59 6.88 14.47
N THR A 62 -2.65 6.71 13.55
CA THR A 62 -2.17 7.82 12.72
C THR A 62 -1.86 9.04 13.58
N GLU A 63 -1.46 8.80 14.82
CA GLU A 63 -1.13 9.88 15.74
C GLU A 63 0.15 9.58 16.50
N ASN A 64 1.23 10.30 16.17
CA ASN A 64 2.51 10.11 16.82
C ASN A 64 2.79 8.62 17.05
N LEU A 65 2.56 7.81 16.02
CA LEU A 65 2.77 6.37 16.11
C LEU A 65 4.21 6.07 16.55
N ASN A 66 4.40 4.90 17.16
CA ASN A 66 5.72 4.49 17.62
C ASN A 66 5.98 3.03 17.30
N ASP A 67 7.18 2.55 17.62
CA ASP A 67 7.55 1.17 17.37
C ASP A 67 6.45 0.21 17.84
N ASP A 68 5.67 0.65 18.81
CA ASP A 68 4.58 -0.16 19.34
C ASP A 68 3.34 -0.06 18.47
N GLU A 69 2.73 1.12 18.44
CA GLU A 69 1.54 1.35 17.64
C GLU A 69 1.79 1.03 16.18
N LYS A 70 2.84 1.64 15.62
CA LYS A 70 3.20 1.41 14.22
C LYS A 70 2.97 -0.04 13.83
N LEU A 71 3.36 -0.95 14.71
CA LEU A 71 3.21 -2.38 14.45
C LEU A 71 1.75 -2.73 14.20
N ASN A 72 0.92 -2.56 15.22
CA ASN A 72 -0.50 -2.86 15.11
C ASN A 72 -1.05 -2.37 13.77
N ASN A 73 -0.62 -1.18 13.35
CA ASN A 73 -1.07 -0.61 12.09
C ASN A 73 -0.58 -1.44 10.91
N ALA A 74 0.70 -1.80 10.95
CA ALA A 74 1.30 -2.59 9.88
C ALA A 74 0.62 -3.96 9.76
N LYS A 75 0.27 -4.54 10.90
CA LYS A 75 -0.38 -5.84 10.93
C LYS A 75 -1.77 -5.77 10.29
N TYR A 76 -2.47 -4.67 10.53
CA TYR A 76 -3.81 -4.48 9.98
C TYR A 76 -3.74 -4.22 8.47
N ALA A 77 -2.80 -3.38 8.07
CA ALA A 77 -2.63 -3.04 6.66
C ALA A 77 -2.46 -4.30 5.80
N ILE A 78 -1.57 -5.18 6.24
CA ILE A 78 -1.32 -6.42 5.51
C ILE A 78 -2.54 -7.33 5.56
N SER A 79 -3.09 -7.51 6.75
CA SER A 79 -4.27 -8.37 6.92
C SER A 79 -5.39 -7.94 5.98
N MET A 80 -5.71 -6.65 5.99
CA MET A 80 -6.77 -6.12 5.14
C MET A 80 -6.67 -6.69 3.73
N ALA A 81 -5.46 -6.73 3.20
CA ALA A 81 -5.22 -7.26 1.86
C ALA A 81 -6.06 -8.50 1.60
N ARG A 82 -6.02 -9.44 2.55
CA ARG A 82 -6.78 -10.68 2.42
C ARG A 82 -8.27 -10.41 2.54
N LYS A 83 -8.63 -9.40 3.31
CA LYS A 83 -10.04 -9.04 3.51
C LYS A 83 -10.72 -8.77 2.18
N ILE A 84 -10.09 -7.96 1.35
CA ILE A 84 -10.64 -7.63 0.04
C ILE A 84 -10.39 -8.75 -0.96
N GLY A 85 -9.39 -9.59 -0.68
CA GLY A 85 -9.08 -10.69 -1.56
C GLY A 85 -7.69 -10.58 -2.15
N ALA A 86 -6.68 -10.93 -1.37
CA ALA A 86 -5.30 -10.88 -1.82
C ALA A 86 -4.36 -11.51 -0.80
N ARG A 87 -3.07 -11.57 -1.14
CA ARG A 87 -2.08 -12.15 -0.26
C ARG A 87 -0.90 -11.20 -0.07
N VAL A 88 -0.06 -11.49 0.92
CA VAL A 88 1.10 -10.67 1.21
C VAL A 88 2.23 -11.50 1.82
N TYR A 89 3.31 -11.68 1.07
CA TYR A 89 4.45 -12.45 1.54
C TYR A 89 5.47 -11.55 2.22
N ALA A 90 5.00 -10.69 3.12
CA ALA A 90 5.86 -9.78 3.85
C ALA A 90 5.60 -9.84 5.34
N LEU A 91 6.33 -9.03 6.10
CA LEU A 91 6.17 -8.99 7.55
C LEU A 91 5.89 -7.57 8.03
N PRO A 92 4.93 -7.43 8.96
CA PRO A 92 4.54 -6.14 9.52
C PRO A 92 5.62 -5.54 10.41
N GLU A 93 6.49 -6.40 10.94
CA GLU A 93 7.58 -5.97 11.80
C GLU A 93 8.60 -5.14 11.02
N ASP A 94 8.66 -5.38 9.72
CA ASP A 94 9.60 -4.66 8.86
C ASP A 94 8.96 -3.41 8.27
N LEU A 95 7.69 -3.53 7.89
CA LEU A 95 6.97 -2.40 7.31
C LEU A 95 7.02 -1.19 8.24
N VAL A 96 7.11 -1.45 9.54
CA VAL A 96 7.17 -0.38 10.53
C VAL A 96 8.40 0.48 10.33
N GLU A 97 9.50 -0.14 9.90
CA GLU A 97 10.75 0.57 9.68
C GLU A 97 10.97 0.83 8.19
N VAL A 98 9.88 1.12 7.49
CA VAL A 98 9.94 1.38 6.05
C VAL A 98 11.03 0.54 5.39
N ASN A 99 10.96 -0.77 5.60
CA ASN A 99 11.94 -1.68 5.02
C ASN A 99 11.54 -2.08 3.59
N PRO A 100 12.34 -1.64 2.61
CA PRO A 100 12.09 -1.93 1.19
C PRO A 100 12.32 -3.41 0.86
N LYS A 101 12.78 -4.17 1.85
CA LYS A 101 13.04 -5.59 1.66
C LYS A 101 11.74 -6.38 1.66
N MET A 102 10.74 -5.88 2.38
CA MET A 102 9.44 -6.55 2.46
C MET A 102 8.42 -5.82 1.59
N VAL A 103 8.42 -4.50 1.65
CA VAL A 103 7.50 -3.69 0.87
C VAL A 103 7.47 -4.14 -0.59
N MET A 104 8.64 -4.48 -1.11
CA MET A 104 8.74 -4.94 -2.49
C MET A 104 7.54 -5.78 -2.89
N THR A 105 7.02 -6.54 -1.93
CA THR A 105 5.87 -7.41 -2.18
C THR A 105 4.58 -6.73 -1.74
N VAL A 106 4.61 -6.08 -0.59
CA VAL A 106 3.44 -5.39 -0.05
C VAL A 106 2.72 -4.62 -1.16
N PHE A 107 3.43 -3.73 -1.83
CA PHE A 107 2.85 -2.94 -2.91
C PHE A 107 2.67 -3.78 -4.17
N ALA A 108 3.75 -4.41 -4.61
CA ALA A 108 3.72 -5.25 -5.80
C ALA A 108 2.40 -6.02 -5.89
N CYS A 109 2.14 -6.84 -4.88
CA CYS A 109 0.91 -7.64 -4.85
C CYS A 109 -0.31 -6.77 -5.08
N LEU A 110 -0.28 -5.56 -4.54
CA LEU A 110 -1.39 -4.62 -4.69
C LEU A 110 -1.39 -3.98 -6.09
N MET A 111 -0.20 -3.90 -6.68
CA MET A 111 -0.06 -3.31 -8.01
C MET A 111 -0.39 -4.34 -9.10
N GLY A 112 -0.42 -5.62 -8.71
CA GLY A 112 -0.72 -6.67 -9.66
C GLY A 112 -1.97 -6.38 -10.47
N LYS A 113 -2.79 -5.45 -9.98
CA LYS A 113 -4.02 -5.08 -10.67
C LYS A 113 -3.72 -4.24 -11.90
N GLY A 114 -2.67 -3.42 -11.82
CA GLY A 114 -2.30 -2.59 -12.93
C GLY A 114 -1.49 -3.32 -13.98
N MET A 115 -1.85 -4.57 -14.24
CA MET A 115 -1.15 -5.39 -15.21
C MET A 115 -1.86 -6.73 -15.42
N LYS A 116 -1.56 -7.39 -16.53
CA LYS A 116 -2.17 -8.68 -16.85
C LYS A 116 -1.15 -9.80 -16.76
N ARG A 117 -0.40 -9.83 -15.66
CA ARG A 117 0.62 -10.86 -15.45
C ARG A 117 0.48 -11.50 -14.08
N VAL A 118 1.15 -12.63 -13.88
CA VAL A 118 1.09 -13.34 -12.62
C VAL A 118 2.42 -13.27 -11.89
N SER A 119 2.38 -12.90 -10.60
CA SER A 119 3.58 -12.79 -9.80
C SER A 119 3.88 -14.09 -9.07
N GLY A 120 2.91 -14.54 -8.26
CA GLY A 120 3.09 -15.78 -7.52
C GLY A 120 4.15 -15.67 -6.46
N PRO A 121 4.55 -16.82 -5.90
CA PRO A 121 5.57 -16.88 -4.84
C PRO A 121 6.96 -16.54 -5.37
N SER A 122 7.97 -16.73 -4.53
CA SER A 122 9.35 -16.43 -4.91
C SER A 122 10.26 -17.60 -4.59
N SER A 123 11.04 -18.03 -5.58
CA SER A 123 11.96 -19.15 -5.40
C SER A 123 12.98 -18.85 -4.32
N GLY A 124 13.47 -19.91 -3.67
CA GLY A 124 14.46 -19.74 -2.62
C GLY A 124 15.58 -20.75 -2.71
N GLY A 1 6.41 20.95 -6.35
CA GLY A 1 6.31 20.23 -7.60
C GLY A 1 7.45 19.25 -7.80
N SER A 2 7.16 18.14 -8.48
CA SER A 2 8.17 17.12 -8.74
C SER A 2 8.35 16.90 -10.23
N SER A 3 9.57 16.58 -10.63
CA SER A 3 9.88 16.33 -12.04
C SER A 3 8.90 15.33 -12.65
N GLY A 4 8.80 14.16 -12.02
CA GLY A 4 7.89 13.14 -12.50
C GLY A 4 8.55 11.79 -12.61
N SER A 5 8.03 10.81 -11.88
CA SER A 5 8.59 9.46 -11.89
C SER A 5 8.72 8.94 -13.32
N SER A 6 9.49 7.86 -13.48
CA SER A 6 9.70 7.27 -14.79
C SER A 6 10.22 5.84 -14.67
N GLY A 7 9.56 4.91 -15.37
CA GLY A 7 9.98 3.52 -15.32
C GLY A 7 8.79 2.58 -15.34
N ASN A 8 9.02 1.34 -15.79
CA ASN A 8 7.98 0.35 -15.86
C ASN A 8 7.54 -0.08 -14.46
N ASP A 9 8.51 -0.36 -13.60
CA ASP A 9 8.23 -0.79 -12.23
C ASP A 9 8.08 0.42 -11.32
N ASP A 10 8.45 1.60 -11.82
CA ASP A 10 8.35 2.83 -11.05
C ASP A 10 6.90 3.29 -10.93
N ILE A 11 6.02 2.62 -11.68
CA ILE A 11 4.60 2.96 -11.65
C ILE A 11 3.96 2.56 -10.34
N ILE A 12 4.66 1.74 -9.57
CA ILE A 12 4.15 1.28 -8.28
C ILE A 12 3.87 2.45 -7.35
N VAL A 13 4.61 3.53 -7.52
CA VAL A 13 4.44 4.73 -6.70
C VAL A 13 3.34 5.62 -7.26
N ASN A 14 3.43 5.90 -8.55
CA ASN A 14 2.45 6.76 -9.22
C ASN A 14 1.04 6.23 -9.01
N TRP A 15 0.85 4.93 -9.25
CA TRP A 15 -0.45 4.30 -9.07
C TRP A 15 -1.00 4.55 -7.68
N VAL A 16 -0.13 4.45 -6.68
CA VAL A 16 -0.53 4.67 -5.29
C VAL A 16 -1.04 6.09 -5.09
N ASN A 17 -0.22 7.06 -5.47
CA ASN A 17 -0.59 8.47 -5.32
C ASN A 17 -1.95 8.75 -5.94
N GLU A 18 -2.08 8.43 -7.23
CA GLU A 18 -3.33 8.65 -7.94
C GLU A 18 -4.50 7.98 -7.21
N THR A 19 -4.38 6.67 -7.00
CA THR A 19 -5.42 5.92 -6.31
C THR A 19 -5.90 6.65 -5.06
N LEU A 20 -4.96 7.26 -4.34
CA LEU A 20 -5.28 7.99 -3.12
C LEU A 20 -5.93 9.33 -3.45
N ARG A 21 -5.41 9.99 -4.48
CA ARG A 21 -5.93 11.29 -4.90
C ARG A 21 -7.40 11.18 -5.31
N GLU A 22 -7.70 10.19 -6.16
CA GLU A 22 -9.07 9.99 -6.62
C GLU A 22 -10.02 9.81 -5.44
N ALA A 23 -9.52 9.18 -4.38
CA ALA A 23 -10.34 8.95 -3.18
C ALA A 23 -10.26 10.13 -2.24
N GLU A 24 -9.33 11.04 -2.49
CA GLU A 24 -9.15 12.22 -1.66
C GLU A 24 -8.53 11.86 -0.31
N LYS A 25 -7.51 11.01 -0.36
CA LYS A 25 -6.83 10.57 0.85
C LYS A 25 -5.73 11.55 1.23
N SER A 26 -5.41 11.61 2.53
CA SER A 26 -4.37 12.51 3.01
C SER A 26 -3.03 11.79 3.11
N SER A 27 -2.96 10.59 2.54
CA SER A 27 -1.74 9.79 2.56
C SER A 27 -1.03 9.85 1.21
N SER A 28 0.26 9.57 1.22
CA SER A 28 1.06 9.60 -0.01
C SER A 28 2.48 9.12 0.26
N ILE A 29 3.14 8.63 -0.78
CA ILE A 29 4.51 8.15 -0.66
C ILE A 29 5.43 8.83 -1.66
N SER A 30 6.62 9.22 -1.20
CA SER A 30 7.58 9.89 -2.06
C SER A 30 8.32 8.89 -2.94
N SER A 31 8.69 7.75 -2.35
CA SER A 31 9.40 6.71 -3.08
C SER A 31 9.42 5.40 -2.27
N PHE A 32 9.88 4.33 -2.91
CA PHE A 32 9.95 3.03 -2.27
C PHE A 32 10.48 3.17 -0.85
N LYS A 33 11.24 4.23 -0.60
CA LYS A 33 11.81 4.46 0.72
C LYS A 33 11.12 5.66 1.40
N ASP A 34 9.80 5.62 1.44
CA ASP A 34 9.03 6.70 2.07
C ASP A 34 8.87 6.44 3.56
N PRO A 35 9.01 7.52 4.36
CA PRO A 35 8.88 7.45 5.82
C PRO A 35 7.44 7.18 6.26
N LYS A 36 6.50 7.87 5.65
CA LYS A 36 5.09 7.70 5.98
C LYS A 36 4.70 6.23 5.97
N ILE A 37 5.38 5.45 5.14
CA ILE A 37 5.11 4.02 5.05
C ILE A 37 5.22 3.34 6.41
N SER A 38 6.10 3.88 7.26
CA SER A 38 6.32 3.33 8.59
C SER A 38 5.02 3.34 9.39
N THR A 39 4.17 4.32 9.12
CA THR A 39 2.90 4.45 9.82
C THR A 39 1.80 3.66 9.12
N SER A 40 2.11 3.16 7.92
CA SER A 40 1.15 2.38 7.14
C SER A 40 0.02 3.28 6.63
N LEU A 41 0.33 4.57 6.48
CA LEU A 41 -0.66 5.53 6.00
C LEU A 41 -1.00 5.27 4.52
N PRO A 42 0.05 5.24 3.68
CA PRO A 42 -0.11 5.02 2.25
C PRO A 42 -0.54 3.58 1.93
N VAL A 43 -0.18 2.66 2.82
CA VAL A 43 -0.53 1.25 2.63
C VAL A 43 -1.95 0.97 3.11
N LEU A 44 -2.35 1.64 4.19
CA LEU A 44 -3.69 1.46 4.74
C LEU A 44 -4.73 2.19 3.91
N ASP A 45 -4.50 3.47 3.68
CA ASP A 45 -5.42 4.29 2.88
C ASP A 45 -5.54 3.73 1.47
N LEU A 46 -4.42 3.34 0.88
CA LEU A 46 -4.41 2.80 -0.48
C LEU A 46 -5.44 1.69 -0.62
N ILE A 47 -5.52 0.82 0.38
CA ILE A 47 -6.47 -0.29 0.36
C ILE A 47 -7.91 0.24 0.27
N ASP A 48 -8.33 0.98 1.27
CA ASP A 48 -9.68 1.54 1.30
C ASP A 48 -10.10 2.02 -0.08
N ALA A 49 -9.28 2.88 -0.69
CA ALA A 49 -9.56 3.41 -2.02
C ALA A 49 -10.02 2.30 -2.95
N ILE A 50 -9.41 1.13 -2.83
CA ILE A 50 -9.76 -0.01 -3.68
C ILE A 50 -11.19 -0.47 -3.41
N GLN A 51 -11.46 -0.81 -2.17
CA GLN A 51 -12.79 -1.28 -1.78
C GLN A 51 -13.33 -0.47 -0.60
N PRO A 52 -14.41 0.28 -0.84
CA PRO A 52 -15.04 1.12 0.18
C PRO A 52 -15.74 0.29 1.25
N GLY A 53 -15.37 0.50 2.51
CA GLY A 53 -15.97 -0.23 3.60
C GLY A 53 -15.02 -1.23 4.22
N SER A 54 -13.74 -0.87 4.30
CA SER A 54 -12.73 -1.74 4.87
C SER A 54 -11.96 -1.03 5.98
N ILE A 55 -11.27 0.06 5.60
CA ILE A 55 -10.49 0.83 6.56
C ILE A 55 -11.38 1.79 7.34
N ASN A 56 -11.08 1.95 8.63
CA ASN A 56 -11.85 2.84 9.49
C ASN A 56 -10.94 3.82 10.22
N TYR A 57 -10.60 4.92 9.55
CA TYR A 57 -9.74 5.94 10.14
C TYR A 57 -10.10 6.19 11.60
N ASP A 58 -11.39 6.23 11.88
CA ASP A 58 -11.87 6.46 13.24
C ASP A 58 -11.16 5.54 14.24
N LEU A 59 -10.98 4.29 13.84
CA LEU A 59 -10.30 3.31 14.69
C LEU A 59 -8.79 3.36 14.51
N LEU A 60 -8.37 3.79 13.32
CA LEU A 60 -6.96 3.89 13.01
C LEU A 60 -6.28 4.96 13.86
N LYS A 61 -5.00 4.76 14.17
CA LYS A 61 -4.25 5.71 14.97
C LYS A 61 -3.79 6.89 14.12
N THR A 62 -2.83 6.64 13.23
CA THR A 62 -2.31 7.68 12.35
C THR A 62 -2.04 8.97 13.13
N GLU A 63 -1.60 8.82 14.37
CA GLU A 63 -1.31 9.97 15.23
C GLU A 63 0.09 9.86 15.82
N ASN A 64 1.09 10.24 15.03
CA ASN A 64 2.48 10.19 15.49
C ASN A 64 2.79 8.83 16.12
N LEU A 65 2.33 7.77 15.48
CA LEU A 65 2.57 6.42 15.98
C LEU A 65 4.00 6.26 16.47
N ASN A 66 4.26 5.17 17.18
CA ASN A 66 5.60 4.89 17.70
C ASN A 66 6.00 3.44 17.43
N ASP A 67 7.23 3.10 17.80
CA ASP A 67 7.73 1.75 17.60
C ASP A 67 6.67 0.70 17.94
N ASP A 68 5.71 1.09 18.78
CA ASP A 68 4.64 0.21 19.18
C ASP A 68 3.43 0.36 18.26
N GLU A 69 2.74 1.49 18.38
CA GLU A 69 1.57 1.76 17.57
C GLU A 69 1.86 1.48 16.09
N LYS A 70 2.95 2.04 15.59
CA LYS A 70 3.33 1.85 14.19
C LYS A 70 3.17 0.39 13.78
N LEU A 71 3.66 -0.51 14.61
CA LEU A 71 3.57 -1.94 14.33
C LEU A 71 2.11 -2.38 14.21
N ASN A 72 1.36 -2.23 15.30
CA ASN A 72 -0.05 -2.61 15.30
C ASN A 72 -0.71 -2.28 13.97
N ASN A 73 -0.43 -1.09 13.45
CA ASN A 73 -1.00 -0.65 12.19
C ASN A 73 -0.49 -1.50 11.03
N ALA A 74 0.80 -1.87 11.09
CA ALA A 74 1.41 -2.69 10.07
C ALA A 74 0.65 -3.99 9.88
N LYS A 75 0.22 -4.59 10.99
CA LYS A 75 -0.53 -5.84 10.95
C LYS A 75 -1.87 -5.66 10.24
N TYR A 76 -2.54 -4.55 10.51
CA TYR A 76 -3.82 -4.26 9.91
C TYR A 76 -3.71 -4.21 8.38
N ALA A 77 -2.72 -3.47 7.89
CA ALA A 77 -2.49 -3.36 6.46
C ALA A 77 -2.37 -4.73 5.80
N ILE A 78 -1.34 -5.48 6.19
CA ILE A 78 -1.13 -6.81 5.64
C ILE A 78 -2.32 -7.72 5.91
N SER A 79 -3.00 -7.49 7.02
CA SER A 79 -4.17 -8.28 7.39
C SER A 79 -5.35 -7.98 6.49
N MET A 80 -5.39 -6.75 5.98
CA MET A 80 -6.47 -6.32 5.10
C MET A 80 -6.23 -6.78 3.67
N ALA A 81 -4.98 -6.65 3.22
CA ALA A 81 -4.60 -7.05 1.87
C ALA A 81 -5.20 -8.42 1.52
N ARG A 82 -4.77 -9.44 2.24
CA ARG A 82 -5.26 -10.80 2.01
C ARG A 82 -6.77 -10.87 2.22
N LYS A 83 -7.29 -10.00 3.08
CA LYS A 83 -8.71 -9.98 3.38
C LYS A 83 -9.52 -9.71 2.11
N ILE A 84 -9.25 -8.58 1.46
CA ILE A 84 -9.95 -8.22 0.24
C ILE A 84 -9.59 -9.15 -0.90
N GLY A 85 -8.36 -9.68 -0.87
CA GLY A 85 -7.91 -10.58 -1.92
C GLY A 85 -6.60 -10.15 -2.53
N ALA A 86 -5.51 -10.35 -1.79
CA ALA A 86 -4.18 -9.97 -2.27
C ALA A 86 -3.10 -10.65 -1.45
N ARG A 87 -2.44 -11.64 -2.05
CA ARG A 87 -1.37 -12.38 -1.37
C ARG A 87 -0.25 -11.44 -0.97
N VAL A 88 0.19 -11.56 0.29
CA VAL A 88 1.27 -10.72 0.80
C VAL A 88 2.29 -11.55 1.57
N TYR A 89 3.53 -11.54 1.09
CA TYR A 89 4.60 -12.29 1.73
C TYR A 89 5.57 -11.36 2.45
N ALA A 90 5.04 -10.57 3.38
CA ALA A 90 5.86 -9.63 4.13
C ALA A 90 5.60 -9.78 5.64
N LEU A 91 6.22 -8.91 6.42
CA LEU A 91 6.07 -8.94 7.87
C LEU A 91 5.75 -7.56 8.42
N PRO A 92 4.77 -7.49 9.33
CA PRO A 92 4.36 -6.22 9.95
C PRO A 92 5.41 -5.66 10.90
N GLU A 93 6.42 -6.47 11.18
CA GLU A 93 7.50 -6.05 12.08
C GLU A 93 8.54 -5.23 11.33
N ASP A 94 8.83 -5.62 10.09
CA ASP A 94 9.80 -4.91 9.27
C ASP A 94 9.13 -3.78 8.49
N LEU A 95 7.83 -3.91 8.26
CA LEU A 95 7.08 -2.90 7.52
C LEU A 95 7.12 -1.56 8.24
N VAL A 96 7.32 -1.60 9.55
CA VAL A 96 7.39 -0.38 10.36
C VAL A 96 8.60 0.46 9.98
N GLU A 97 9.70 -0.21 9.64
CA GLU A 97 10.92 0.48 9.26
C GLU A 97 10.97 0.69 7.75
N VAL A 98 9.81 0.61 7.10
CA VAL A 98 9.72 0.80 5.66
C VAL A 98 10.67 -0.13 4.92
N ASN A 99 10.93 -1.29 5.52
CA ASN A 99 11.82 -2.27 4.91
C ASN A 99 11.57 -2.39 3.42
N PRO A 100 12.45 -1.79 2.61
CA PRO A 100 12.34 -1.81 1.15
C PRO A 100 12.64 -3.18 0.57
N LYS A 101 12.93 -4.14 1.45
CA LYS A 101 13.23 -5.50 1.03
C LYS A 101 11.96 -6.34 0.94
N MET A 102 10.95 -5.96 1.74
CA MET A 102 9.69 -6.67 1.75
C MET A 102 8.61 -5.88 1.01
N VAL A 103 8.68 -4.56 1.10
CA VAL A 103 7.72 -3.69 0.44
C VAL A 103 7.48 -4.12 -1.00
N MET A 104 8.45 -4.85 -1.56
CA MET A 104 8.36 -5.32 -2.93
C MET A 104 6.99 -5.94 -3.20
N THR A 105 6.56 -6.81 -2.29
CA THR A 105 5.27 -7.47 -2.43
C THR A 105 4.14 -6.65 -1.81
N VAL A 106 4.45 -5.99 -0.68
CA VAL A 106 3.47 -5.17 0.01
C VAL A 106 2.59 -4.41 -0.98
N PHE A 107 3.23 -3.74 -1.93
CA PHE A 107 2.50 -2.98 -2.93
C PHE A 107 2.12 -3.86 -4.12
N ALA A 108 3.03 -4.74 -4.51
CA ALA A 108 2.78 -5.64 -5.63
C ALA A 108 1.33 -6.11 -5.65
N CYS A 109 0.95 -6.90 -4.65
CA CYS A 109 -0.41 -7.42 -4.55
C CYS A 109 -1.42 -6.34 -4.91
N LEU A 110 -1.10 -5.10 -4.56
CA LEU A 110 -1.99 -3.98 -4.84
C LEU A 110 -1.79 -3.46 -6.27
N MET A 111 -0.65 -2.83 -6.50
CA MET A 111 -0.34 -2.29 -7.82
C MET A 111 -0.74 -3.27 -8.91
N GLY A 112 -0.80 -4.56 -8.57
CA GLY A 112 -1.18 -5.57 -9.53
C GLY A 112 -2.28 -5.10 -10.46
N LYS A 113 -3.14 -4.22 -9.96
CA LYS A 113 -4.25 -3.70 -10.75
C LYS A 113 -3.74 -2.89 -11.94
N GLY A 114 -2.76 -2.02 -11.68
CA GLY A 114 -2.20 -1.20 -12.74
C GLY A 114 -1.41 -2.02 -13.74
N MET A 115 -0.37 -2.68 -13.27
CA MET A 115 0.47 -3.50 -14.14
C MET A 115 0.57 -4.93 -13.62
N LYS A 116 0.86 -5.86 -14.52
CA LYS A 116 0.98 -7.26 -14.14
C LYS A 116 2.29 -7.85 -14.66
N ARG A 117 2.59 -9.08 -14.24
CA ARG A 117 3.81 -9.76 -14.65
C ARG A 117 3.54 -11.22 -14.99
N VAL A 118 4.59 -11.95 -15.37
CA VAL A 118 4.46 -13.35 -15.73
C VAL A 118 4.81 -14.25 -14.54
N SER A 119 3.99 -15.28 -14.34
CA SER A 119 4.21 -16.22 -13.23
C SER A 119 4.20 -17.66 -13.73
N GLY A 120 5.05 -18.49 -13.14
CA GLY A 120 5.12 -19.88 -13.54
C GLY A 120 5.88 -20.73 -12.53
N PRO A 121 6.07 -22.01 -12.86
CA PRO A 121 6.78 -22.96 -12.00
C PRO A 121 8.28 -22.64 -11.90
N SER A 122 8.72 -22.23 -10.71
CA SER A 122 10.12 -21.90 -10.49
C SER A 122 10.78 -22.94 -9.59
N SER A 123 11.48 -23.89 -10.22
CA SER A 123 12.16 -24.95 -9.49
C SER A 123 13.24 -25.59 -10.35
N GLY A 124 14.28 -26.10 -9.70
CA GLY A 124 15.37 -26.74 -10.42
C GLY A 124 14.96 -28.08 -11.00
N GLY A 1 1.33 8.76 -26.05
CA GLY A 1 0.33 8.10 -25.24
C GLY A 1 0.63 6.63 -25.02
N SER A 2 -0.38 5.78 -25.22
CA SER A 2 -0.21 4.35 -25.04
C SER A 2 0.63 3.75 -26.17
N SER A 3 1.94 3.70 -25.94
CA SER A 3 2.86 3.15 -26.94
C SER A 3 4.09 2.54 -26.26
N GLY A 4 4.26 1.23 -26.44
CA GLY A 4 5.40 0.55 -25.83
C GLY A 4 5.06 -0.03 -24.48
N SER A 5 5.96 -0.89 -23.98
CA SER A 5 5.75 -1.53 -22.68
C SER A 5 5.97 -0.53 -21.54
N SER A 6 4.87 0.00 -21.01
CA SER A 6 4.94 0.97 -19.92
C SER A 6 5.67 0.39 -18.72
N GLY A 7 5.88 1.22 -17.71
CA GLY A 7 6.57 0.77 -16.51
C GLY A 7 5.67 0.00 -15.58
N ASN A 8 6.22 -1.04 -14.94
CA ASN A 8 5.44 -1.87 -14.03
C ASN A 8 5.93 -1.67 -12.59
N ASP A 9 7.24 -1.51 -12.43
CA ASP A 9 7.83 -1.30 -11.12
C ASP A 9 7.90 0.17 -10.77
N ASP A 10 7.85 1.02 -11.79
CA ASP A 10 7.90 2.47 -11.60
C ASP A 10 6.53 3.02 -11.24
N ILE A 11 5.49 2.39 -11.77
CA ILE A 11 4.12 2.83 -11.51
C ILE A 11 3.73 2.53 -10.06
N ILE A 12 4.53 1.73 -9.39
CA ILE A 12 4.26 1.37 -8.00
C ILE A 12 4.00 2.61 -7.15
N VAL A 13 4.74 3.68 -7.43
CA VAL A 13 4.60 4.93 -6.70
C VAL A 13 3.47 5.77 -7.28
N ASN A 14 3.42 5.87 -8.59
CA ASN A 14 2.39 6.66 -9.27
C ASN A 14 1.00 6.15 -8.90
N TRP A 15 0.75 4.86 -9.17
CA TRP A 15 -0.54 4.26 -8.86
C TRP A 15 -1.01 4.66 -7.47
N VAL A 16 -0.19 4.35 -6.46
CA VAL A 16 -0.53 4.68 -5.08
C VAL A 16 -0.99 6.13 -4.95
N ASN A 17 -0.23 7.04 -5.55
CA ASN A 17 -0.57 8.45 -5.51
C ASN A 17 -1.93 8.71 -6.13
N GLU A 18 -2.04 8.47 -7.43
CA GLU A 18 -3.29 8.67 -8.15
C GLU A 18 -4.46 8.00 -7.42
N THR A 19 -4.37 6.68 -7.26
CA THR A 19 -5.40 5.93 -6.59
C THR A 19 -5.97 6.71 -5.40
N LEU A 20 -5.08 7.32 -4.62
CA LEU A 20 -5.48 8.09 -3.46
C LEU A 20 -6.08 9.43 -3.87
N ARG A 21 -5.42 10.11 -4.81
CA ARG A 21 -5.88 11.40 -5.29
C ARG A 21 -7.36 11.34 -5.65
N GLU A 22 -7.74 10.32 -6.42
CA GLU A 22 -9.13 10.16 -6.83
C GLU A 22 -10.03 9.83 -5.63
N ALA A 23 -9.45 9.18 -4.63
CA ALA A 23 -10.19 8.81 -3.43
C ALA A 23 -10.25 9.97 -2.45
N GLU A 24 -9.45 11.00 -2.71
CA GLU A 24 -9.40 12.17 -1.85
C GLU A 24 -8.77 11.83 -0.49
N LYS A 25 -7.68 11.09 -0.53
CA LYS A 25 -6.98 10.69 0.69
C LYS A 25 -5.85 11.66 1.01
N SER A 26 -5.59 11.86 2.30
CA SER A 26 -4.53 12.76 2.73
C SER A 26 -3.21 12.03 2.87
N SER A 27 -3.16 10.80 2.33
CA SER A 27 -1.95 9.99 2.40
C SER A 27 -1.24 9.97 1.05
N SER A 28 0.07 9.73 1.08
CA SER A 28 0.87 9.69 -0.14
C SER A 28 2.29 9.23 0.16
N ILE A 29 3.03 8.89 -0.89
CA ILE A 29 4.41 8.44 -0.74
C ILE A 29 5.32 9.13 -1.75
N SER A 30 6.55 9.44 -1.32
CA SER A 30 7.52 10.09 -2.19
C SER A 30 8.31 9.07 -2.98
N SER A 31 8.69 7.98 -2.33
CA SER A 31 9.46 6.92 -2.98
C SER A 31 9.53 5.67 -2.10
N PHE A 32 10.08 4.60 -2.64
CA PHE A 32 10.20 3.34 -1.91
C PHE A 32 10.75 3.59 -0.50
N LYS A 33 11.56 4.62 -0.36
CA LYS A 33 12.15 4.96 0.93
C LYS A 33 11.39 6.11 1.59
N ASP A 34 10.07 6.04 1.56
CA ASP A 34 9.23 7.07 2.14
C ASP A 34 8.99 6.80 3.63
N PRO A 35 9.15 7.83 4.46
CA PRO A 35 8.97 7.73 5.91
C PRO A 35 7.50 7.53 6.29
N LYS A 36 6.62 8.26 5.62
CA LYS A 36 5.19 8.17 5.89
C LYS A 36 4.73 6.71 5.89
N ILE A 37 5.34 5.91 5.03
CA ILE A 37 5.00 4.50 4.93
C ILE A 37 5.02 3.82 6.30
N SER A 38 5.91 4.31 7.17
CA SER A 38 6.03 3.76 8.52
C SER A 38 4.67 3.71 9.22
N THR A 39 3.92 4.80 9.11
CA THR A 39 2.60 4.88 9.73
C THR A 39 1.58 4.06 8.95
N SER A 40 1.99 3.55 7.79
CA SER A 40 1.10 2.75 6.94
C SER A 40 -0.08 3.59 6.45
N LEU A 41 0.13 4.89 6.34
CA LEU A 41 -0.92 5.80 5.88
C LEU A 41 -1.25 5.55 4.42
N PRO A 42 -0.21 5.54 3.57
CA PRO A 42 -0.38 5.30 2.13
C PRO A 42 -0.77 3.86 1.81
N VAL A 43 -0.27 2.94 2.60
CA VAL A 43 -0.57 1.51 2.41
C VAL A 43 -2.01 1.21 2.81
N LEU A 44 -2.45 1.78 3.93
CA LEU A 44 -3.81 1.56 4.42
C LEU A 44 -4.82 2.28 3.54
N ASP A 45 -4.58 3.57 3.30
CA ASP A 45 -5.47 4.38 2.47
C ASP A 45 -5.57 3.79 1.06
N LEU A 46 -4.45 3.36 0.52
CA LEU A 46 -4.41 2.79 -0.83
C LEU A 46 -5.42 1.66 -0.95
N ILE A 47 -5.56 0.87 0.11
CA ILE A 47 -6.49 -0.25 0.11
C ILE A 47 -7.93 0.24 0.17
N ASP A 48 -8.17 1.29 0.95
CA ASP A 48 -9.51 1.85 1.09
C ASP A 48 -9.97 2.49 -0.22
N ALA A 49 -9.08 3.26 -0.84
CA ALA A 49 -9.38 3.93 -2.11
C ALA A 49 -10.15 3.00 -3.04
N ILE A 50 -9.74 1.73 -3.07
CA ILE A 50 -10.39 0.74 -3.92
C ILE A 50 -11.67 0.21 -3.28
N GLN A 51 -11.51 -0.43 -2.12
CA GLN A 51 -12.65 -0.99 -1.41
C GLN A 51 -13.02 -0.12 -0.20
N PRO A 52 -14.05 0.73 -0.39
CA PRO A 52 -14.52 1.64 0.66
C PRO A 52 -15.22 0.88 1.80
N GLY A 53 -14.78 1.15 3.03
CA GLY A 53 -15.37 0.49 4.18
C GLY A 53 -14.39 -0.41 4.89
N SER A 54 -13.46 -1.00 4.14
CA SER A 54 -12.46 -1.89 4.71
C SER A 54 -11.70 -1.21 5.83
N ILE A 55 -11.01 -0.12 5.51
CA ILE A 55 -10.24 0.63 6.49
C ILE A 55 -11.10 1.66 7.20
N ASN A 56 -10.70 2.03 8.41
CA ASN A 56 -11.44 3.01 9.19
C ASN A 56 -10.50 3.80 10.10
N TYR A 57 -10.24 5.05 9.74
CA TYR A 57 -9.35 5.91 10.52
C TYR A 57 -9.73 5.86 12.00
N ASP A 58 -11.03 5.85 12.27
CA ASP A 58 -11.53 5.81 13.64
C ASP A 58 -10.76 4.79 14.46
N LEU A 59 -10.47 3.65 13.87
CA LEU A 59 -9.73 2.58 14.54
C LEU A 59 -8.24 2.77 14.38
N LEU A 60 -7.83 3.28 13.23
CA LEU A 60 -6.41 3.52 12.95
C LEU A 60 -5.81 4.51 13.94
N LYS A 61 -4.51 4.39 14.17
CA LYS A 61 -3.82 5.27 15.09
C LYS A 61 -3.45 6.60 14.42
N THR A 62 -2.55 6.53 13.44
CA THR A 62 -2.11 7.71 12.71
C THR A 62 -1.91 8.90 13.66
N GLU A 63 -1.59 8.60 14.92
CA GLU A 63 -1.37 9.63 15.92
C GLU A 63 -0.08 9.37 16.70
N ASN A 64 0.98 10.09 16.33
CA ASN A 64 2.27 9.93 16.99
C ASN A 64 2.60 8.46 17.21
N LEU A 65 2.48 7.67 16.15
CA LEU A 65 2.76 6.23 16.22
C LEU A 65 4.15 5.99 16.79
N ASN A 66 4.47 4.72 17.02
CA ASN A 66 5.77 4.34 17.57
C ASN A 66 6.07 2.87 17.32
N ASP A 67 7.29 2.46 17.63
CA ASP A 67 7.69 1.07 17.45
C ASP A 67 6.56 0.11 17.81
N ASP A 68 5.75 0.51 18.78
CA ASP A 68 4.62 -0.31 19.22
C ASP A 68 3.42 -0.11 18.31
N GLU A 69 2.82 1.08 18.39
CA GLU A 69 1.65 1.40 17.58
C GLU A 69 1.91 1.08 16.11
N LYS A 70 2.98 1.64 15.56
CA LYS A 70 3.35 1.42 14.17
C LYS A 70 3.12 -0.03 13.77
N LEU A 71 3.64 -0.95 14.58
CA LEU A 71 3.49 -2.38 14.31
C LEU A 71 2.01 -2.75 14.17
N ASN A 72 1.24 -2.48 15.22
CA ASN A 72 -0.19 -2.78 15.22
C ASN A 72 -0.84 -2.36 13.90
N ASN A 73 -0.40 -1.21 13.38
CA ASN A 73 -0.94 -0.69 12.13
C ASN A 73 -0.47 -1.53 10.94
N ALA A 74 0.78 -1.98 11.01
CA ALA A 74 1.35 -2.79 9.94
C ALA A 74 0.55 -4.08 9.75
N LYS A 75 0.22 -4.74 10.86
CA LYS A 75 -0.54 -5.97 10.82
C LYS A 75 -1.85 -5.78 10.06
N TYR A 76 -2.51 -4.66 10.30
CA TYR A 76 -3.78 -4.36 9.64
C TYR A 76 -3.58 -4.14 8.15
N ALA A 77 -2.62 -3.26 7.81
CA ALA A 77 -2.33 -2.97 6.41
C ALA A 77 -2.20 -4.24 5.60
N ILE A 78 -1.48 -5.22 6.14
CA ILE A 78 -1.28 -6.50 5.46
C ILE A 78 -2.48 -7.42 5.65
N SER A 79 -3.10 -7.33 6.82
CA SER A 79 -4.26 -8.17 7.13
C SER A 79 -5.40 -7.89 6.15
N MET A 80 -5.60 -6.62 5.82
CA MET A 80 -6.66 -6.23 4.89
C MET A 80 -6.35 -6.73 3.48
N ALA A 81 -5.09 -6.63 3.08
CA ALA A 81 -4.66 -7.07 1.76
C ALA A 81 -5.22 -8.46 1.44
N ARG A 82 -4.76 -9.46 2.19
CA ARG A 82 -5.21 -10.84 1.99
C ARG A 82 -6.72 -10.94 2.16
N LYS A 83 -7.28 -10.08 3.01
CA LYS A 83 -8.72 -10.09 3.26
C LYS A 83 -9.49 -9.82 1.97
N ILE A 84 -9.19 -8.70 1.33
CA ILE A 84 -9.86 -8.33 0.08
C ILE A 84 -9.47 -9.27 -1.05
N GLY A 85 -8.25 -9.81 -0.98
CA GLY A 85 -7.78 -10.72 -2.00
C GLY A 85 -6.36 -10.43 -2.42
N ALA A 86 -5.49 -10.16 -1.44
CA ALA A 86 -4.09 -9.86 -1.71
C ALA A 86 -3.17 -10.63 -0.77
N ARG A 87 -2.66 -11.76 -1.23
CA ARG A 87 -1.76 -12.59 -0.43
C ARG A 87 -0.35 -12.06 -0.48
N VAL A 88 0.14 -11.59 0.67
CA VAL A 88 1.48 -11.04 0.78
C VAL A 88 2.29 -11.75 1.87
N TYR A 89 3.58 -11.95 1.62
CA TYR A 89 4.45 -12.61 2.57
C TYR A 89 5.10 -11.60 3.51
N ALA A 90 5.22 -10.36 3.04
CA ALA A 90 5.83 -9.29 3.83
C ALA A 90 5.48 -9.45 5.31
N LEU A 91 6.35 -8.94 6.18
CA LEU A 91 6.13 -9.02 7.62
C LEU A 91 5.78 -7.65 8.20
N PRO A 92 4.75 -7.61 9.05
CA PRO A 92 4.31 -6.36 9.69
C PRO A 92 5.31 -5.85 10.71
N GLU A 93 6.34 -6.64 10.98
CA GLU A 93 7.37 -6.26 11.94
C GLU A 93 8.46 -5.42 11.27
N ASP A 94 8.64 -5.63 9.97
CA ASP A 94 9.65 -4.89 9.22
C ASP A 94 9.05 -3.65 8.57
N LEU A 95 7.81 -3.77 8.11
CA LEU A 95 7.10 -2.66 7.47
C LEU A 95 7.18 -1.41 8.33
N VAL A 96 7.17 -1.60 9.65
CA VAL A 96 7.24 -0.48 10.58
C VAL A 96 8.44 0.41 10.30
N GLU A 97 9.57 -0.22 9.94
CA GLU A 97 10.78 0.51 9.64
C GLU A 97 10.92 0.76 8.14
N VAL A 98 9.78 0.95 7.48
CA VAL A 98 9.76 1.20 6.04
C VAL A 98 10.86 0.41 5.34
N ASN A 99 10.94 -0.88 5.64
CA ASN A 99 11.95 -1.74 5.03
C ASN A 99 11.55 -2.12 3.61
N PRO A 100 12.30 -1.61 2.62
CA PRO A 100 12.05 -1.89 1.21
C PRO A 100 12.36 -3.34 0.83
N LYS A 101 12.80 -4.12 1.82
CA LYS A 101 13.13 -5.53 1.60
C LYS A 101 11.86 -6.38 1.54
N MET A 102 10.83 -5.95 2.25
CA MET A 102 9.56 -6.68 2.29
C MET A 102 8.51 -5.96 1.44
N VAL A 103 8.49 -4.64 1.52
CA VAL A 103 7.54 -3.84 0.77
C VAL A 103 7.47 -4.29 -0.69
N MET A 104 8.53 -4.96 -1.15
CA MET A 104 8.60 -5.45 -2.52
C MET A 104 7.28 -6.10 -2.92
N THR A 105 6.67 -6.82 -1.99
CA THR A 105 5.41 -7.50 -2.26
C THR A 105 4.22 -6.67 -1.76
N VAL A 106 4.40 -6.04 -0.59
CA VAL A 106 3.34 -5.22 -0.01
C VAL A 106 2.60 -4.44 -1.09
N PHE A 107 3.34 -3.71 -1.91
CA PHE A 107 2.75 -2.92 -2.98
C PHE A 107 2.48 -3.78 -4.21
N ALA A 108 3.51 -4.49 -4.67
CA ALA A 108 3.37 -5.36 -5.84
C ALA A 108 2.01 -6.04 -5.86
N CYS A 109 1.75 -6.86 -4.85
CA CYS A 109 0.48 -7.58 -4.76
C CYS A 109 -0.68 -6.66 -5.12
N LEU A 110 -0.62 -5.41 -4.66
CA LEU A 110 -1.67 -4.45 -4.94
C LEU A 110 -1.62 -3.97 -6.39
N MET A 111 -0.41 -3.66 -6.85
CA MET A 111 -0.22 -3.19 -8.22
C MET A 111 -1.03 -4.04 -9.20
N GLY A 112 -1.15 -5.33 -8.89
CA GLY A 112 -1.89 -6.23 -9.75
C GLY A 112 -3.17 -5.60 -10.28
N LYS A 113 -3.74 -4.68 -9.51
CA LYS A 113 -4.97 -4.01 -9.91
C LYS A 113 -4.69 -2.96 -10.99
N GLY A 114 -3.55 -2.28 -10.87
CA GLY A 114 -3.19 -1.26 -11.83
C GLY A 114 -3.56 -1.65 -13.25
N MET A 115 -2.84 -2.62 -13.81
CA MET A 115 -3.10 -3.08 -15.17
C MET A 115 -4.06 -4.27 -15.17
N LYS A 116 -3.78 -5.24 -14.29
CA LYS A 116 -4.61 -6.43 -14.19
C LYS A 116 -4.51 -7.28 -15.44
N ARG A 117 -3.28 -7.62 -15.82
CA ARG A 117 -3.05 -8.44 -17.01
C ARG A 117 -3.43 -9.89 -16.76
N VAL A 118 -3.96 -10.16 -15.57
CA VAL A 118 -4.38 -11.51 -15.20
C VAL A 118 -5.46 -12.03 -16.13
N SER A 119 -5.64 -13.34 -16.15
CA SER A 119 -6.64 -13.97 -17.01
C SER A 119 -8.06 -13.59 -16.55
N GLY A 120 -8.72 -12.78 -17.36
CA GLY A 120 -10.07 -12.35 -17.02
C GLY A 120 -11.13 -13.23 -17.67
N PRO A 121 -12.37 -12.72 -17.73
CA PRO A 121 -13.50 -13.44 -18.31
C PRO A 121 -13.38 -13.57 -19.82
N SER A 122 -12.72 -12.60 -20.45
CA SER A 122 -12.53 -12.60 -21.90
C SER A 122 -12.01 -13.96 -22.37
N SER A 123 -12.90 -14.75 -22.97
CA SER A 123 -12.52 -16.07 -23.47
C SER A 123 -12.19 -16.02 -24.95
N GLY A 124 -11.54 -17.07 -25.44
CA GLY A 124 -11.17 -17.12 -26.84
C GLY A 124 -12.25 -17.74 -27.71
N GLY A 1 -4.40 15.47 -12.09
CA GLY A 1 -3.62 15.19 -13.28
C GLY A 1 -2.15 15.54 -13.12
N SER A 2 -1.45 14.76 -12.30
CA SER A 2 -0.04 14.99 -12.05
C SER A 2 0.82 13.96 -12.79
N SER A 3 1.26 14.32 -13.99
CA SER A 3 2.09 13.43 -14.80
C SER A 3 3.43 13.15 -14.11
N GLY A 4 3.99 11.98 -14.40
CA GLY A 4 5.27 11.62 -13.81
C GLY A 4 5.93 10.47 -14.52
N SER A 5 7.18 10.67 -14.96
CA SER A 5 7.92 9.64 -15.67
C SER A 5 8.03 8.38 -14.82
N SER A 6 7.72 7.24 -15.44
CA SER A 6 7.78 5.95 -14.74
C SER A 6 7.97 4.81 -15.73
N GLY A 7 9.05 4.05 -15.56
CA GLY A 7 9.32 2.93 -16.43
C GLY A 7 8.23 1.88 -16.40
N ASN A 8 8.59 0.67 -16.00
CA ASN A 8 7.64 -0.43 -15.92
C ASN A 8 7.30 -0.75 -14.46
N ASP A 9 8.33 -0.85 -13.63
CA ASP A 9 8.14 -1.16 -12.22
C ASP A 9 8.05 0.13 -11.39
N ASP A 10 8.38 1.24 -12.02
CA ASP A 10 8.34 2.54 -11.35
C ASP A 10 6.90 3.01 -11.17
N ILE A 11 5.97 2.35 -11.85
CA ILE A 11 4.56 2.71 -11.77
C ILE A 11 3.97 2.28 -10.43
N ILE A 12 4.70 1.44 -9.71
CA ILE A 12 4.25 0.95 -8.40
C ILE A 12 4.01 2.11 -7.44
N VAL A 13 4.74 3.20 -7.63
CA VAL A 13 4.60 4.37 -6.78
C VAL A 13 3.48 5.28 -7.28
N ASN A 14 3.53 5.60 -8.57
CA ASN A 14 2.51 6.47 -9.17
C ASN A 14 1.11 5.91 -8.96
N TRP A 15 0.97 4.59 -9.16
CA TRP A 15 -0.32 3.93 -8.98
C TRP A 15 -0.92 4.28 -7.62
N VAL A 16 -0.11 4.19 -6.57
CA VAL A 16 -0.58 4.49 -5.23
C VAL A 16 -1.07 5.94 -5.13
N ASN A 17 -0.28 6.87 -5.66
CA ASN A 17 -0.64 8.28 -5.62
C ASN A 17 -2.01 8.50 -6.23
N GLU A 18 -2.22 8.00 -7.44
CA GLU A 18 -3.50 8.15 -8.12
C GLU A 18 -4.63 7.57 -7.29
N THR A 19 -4.54 6.28 -6.98
CA THR A 19 -5.55 5.60 -6.19
C THR A 19 -6.03 6.48 -5.04
N LEU A 20 -5.09 7.23 -4.45
CA LEU A 20 -5.41 8.12 -3.34
C LEU A 20 -6.09 9.39 -3.83
N ARG A 21 -5.54 9.97 -4.89
CA ARG A 21 -6.09 11.21 -5.46
C ARG A 21 -7.55 11.01 -5.86
N GLU A 22 -7.83 9.95 -6.61
CA GLU A 22 -9.18 9.65 -7.06
C GLU A 22 -10.11 9.42 -5.87
N ALA A 23 -9.53 9.02 -4.74
CA ALA A 23 -10.30 8.76 -3.53
C ALA A 23 -10.33 10.00 -2.63
N GLU A 24 -9.50 10.99 -2.95
CA GLU A 24 -9.43 12.21 -2.17
C GLU A 24 -8.77 11.96 -0.83
N LYS A 25 -7.65 11.25 -0.84
CA LYS A 25 -6.91 10.94 0.38
C LYS A 25 -5.80 11.95 0.61
N SER A 26 -5.46 12.17 1.88
CA SER A 26 -4.40 13.11 2.23
C SER A 26 -3.07 12.40 2.40
N SER A 27 -3.00 11.16 1.91
CA SER A 27 -1.77 10.37 2.01
C SER A 27 -0.99 10.42 0.70
N SER A 28 0.26 9.96 0.76
CA SER A 28 1.12 9.95 -0.42
C SER A 28 2.46 9.29 -0.11
N ILE A 29 3.16 8.85 -1.16
CA ILE A 29 4.45 8.21 -0.99
C ILE A 29 5.44 8.67 -2.05
N SER A 30 6.55 9.24 -1.61
CA SER A 30 7.58 9.73 -2.52
C SER A 30 8.23 8.58 -3.29
N SER A 31 8.55 7.51 -2.57
CA SER A 31 9.18 6.34 -3.19
C SER A 31 9.20 5.16 -2.21
N PHE A 32 9.55 3.99 -2.72
CA PHE A 32 9.61 2.79 -1.90
C PHE A 32 10.25 3.07 -0.55
N LYS A 33 11.11 4.08 -0.52
CA LYS A 33 11.79 4.47 0.71
C LYS A 33 11.17 5.73 1.31
N ASP A 34 9.84 5.78 1.31
CA ASP A 34 9.12 6.93 1.86
C ASP A 34 8.98 6.82 3.37
N PRO A 35 9.15 7.94 4.07
CA PRO A 35 9.04 7.99 5.54
C PRO A 35 7.61 7.80 6.02
N LYS A 36 6.67 8.49 5.37
CA LYS A 36 5.27 8.40 5.73
C LYS A 36 4.82 6.94 5.82
N ILE A 37 5.44 6.09 5.01
CA ILE A 37 5.10 4.67 5.00
C ILE A 37 5.21 4.07 6.39
N SER A 38 6.09 4.63 7.21
CA SER A 38 6.28 4.15 8.58
C SER A 38 4.94 4.04 9.31
N THR A 39 4.08 5.03 9.12
CA THR A 39 2.78 5.05 9.75
C THR A 39 1.78 4.18 8.98
N SER A 40 2.19 3.72 7.80
CA SER A 40 1.34 2.89 6.97
C SER A 40 0.11 3.66 6.49
N LEU A 41 0.26 4.98 6.38
CA LEU A 41 -0.83 5.84 5.93
C LEU A 41 -1.17 5.57 4.48
N PRO A 42 -0.15 5.62 3.61
CA PRO A 42 -0.31 5.38 2.17
C PRO A 42 -0.64 3.93 1.85
N VAL A 43 -0.23 3.03 2.75
CA VAL A 43 -0.47 1.60 2.56
C VAL A 43 -1.89 1.24 3.00
N LEU A 44 -2.38 1.90 4.04
CA LEU A 44 -3.72 1.64 4.56
C LEU A 44 -4.77 2.39 3.75
N ASP A 45 -4.49 3.66 3.47
CA ASP A 45 -5.42 4.49 2.70
C ASP A 45 -5.55 3.97 1.28
N LEU A 46 -4.45 3.50 0.71
CA LEU A 46 -4.45 2.97 -0.65
C LEU A 46 -5.46 1.83 -0.79
N ILE A 47 -5.54 0.99 0.24
CA ILE A 47 -6.46 -0.13 0.24
C ILE A 47 -7.91 0.34 0.24
N ASP A 48 -8.26 1.17 1.21
CA ASP A 48 -9.61 1.69 1.33
C ASP A 48 -10.04 2.38 0.03
N ALA A 49 -9.13 3.17 -0.54
CA ALA A 49 -9.42 3.89 -1.78
C ALA A 49 -10.24 3.03 -2.73
N ILE A 50 -9.77 1.81 -2.98
CA ILE A 50 -10.46 0.89 -3.88
C ILE A 50 -11.68 0.28 -3.20
N GLN A 51 -11.48 -0.25 -2.00
CA GLN A 51 -12.57 -0.87 -1.25
C GLN A 51 -12.86 -0.07 0.03
N PRO A 52 -13.87 0.81 -0.04
CA PRO A 52 -14.27 1.64 1.10
C PRO A 52 -14.93 0.83 2.20
N GLY A 53 -14.44 1.01 3.43
CA GLY A 53 -14.99 0.28 4.56
C GLY A 53 -13.96 -0.56 5.27
N SER A 54 -13.15 -1.29 4.50
CA SER A 54 -12.12 -2.15 5.06
C SER A 54 -11.31 -1.41 6.12
N ILE A 55 -11.00 -0.15 5.83
CA ILE A 55 -10.23 0.68 6.76
C ILE A 55 -11.14 1.53 7.62
N ASN A 56 -10.82 1.61 8.91
CA ASN A 56 -11.62 2.40 9.85
C ASN A 56 -10.72 3.32 10.68
N TYR A 57 -10.45 4.50 10.16
CA TYR A 57 -9.61 5.46 10.86
C TYR A 57 -9.94 5.50 12.35
N ASP A 58 -11.23 5.48 12.65
CA ASP A 58 -11.68 5.50 14.05
C ASP A 58 -10.86 4.55 14.91
N LEU A 59 -10.62 3.36 14.38
CA LEU A 59 -9.85 2.35 15.10
C LEU A 59 -8.35 2.57 14.92
N LEU A 60 -7.96 3.06 13.75
CA LEU A 60 -6.56 3.33 13.45
C LEU A 60 -6.01 4.41 14.37
N LYS A 61 -4.70 4.35 14.62
CA LYS A 61 -4.05 5.32 15.49
C LYS A 61 -3.81 6.64 14.75
N THR A 62 -2.81 6.64 13.86
CA THR A 62 -2.49 7.83 13.09
C THR A 62 -2.19 9.01 14.01
N GLU A 63 -1.53 8.75 15.12
CA GLU A 63 -1.19 9.80 16.07
C GLU A 63 0.02 9.39 16.92
N ASN A 64 1.13 10.08 16.71
CA ASN A 64 2.36 9.79 17.45
C ASN A 64 2.64 8.29 17.48
N LEU A 65 2.58 7.66 16.32
CA LEU A 65 2.83 6.22 16.21
C LEU A 65 4.26 5.88 16.61
N ASN A 66 4.45 4.67 17.12
CA ASN A 66 5.77 4.23 17.55
C ASN A 66 5.92 2.72 17.34
N ASP A 67 7.13 2.22 17.56
CA ASP A 67 7.42 0.80 17.40
C ASP A 67 6.22 -0.04 17.84
N ASP A 68 5.47 0.47 18.81
CA ASP A 68 4.30 -0.24 19.32
C ASP A 68 3.11 -0.05 18.38
N GLU A 69 2.61 1.17 18.30
CA GLU A 69 1.47 1.48 17.44
C GLU A 69 1.77 1.11 15.99
N LYS A 70 2.83 1.70 15.45
CA LYS A 70 3.22 1.44 14.07
C LYS A 70 3.01 -0.03 13.71
N LEU A 71 3.52 -0.91 14.56
CA LEU A 71 3.39 -2.35 14.34
C LEU A 71 1.93 -2.75 14.14
N ASN A 72 1.09 -2.40 15.11
CA ASN A 72 -0.33 -2.71 15.04
C ASN A 72 -0.91 -2.27 13.70
N ASN A 73 -0.51 -1.09 13.24
CA ASN A 73 -1.00 -0.55 11.97
C ASN A 73 -0.43 -1.35 10.80
N ALA A 74 0.78 -1.88 10.97
CA ALA A 74 1.43 -2.66 9.93
C ALA A 74 0.78 -4.04 9.79
N LYS A 75 0.52 -4.67 10.93
CA LYS A 75 -0.10 -6.00 10.93
C LYS A 75 -1.52 -5.94 10.38
N TYR A 76 -2.21 -4.84 10.66
CA TYR A 76 -3.57 -4.67 10.19
C TYR A 76 -3.62 -4.48 8.67
N ALA A 77 -2.74 -3.63 8.16
CA ALA A 77 -2.66 -3.37 6.73
C ALA A 77 -2.57 -4.68 5.93
N ILE A 78 -1.51 -5.44 6.19
CA ILE A 78 -1.32 -6.71 5.50
C ILE A 78 -2.59 -7.55 5.50
N SER A 79 -3.30 -7.52 6.62
CA SER A 79 -4.54 -8.29 6.75
C SER A 79 -5.58 -7.80 5.74
N MET A 80 -5.96 -6.53 5.85
CA MET A 80 -6.94 -5.93 4.95
C MET A 80 -6.65 -6.33 3.51
N ALA A 81 -5.41 -6.15 3.09
CA ALA A 81 -5.00 -6.49 1.73
C ALA A 81 -5.24 -7.96 1.43
N ARG A 82 -4.50 -8.83 2.10
CA ARG A 82 -4.63 -10.28 1.90
C ARG A 82 -6.06 -10.73 2.21
N LYS A 83 -6.84 -9.84 2.82
CA LYS A 83 -8.22 -10.15 3.16
C LYS A 83 -9.16 -9.86 2.00
N ILE A 84 -8.93 -8.73 1.33
CA ILE A 84 -9.75 -8.34 0.20
C ILE A 84 -9.33 -9.08 -1.07
N GLY A 85 -8.12 -9.59 -1.07
CA GLY A 85 -7.61 -10.32 -2.22
C GLY A 85 -6.28 -9.79 -2.71
N ALA A 86 -5.20 -10.21 -2.09
CA ALA A 86 -3.87 -9.77 -2.47
C ALA A 86 -2.79 -10.59 -1.75
N ARG A 87 -2.03 -11.35 -2.54
CA ARG A 87 -0.96 -12.18 -1.98
C ARG A 87 0.12 -11.33 -1.33
N VAL A 88 -0.01 -11.12 -0.02
CA VAL A 88 0.95 -10.32 0.73
C VAL A 88 1.90 -11.21 1.54
N TYR A 89 3.00 -11.61 0.92
CA TYR A 89 3.97 -12.46 1.58
C TYR A 89 5.07 -11.62 2.26
N ALA A 90 4.64 -10.65 3.06
CA ALA A 90 5.58 -9.78 3.76
C ALA A 90 5.28 -9.76 5.26
N LEU A 91 6.22 -9.21 6.04
CA LEU A 91 6.06 -9.13 7.47
C LEU A 91 5.84 -7.68 7.92
N PRO A 92 4.85 -7.48 8.81
CA PRO A 92 4.52 -6.15 9.33
C PRO A 92 5.61 -5.60 10.25
N GLU A 93 6.45 -6.49 10.77
CA GLU A 93 7.53 -6.09 11.67
C GLU A 93 8.57 -5.27 10.92
N ASP A 94 8.75 -5.57 9.64
CA ASP A 94 9.72 -4.85 8.82
C ASP A 94 9.10 -3.60 8.20
N LEU A 95 7.80 -3.66 7.94
CA LEU A 95 7.08 -2.54 7.36
C LEU A 95 7.19 -1.30 8.25
N VAL A 96 7.18 -1.53 9.55
CA VAL A 96 7.28 -0.44 10.52
C VAL A 96 8.53 0.41 10.27
N GLU A 97 9.64 -0.26 10.02
CA GLU A 97 10.90 0.43 9.76
C GLU A 97 11.08 0.71 8.27
N VAL A 98 9.98 1.03 7.60
CA VAL A 98 10.01 1.32 6.17
C VAL A 98 11.06 0.45 5.46
N ASN A 99 10.98 -0.85 5.66
CA ASN A 99 11.91 -1.78 5.04
C ASN A 99 11.41 -2.24 3.68
N PRO A 100 12.10 -1.80 2.61
CA PRO A 100 11.74 -2.16 1.23
C PRO A 100 12.00 -3.64 0.93
N LYS A 101 12.56 -4.35 1.90
CA LYS A 101 12.86 -5.76 1.74
C LYS A 101 11.58 -6.59 1.79
N MET A 102 10.64 -6.18 2.62
CA MET A 102 9.37 -6.88 2.76
C MET A 102 8.26 -6.15 2.02
N VAL A 103 8.32 -4.82 2.02
CA VAL A 103 7.32 -4.01 1.35
C VAL A 103 7.27 -4.32 -0.14
N MET A 104 8.40 -4.72 -0.71
CA MET A 104 8.48 -5.05 -2.11
C MET A 104 7.19 -5.73 -2.59
N THR A 105 6.59 -6.51 -1.71
CA THR A 105 5.35 -7.21 -2.04
C THR A 105 4.13 -6.42 -1.57
N VAL A 106 4.23 -5.82 -0.39
CA VAL A 106 3.14 -5.03 0.17
C VAL A 106 2.41 -4.24 -0.91
N PHE A 107 3.19 -3.58 -1.76
CA PHE A 107 2.62 -2.78 -2.84
C PHE A 107 2.35 -3.65 -4.08
N ALA A 108 3.35 -4.43 -4.46
CA ALA A 108 3.22 -5.31 -5.62
C ALA A 108 1.85 -5.97 -5.65
N CYS A 109 1.49 -6.66 -4.58
CA CYS A 109 0.20 -7.33 -4.49
C CYS A 109 -0.94 -6.36 -4.76
N LEU A 110 -0.75 -5.10 -4.38
CA LEU A 110 -1.76 -4.07 -4.57
C LEU A 110 -1.71 -3.52 -5.99
N MET A 111 -0.62 -2.81 -6.30
CA MET A 111 -0.45 -2.24 -7.64
C MET A 111 -0.71 -3.28 -8.72
N GLY A 112 -0.52 -4.55 -8.37
CA GLY A 112 -0.73 -5.61 -9.33
C GLY A 112 -1.92 -5.35 -10.23
N LYS A 113 -2.92 -4.65 -9.70
CA LYS A 113 -4.12 -4.34 -10.46
C LYS A 113 -3.78 -3.57 -11.73
N GLY A 114 -2.91 -2.56 -11.59
CA GLY A 114 -2.51 -1.78 -12.74
C GLY A 114 -1.89 -2.61 -13.84
N MET A 115 -0.57 -2.67 -13.86
CA MET A 115 0.14 -3.44 -14.87
C MET A 115 -0.11 -4.94 -14.70
N LYS A 116 -0.06 -5.68 -15.80
CA LYS A 116 -0.28 -7.11 -15.77
C LYS A 116 0.97 -7.86 -15.28
N ARG A 117 0.82 -8.60 -14.19
CA ARG A 117 1.94 -9.35 -13.63
C ARG A 117 1.48 -10.73 -13.16
N VAL A 118 2.43 -11.64 -13.02
CA VAL A 118 2.13 -13.00 -12.57
C VAL A 118 1.28 -12.99 -11.31
N SER A 119 1.61 -12.07 -10.39
CA SER A 119 0.88 -11.96 -9.13
C SER A 119 -0.62 -11.84 -9.38
N GLY A 120 -0.99 -10.91 -10.25
CA GLY A 120 -2.40 -10.71 -10.56
C GLY A 120 -2.83 -11.46 -11.80
N PRO A 121 -4.09 -11.95 -11.79
CA PRO A 121 -4.64 -12.71 -12.93
C PRO A 121 -4.89 -11.82 -14.14
N SER A 122 -5.52 -10.67 -13.91
CA SER A 122 -5.82 -9.74 -15.00
C SER A 122 -6.33 -8.41 -14.44
N SER A 123 -6.22 -7.36 -15.24
CA SER A 123 -6.67 -6.03 -14.84
C SER A 123 -8.16 -5.89 -15.01
N GLY A 124 -8.91 -6.24 -13.97
CA GLY A 124 -10.37 -6.14 -14.03
C GLY A 124 -11.04 -7.21 -13.21
N GLY A 1 14.98 -1.26 -15.11
CA GLY A 1 13.76 -0.93 -15.82
C GLY A 1 13.84 0.41 -16.52
N SER A 2 12.68 1.02 -16.78
CA SER A 2 12.62 2.31 -17.44
C SER A 2 11.92 3.35 -16.57
N SER A 3 12.38 4.59 -16.65
CA SER A 3 11.80 5.67 -15.86
C SER A 3 11.15 6.71 -16.76
N GLY A 4 9.95 7.15 -16.39
CA GLY A 4 9.24 8.14 -17.19
C GLY A 4 7.83 7.72 -17.53
N SER A 5 7.57 7.53 -18.83
CA SER A 5 6.24 7.12 -19.28
C SER A 5 6.02 5.63 -19.04
N SER A 6 6.91 4.81 -19.59
CA SER A 6 6.82 3.36 -19.44
C SER A 6 7.48 2.90 -18.15
N GLY A 7 6.94 1.84 -17.56
CA GLY A 7 7.49 1.32 -16.32
C GLY A 7 6.51 0.43 -15.58
N ASN A 8 7.04 -0.57 -14.88
CA ASN A 8 6.21 -1.50 -14.13
C ASN A 8 6.53 -1.43 -12.64
N ASP A 9 7.83 -1.37 -12.32
CA ASP A 9 8.27 -1.30 -10.94
C ASP A 9 8.25 0.14 -10.43
N ASP A 10 8.48 1.09 -11.34
CA ASP A 10 8.50 2.50 -10.99
C ASP A 10 7.08 3.01 -10.74
N ILE A 11 6.14 2.56 -11.56
CA ILE A 11 4.75 2.97 -11.44
C ILE A 11 4.19 2.60 -10.07
N ILE A 12 4.81 1.63 -9.42
CA ILE A 12 4.38 1.19 -8.10
C ILE A 12 4.08 2.37 -7.19
N VAL A 13 4.84 3.44 -7.37
CA VAL A 13 4.64 4.65 -6.57
C VAL A 13 3.55 5.53 -7.16
N ASN A 14 3.60 5.73 -8.46
CA ASN A 14 2.61 6.56 -9.15
C ASN A 14 1.20 5.99 -8.96
N TRP A 15 1.02 4.74 -9.37
CA TRP A 15 -0.28 4.08 -9.25
C TRP A 15 -0.91 4.40 -7.89
N VAL A 16 -0.13 4.27 -6.83
CA VAL A 16 -0.63 4.53 -5.49
C VAL A 16 -1.08 5.98 -5.34
N ASN A 17 -0.22 6.91 -5.75
CA ASN A 17 -0.54 8.33 -5.67
C ASN A 17 -1.88 8.62 -6.34
N GLU A 18 -2.04 8.15 -7.57
CA GLU A 18 -3.28 8.37 -8.31
C GLU A 18 -4.47 7.77 -7.57
N THR A 19 -4.36 6.49 -7.22
CA THR A 19 -5.43 5.80 -6.50
C THR A 19 -5.94 6.63 -5.34
N LEU A 20 -5.03 7.19 -4.56
CA LEU A 20 -5.38 8.01 -3.42
C LEU A 20 -5.98 9.35 -3.86
N ARG A 21 -5.35 9.96 -4.87
CA ARG A 21 -5.81 11.24 -5.39
C ARG A 21 -7.26 11.14 -5.86
N GLU A 22 -7.57 10.05 -6.55
CA GLU A 22 -8.93 9.83 -7.05
C GLU A 22 -9.94 9.90 -5.93
N ALA A 23 -9.62 9.30 -4.79
CA ALA A 23 -10.50 9.29 -3.64
C ALA A 23 -10.34 10.56 -2.81
N GLU A 24 -9.29 11.33 -3.12
CA GLU A 24 -9.03 12.57 -2.39
C GLU A 24 -8.45 12.29 -1.01
N LYS A 25 -7.64 11.24 -0.93
CA LYS A 25 -7.02 10.85 0.34
C LYS A 25 -5.90 11.83 0.71
N SER A 26 -5.64 11.96 2.01
CA SER A 26 -4.60 12.86 2.50
C SER A 26 -3.27 12.12 2.61
N SER A 27 -3.23 10.89 2.15
CA SER A 27 -2.03 10.08 2.19
C SER A 27 -1.30 10.09 0.85
N SER A 28 -0.01 9.78 0.87
CA SER A 28 0.79 9.76 -0.34
C SER A 28 2.20 9.27 -0.04
N ILE A 29 2.90 8.83 -1.10
CA ILE A 29 4.27 8.33 -0.95
C ILE A 29 5.18 8.89 -2.03
N SER A 30 6.41 9.20 -1.66
CA SER A 30 7.38 9.75 -2.60
C SER A 30 8.13 8.64 -3.33
N SER A 31 8.51 7.60 -2.57
CA SER A 31 9.24 6.47 -3.14
C SER A 31 9.28 5.31 -2.15
N PHE A 32 9.78 4.16 -2.62
CA PHE A 32 9.88 2.98 -1.78
C PHE A 32 10.53 3.31 -0.44
N LYS A 33 11.41 4.31 -0.46
CA LYS A 33 12.12 4.72 0.76
C LYS A 33 11.41 5.91 1.40
N ASP A 34 10.08 5.88 1.40
CA ASP A 34 9.30 6.96 1.99
C ASP A 34 9.06 6.70 3.47
N PRO A 35 9.36 7.71 4.31
CA PRO A 35 9.19 7.61 5.76
C PRO A 35 7.72 7.59 6.17
N LYS A 36 6.89 8.26 5.38
CA LYS A 36 5.45 8.32 5.66
C LYS A 36 4.85 6.92 5.72
N ILE A 37 5.50 5.97 5.05
CA ILE A 37 5.03 4.60 5.03
C ILE A 37 5.07 3.98 6.42
N SER A 38 5.95 4.50 7.26
CA SER A 38 6.09 4.00 8.62
C SER A 38 4.74 3.98 9.34
N THR A 39 3.93 5.00 9.09
CA THR A 39 2.61 5.10 9.71
C THR A 39 1.59 4.25 8.96
N SER A 40 2.00 3.71 7.82
CA SER A 40 1.11 2.89 7.01
C SER A 40 -0.09 3.69 6.50
N LEU A 41 0.10 5.00 6.37
CA LEU A 41 -0.95 5.88 5.91
C LEU A 41 -1.29 5.60 4.44
N PRO A 42 -0.26 5.59 3.59
CA PRO A 42 -0.42 5.34 2.15
C PRO A 42 -0.79 3.89 1.86
N VAL A 43 -0.33 2.99 2.71
CA VAL A 43 -0.61 1.57 2.55
C VAL A 43 -2.06 1.25 2.93
N LEU A 44 -2.54 1.91 3.97
CA LEU A 44 -3.91 1.70 4.43
C LEU A 44 -4.91 2.43 3.54
N ASP A 45 -4.66 3.70 3.31
CA ASP A 45 -5.54 4.52 2.47
C ASP A 45 -5.65 3.92 1.06
N LEU A 46 -4.53 3.46 0.53
CA LEU A 46 -4.49 2.86 -0.79
C LEU A 46 -5.49 1.70 -0.89
N ILE A 47 -5.57 0.91 0.16
CA ILE A 47 -6.48 -0.23 0.20
C ILE A 47 -7.94 0.24 0.27
N ASP A 48 -8.24 1.08 1.25
CA ASP A 48 -9.58 1.61 1.42
C ASP A 48 -10.09 2.26 0.14
N ALA A 49 -9.28 3.15 -0.43
CA ALA A 49 -9.64 3.84 -1.66
C ALA A 49 -10.35 2.89 -2.63
N ILE A 50 -9.81 1.69 -2.78
CA ILE A 50 -10.40 0.70 -3.68
C ILE A 50 -11.62 0.03 -3.04
N GLN A 51 -11.41 -0.64 -1.92
CA GLN A 51 -12.49 -1.32 -1.21
C GLN A 51 -12.83 -0.59 0.08
N PRO A 52 -13.87 0.26 0.03
CA PRO A 52 -14.32 1.02 1.20
C PRO A 52 -14.96 0.15 2.26
N GLY A 53 -14.74 0.49 3.52
CA GLY A 53 -15.31 -0.28 4.62
C GLY A 53 -14.27 -1.12 5.34
N SER A 54 -13.24 -1.54 4.61
CA SER A 54 -12.18 -2.36 5.18
C SER A 54 -11.44 -1.59 6.27
N ILE A 55 -10.79 -0.49 5.89
CA ILE A 55 -10.05 0.33 6.83
C ILE A 55 -10.99 1.21 7.66
N ASN A 56 -10.57 1.52 8.88
CA ASN A 56 -11.37 2.35 9.77
C ASN A 56 -10.48 3.26 10.62
N TYR A 57 -10.44 4.54 10.26
CA TYR A 57 -9.64 5.50 11.00
C TYR A 57 -9.93 5.46 12.49
N ASP A 58 -11.19 5.22 12.83
CA ASP A 58 -11.61 5.14 14.22
C ASP A 58 -10.66 4.26 15.03
N LEU A 59 -10.26 3.14 14.43
CA LEU A 59 -9.36 2.21 15.09
C LEU A 59 -7.90 2.62 14.86
N LEU A 60 -7.62 3.14 13.68
CA LEU A 60 -6.26 3.57 13.35
C LEU A 60 -5.70 4.49 14.42
N LYS A 61 -4.41 4.79 14.31
CA LYS A 61 -3.74 5.67 15.27
C LYS A 61 -3.36 6.99 14.62
N THR A 62 -2.60 6.92 13.53
CA THR A 62 -2.16 8.11 12.81
C THR A 62 -1.92 9.26 13.77
N GLU A 63 -1.46 8.94 14.98
CA GLU A 63 -1.17 9.95 15.99
C GLU A 63 0.14 9.66 16.70
N ASN A 64 1.17 10.46 16.40
CA ASN A 64 2.47 10.29 17.00
C ASN A 64 2.81 8.81 17.18
N LEU A 65 2.45 8.01 16.18
CA LEU A 65 2.71 6.57 16.23
C LEU A 65 4.11 6.29 16.76
N ASN A 66 4.36 5.04 17.13
CA ASN A 66 5.66 4.63 17.67
C ASN A 66 5.94 3.18 17.34
N ASP A 67 7.20 2.78 17.49
CA ASP A 67 7.61 1.41 17.21
C ASP A 67 6.55 0.41 17.68
N ASP A 68 5.77 0.82 18.68
CA ASP A 68 4.71 -0.04 19.22
C ASP A 68 3.47 0.05 18.35
N GLU A 69 2.86 1.24 18.31
CA GLU A 69 1.65 1.45 17.52
C GLU A 69 1.90 1.14 16.06
N LYS A 70 2.94 1.74 15.49
CA LYS A 70 3.28 1.53 14.09
C LYS A 70 3.12 0.06 13.71
N LEU A 71 3.62 -0.82 14.56
CA LEU A 71 3.54 -2.26 14.31
C LEU A 71 2.09 -2.71 14.17
N ASN A 72 1.28 -2.39 15.19
CA ASN A 72 -0.13 -2.75 15.17
C ASN A 72 -0.79 -2.35 13.86
N ASN A 73 -0.37 -1.22 13.31
CA ASN A 73 -0.91 -0.72 12.05
C ASN A 73 -0.46 -1.60 10.89
N ALA A 74 0.79 -2.03 10.92
CA ALA A 74 1.35 -2.88 9.86
C ALA A 74 0.64 -4.23 9.82
N LYS A 75 0.53 -4.87 10.99
CA LYS A 75 -0.12 -6.16 11.09
C LYS A 75 -1.56 -6.10 10.57
N TYR A 76 -2.26 -5.02 10.93
CA TYR A 76 -3.64 -4.84 10.50
C TYR A 76 -3.72 -4.57 8.99
N ALA A 77 -2.93 -3.60 8.53
CA ALA A 77 -2.90 -3.25 7.12
C ALA A 77 -2.76 -4.50 6.24
N ILE A 78 -1.66 -5.22 6.42
CA ILE A 78 -1.41 -6.43 5.65
C ILE A 78 -2.63 -7.35 5.65
N SER A 79 -3.26 -7.48 6.81
CA SER A 79 -4.44 -8.32 6.95
C SER A 79 -5.49 -7.96 5.90
N MET A 80 -5.83 -6.68 5.82
CA MET A 80 -6.82 -6.20 4.86
C MET A 80 -6.48 -6.68 3.46
N ALA A 81 -5.22 -6.56 3.07
CA ALA A 81 -4.77 -6.98 1.75
C ALA A 81 -5.34 -8.34 1.39
N ARG A 82 -5.23 -9.29 2.32
CA ARG A 82 -5.73 -10.63 2.10
C ARG A 82 -7.25 -10.66 2.10
N LYS A 83 -7.85 -9.92 3.02
CA LYS A 83 -9.31 -9.85 3.12
C LYS A 83 -9.93 -9.45 1.79
N ILE A 84 -9.38 -8.39 1.19
CA ILE A 84 -9.88 -7.90 -0.09
C ILE A 84 -9.55 -8.87 -1.22
N GLY A 85 -8.49 -9.66 -1.03
CA GLY A 85 -8.08 -10.61 -2.03
C GLY A 85 -6.72 -10.30 -2.62
N ALA A 86 -5.67 -10.78 -1.97
CA ALA A 86 -4.31 -10.54 -2.44
C ALA A 86 -3.30 -11.33 -1.61
N ARG A 87 -2.71 -12.36 -2.22
CA ARG A 87 -1.73 -13.18 -1.53
C ARG A 87 -0.40 -12.46 -1.41
N VAL A 88 -0.20 -11.76 -0.30
CA VAL A 88 1.04 -11.03 -0.07
C VAL A 88 1.98 -11.80 0.85
N TYR A 89 3.27 -11.74 0.56
CA TYR A 89 4.27 -12.43 1.36
C TYR A 89 5.26 -11.45 1.98
N ALA A 90 4.80 -10.70 2.97
CA ALA A 90 5.65 -9.71 3.63
C ALA A 90 5.47 -9.78 5.15
N LEU A 91 6.20 -8.94 5.86
CA LEU A 91 6.13 -8.90 7.33
C LEU A 91 5.86 -7.48 7.81
N PRO A 92 4.92 -7.34 8.76
CA PRO A 92 4.55 -6.05 9.33
C PRO A 92 5.65 -5.48 10.23
N GLU A 93 6.41 -6.37 10.87
CA GLU A 93 7.50 -5.95 11.75
C GLU A 93 8.50 -5.09 10.99
N ASP A 94 8.81 -5.49 9.76
CA ASP A 94 9.76 -4.75 8.93
C ASP A 94 9.11 -3.49 8.36
N LEU A 95 7.85 -3.61 7.96
CA LEU A 95 7.13 -2.48 7.39
C LEU A 95 7.23 -1.25 8.29
N VAL A 96 7.12 -1.48 9.59
CA VAL A 96 7.20 -0.39 10.57
C VAL A 96 8.37 0.54 10.25
N GLU A 97 9.53 -0.05 9.96
CA GLU A 97 10.72 0.73 9.65
C GLU A 97 10.86 0.92 8.14
N VAL A 98 9.73 1.12 7.46
CA VAL A 98 9.71 1.31 6.02
C VAL A 98 10.80 0.48 5.35
N ASN A 99 10.81 -0.82 5.64
CA ASN A 99 11.80 -1.72 5.05
C ASN A 99 11.37 -2.17 3.66
N PRO A 100 12.16 -1.80 2.65
CA PRO A 100 11.88 -2.15 1.25
C PRO A 100 12.08 -3.64 0.98
N LYS A 101 12.46 -4.38 2.02
CA LYS A 101 12.70 -5.81 1.90
C LYS A 101 11.37 -6.57 1.79
N MET A 102 10.35 -6.07 2.49
CA MET A 102 9.04 -6.69 2.46
C MET A 102 8.07 -5.89 1.60
N VAL A 103 8.21 -4.57 1.64
CA VAL A 103 7.34 -3.68 0.86
C VAL A 103 7.31 -4.10 -0.60
N MET A 104 8.29 -4.91 -1.00
CA MET A 104 8.38 -5.39 -2.37
C MET A 104 7.10 -6.13 -2.78
N THR A 105 6.55 -6.88 -1.84
CA THR A 105 5.32 -7.64 -2.09
C THR A 105 4.09 -6.89 -1.61
N VAL A 106 4.26 -6.11 -0.56
CA VAL A 106 3.16 -5.33 0.00
C VAL A 106 2.43 -4.55 -1.08
N PHE A 107 3.18 -3.72 -1.81
CA PHE A 107 2.61 -2.91 -2.89
C PHE A 107 2.35 -3.77 -4.12
N ALA A 108 3.35 -4.53 -4.53
CA ALA A 108 3.23 -5.39 -5.70
C ALA A 108 1.83 -6.00 -5.79
N CYS A 109 1.45 -6.75 -4.77
CA CYS A 109 0.14 -7.39 -4.74
C CYS A 109 -0.97 -6.39 -5.07
N LEU A 110 -0.84 -5.17 -4.56
CA LEU A 110 -1.82 -4.12 -4.81
C LEU A 110 -1.60 -3.49 -6.18
N MET A 111 -0.52 -2.73 -6.32
CA MET A 111 -0.20 -2.08 -7.58
C MET A 111 -0.44 -3.03 -8.76
N GLY A 112 -0.22 -4.32 -8.53
CA GLY A 112 -0.41 -5.30 -9.58
C GLY A 112 -1.63 -5.00 -10.43
N LYS A 113 -2.68 -4.48 -9.79
CA LYS A 113 -3.92 -4.16 -10.51
C LYS A 113 -3.64 -3.24 -11.69
N GLY A 114 -2.81 -2.23 -11.46
CA GLY A 114 -2.47 -1.28 -12.51
C GLY A 114 -2.26 -1.97 -13.85
N MET A 115 -1.57 -3.11 -13.83
CA MET A 115 -1.30 -3.85 -15.05
C MET A 115 -2.57 -4.05 -15.86
N LYS A 116 -2.42 -4.62 -17.05
CA LYS A 116 -3.56 -4.86 -17.93
C LYS A 116 -4.66 -5.63 -17.21
N ARG A 117 -4.30 -6.81 -16.69
CA ARG A 117 -5.26 -7.64 -15.97
C ARG A 117 -4.94 -7.68 -14.48
N VAL A 118 -5.97 -7.87 -13.67
CA VAL A 118 -5.80 -7.93 -12.22
C VAL A 118 -5.17 -9.25 -11.78
N SER A 119 -4.51 -9.24 -10.64
CA SER A 119 -3.87 -10.44 -10.11
C SER A 119 -4.86 -11.59 -10.02
N GLY A 120 -4.34 -12.82 -10.07
CA GLY A 120 -5.20 -13.99 -9.99
C GLY A 120 -5.27 -14.74 -11.31
N PRO A 121 -5.63 -16.03 -11.25
CA PRO A 121 -5.75 -16.88 -12.43
C PRO A 121 -6.94 -16.49 -13.30
N SER A 122 -6.71 -16.41 -14.61
CA SER A 122 -7.76 -16.05 -15.56
C SER A 122 -8.45 -17.29 -16.10
N SER A 123 -9.75 -17.39 -15.90
CA SER A 123 -10.53 -18.53 -16.38
C SER A 123 -10.71 -18.47 -17.89
N GLY A 124 -9.96 -19.29 -18.61
CA GLY A 124 -10.05 -19.31 -20.06
C GLY A 124 -8.99 -18.45 -20.72
N GLY A 1 -3.27 14.44 -17.18
CA GLY A 1 -2.25 13.55 -17.70
C GLY A 1 -2.12 12.27 -16.90
N SER A 2 -1.85 11.17 -17.58
CA SER A 2 -1.72 9.87 -16.93
C SER A 2 -0.42 9.80 -16.14
N SER A 3 0.66 10.26 -16.74
CA SER A 3 1.97 10.25 -16.10
C SER A 3 2.39 8.82 -15.75
N GLY A 4 2.17 7.91 -16.68
CA GLY A 4 2.53 6.52 -16.46
C GLY A 4 2.41 5.67 -17.72
N SER A 5 3.41 5.78 -18.58
CA SER A 5 3.41 5.02 -19.83
C SER A 5 4.72 4.25 -20.00
N SER A 6 4.60 3.00 -20.42
CA SER A 6 5.76 2.14 -20.62
C SER A 6 6.53 1.96 -19.31
N GLY A 7 5.79 1.70 -18.23
CA GLY A 7 6.41 1.50 -16.94
C GLY A 7 5.51 0.77 -15.97
N ASN A 8 5.81 -0.50 -15.72
CA ASN A 8 5.02 -1.31 -14.80
C ASN A 8 5.58 -1.26 -13.39
N ASP A 9 6.88 -0.98 -13.29
CA ASP A 9 7.55 -0.90 -12.00
C ASP A 9 7.52 0.53 -11.47
N ASP A 10 7.47 1.49 -12.38
CA ASP A 10 7.44 2.90 -12.00
C ASP A 10 6.03 3.32 -11.56
N ILE A 11 5.03 2.88 -12.33
CA ILE A 11 3.65 3.20 -12.02
C ILE A 11 3.27 2.73 -10.62
N ILE A 12 4.09 1.87 -10.04
CA ILE A 12 3.84 1.35 -8.70
C ILE A 12 3.66 2.48 -7.70
N VAL A 13 4.33 3.61 -7.96
CA VAL A 13 4.24 4.77 -7.07
C VAL A 13 3.13 5.71 -7.53
N ASN A 14 3.14 6.05 -8.81
CA ASN A 14 2.14 6.96 -9.37
C ASN A 14 0.73 6.54 -8.95
N TRP A 15 0.35 5.32 -9.30
CA TRP A 15 -0.97 4.80 -8.96
C TRP A 15 -1.31 5.11 -7.51
N VAL A 16 -0.57 4.51 -6.58
CA VAL A 16 -0.80 4.73 -5.16
C VAL A 16 -1.16 6.18 -4.87
N ASN A 17 -0.40 7.11 -5.45
CA ASN A 17 -0.65 8.53 -5.27
C ASN A 17 -1.95 8.95 -5.93
N GLU A 18 -2.22 8.37 -7.10
CA GLU A 18 -3.44 8.69 -7.84
C GLU A 18 -4.67 8.20 -7.09
N THR A 19 -4.83 6.87 -7.03
CA THR A 19 -5.97 6.28 -6.35
C THR A 19 -6.31 7.04 -5.07
N LEU A 20 -5.28 7.51 -4.37
CA LEU A 20 -5.46 8.26 -3.13
C LEU A 20 -6.04 9.64 -3.41
N ARG A 21 -5.48 10.32 -4.40
CA ARG A 21 -5.95 11.66 -4.77
C ARG A 21 -7.42 11.63 -5.18
N GLU A 22 -7.75 10.76 -6.13
CA GLU A 22 -9.12 10.63 -6.60
C GLU A 22 -10.07 10.35 -5.45
N ALA A 23 -9.59 9.63 -4.44
CA ALA A 23 -10.41 9.30 -3.28
C ALA A 23 -10.35 10.41 -2.23
N GLU A 24 -9.43 11.36 -2.44
CA GLU A 24 -9.27 12.48 -1.51
C GLU A 24 -8.62 12.01 -0.21
N LYS A 25 -7.52 11.27 -0.35
CA LYS A 25 -6.80 10.77 0.81
C LYS A 25 -5.70 11.74 1.23
N SER A 26 -5.41 11.78 2.53
CA SER A 26 -4.39 12.66 3.06
C SER A 26 -3.04 11.94 3.16
N SER A 27 -2.92 10.82 2.45
CA SER A 27 -1.69 10.05 2.47
C SER A 27 -0.97 10.14 1.12
N SER A 28 0.30 9.79 1.12
CA SER A 28 1.11 9.84 -0.09
C SER A 28 2.50 9.27 0.14
N ILE A 29 3.15 8.82 -0.93
CA ILE A 29 4.49 8.25 -0.84
C ILE A 29 5.43 8.89 -1.85
N SER A 30 6.65 9.18 -1.41
CA SER A 30 7.64 9.79 -2.29
C SER A 30 8.33 8.73 -3.15
N SER A 31 8.61 7.59 -2.56
CA SER A 31 9.27 6.50 -3.27
C SER A 31 9.33 5.24 -2.41
N PHE A 32 9.66 4.11 -3.04
CA PHE A 32 9.75 2.84 -2.33
C PHE A 32 10.40 3.02 -0.97
N LYS A 33 11.26 4.04 -0.85
CA LYS A 33 11.94 4.33 0.40
C LYS A 33 11.30 5.50 1.12
N ASP A 34 9.97 5.54 1.12
CA ASP A 34 9.24 6.62 1.78
C ASP A 34 9.16 6.38 3.29
N PRO A 35 9.52 7.41 4.07
CA PRO A 35 9.49 7.33 5.53
C PRO A 35 8.07 7.28 6.09
N LYS A 36 7.15 7.95 5.40
CA LYS A 36 5.75 7.97 5.82
C LYS A 36 5.18 6.56 5.90
N ILE A 37 5.71 5.67 5.07
CA ILE A 37 5.25 4.28 5.06
C ILE A 37 5.35 3.65 6.44
N SER A 38 6.25 4.17 7.25
CA SER A 38 6.45 3.66 8.61
C SER A 38 5.13 3.65 9.39
N THR A 39 4.30 4.65 9.13
CA THR A 39 3.00 4.75 9.80
C THR A 39 1.94 3.94 9.06
N SER A 40 2.29 3.44 7.89
CA SER A 40 1.35 2.65 7.09
C SER A 40 0.21 3.52 6.59
N LEU A 41 0.46 4.81 6.45
CA LEU A 41 -0.56 5.75 5.98
C LEU A 41 -0.89 5.50 4.51
N PRO A 42 0.15 5.48 3.66
CA PRO A 42 -0.01 5.25 2.22
C PRO A 42 -0.41 3.81 1.91
N VAL A 43 0.01 2.88 2.76
CA VAL A 43 -0.31 1.47 2.57
C VAL A 43 -1.73 1.16 3.02
N LEU A 44 -2.17 1.83 4.09
CA LEU A 44 -3.51 1.63 4.62
C LEU A 44 -4.54 2.39 3.79
N ASP A 45 -4.28 3.67 3.54
CA ASP A 45 -5.18 4.49 2.76
C ASP A 45 -5.31 3.97 1.33
N LEU A 46 -4.22 3.42 0.82
CA LEU A 46 -4.20 2.87 -0.53
C LEU A 46 -5.24 1.76 -0.68
N ILE A 47 -5.30 0.87 0.29
CA ILE A 47 -6.25 -0.23 0.27
C ILE A 47 -7.69 0.29 0.28
N ASP A 48 -7.97 1.24 1.17
CA ASP A 48 -9.30 1.82 1.28
C ASP A 48 -9.74 2.41 -0.05
N ALA A 49 -8.87 3.21 -0.66
CA ALA A 49 -9.17 3.84 -1.93
C ALA A 49 -9.72 2.83 -2.94
N ILE A 50 -9.13 1.64 -2.95
CA ILE A 50 -9.56 0.59 -3.87
C ILE A 50 -10.91 0.01 -3.43
N GLN A 51 -10.98 -0.44 -2.19
CA GLN A 51 -12.21 -1.02 -1.65
C GLN A 51 -12.61 -0.33 -0.35
N PRO A 52 -13.60 0.57 -0.44
CA PRO A 52 -14.09 1.31 0.73
C PRO A 52 -14.85 0.42 1.71
N GLY A 53 -14.61 0.62 2.99
CA GLY A 53 -15.29 -0.17 4.01
C GLY A 53 -14.32 -1.00 4.82
N SER A 54 -13.26 -1.47 4.18
CA SER A 54 -12.26 -2.30 4.85
C SER A 54 -11.52 -1.49 5.91
N ILE A 55 -10.90 -0.40 5.49
CA ILE A 55 -10.16 0.46 6.42
C ILE A 55 -11.11 1.25 7.31
N ASN A 56 -10.73 1.40 8.58
CA ASN A 56 -11.55 2.13 9.54
C ASN A 56 -10.68 3.07 10.37
N TYR A 57 -10.38 4.24 9.82
CA TYR A 57 -9.57 5.22 10.51
C TYR A 57 -10.01 5.39 11.96
N ASP A 58 -11.33 5.33 12.18
CA ASP A 58 -11.89 5.46 13.52
C ASP A 58 -11.11 4.63 14.52
N LEU A 59 -10.65 3.46 14.09
CA LEU A 59 -9.90 2.56 14.95
C LEU A 59 -8.40 2.82 14.82
N LEU A 60 -7.97 3.23 13.64
CA LEU A 60 -6.56 3.51 13.39
C LEU A 60 -6.05 4.58 14.34
N LYS A 61 -4.75 4.83 14.30
CA LYS A 61 -4.13 5.83 15.16
C LYS A 61 -3.69 7.05 14.35
N THR A 62 -2.72 6.85 13.45
CA THR A 62 -2.22 7.92 12.62
C THR A 62 -1.97 9.19 13.44
N GLU A 63 -1.69 9.00 14.72
CA GLU A 63 -1.43 10.13 15.62
C GLU A 63 -0.20 9.87 16.49
N ASN A 64 0.87 10.62 16.23
CA ASN A 64 2.10 10.46 16.99
C ASN A 64 2.39 8.99 17.27
N LEU A 65 2.12 8.15 16.27
CA LEU A 65 2.36 6.71 16.41
C LEU A 65 3.73 6.44 17.02
N ASN A 66 3.95 5.20 17.43
CA ASN A 66 5.22 4.81 18.03
C ASN A 66 5.52 3.33 17.76
N ASP A 67 6.77 2.94 17.99
CA ASP A 67 7.19 1.56 17.77
C ASP A 67 6.07 0.59 18.11
N ASP A 68 5.26 0.95 19.10
CA ASP A 68 4.14 0.11 19.52
C ASP A 68 2.98 0.21 18.54
N GLU A 69 2.32 1.37 18.53
CA GLU A 69 1.19 1.60 17.64
C GLU A 69 1.56 1.29 16.20
N LYS A 70 2.65 1.89 15.73
CA LYS A 70 3.11 1.66 14.37
C LYS A 70 2.90 0.22 13.94
N LEU A 71 3.26 -0.72 14.82
CA LEU A 71 3.11 -2.13 14.54
C LEU A 71 1.66 -2.47 14.22
N ASN A 72 0.76 -2.14 15.13
CA ASN A 72 -0.66 -2.40 14.94
C ASN A 72 -1.12 -1.94 13.55
N ASN A 73 -0.65 -0.78 13.13
CA ASN A 73 -1.01 -0.22 11.84
C ASN A 73 -0.46 -1.09 10.71
N ALA A 74 0.77 -1.57 10.88
CA ALA A 74 1.40 -2.42 9.88
C ALA A 74 0.65 -3.74 9.72
N LYS A 75 0.22 -4.31 10.84
CA LYS A 75 -0.52 -5.57 10.82
C LYS A 75 -1.83 -5.42 10.07
N TYR A 76 -2.53 -4.32 10.31
CA TYR A 76 -3.81 -4.06 9.66
C TYR A 76 -3.65 -3.99 8.15
N ALA A 77 -2.61 -3.29 7.70
CA ALA A 77 -2.33 -3.15 6.28
C ALA A 77 -2.21 -4.52 5.60
N ILE A 78 -1.15 -5.25 5.96
CA ILE A 78 -0.92 -6.57 5.39
C ILE A 78 -2.15 -7.46 5.56
N SER A 79 -2.78 -7.37 6.72
CA SER A 79 -3.97 -8.18 7.00
C SER A 79 -5.05 -7.94 5.95
N MET A 80 -5.41 -6.68 5.75
CA MET A 80 -6.42 -6.32 4.77
C MET A 80 -6.12 -6.95 3.41
N ALA A 81 -4.87 -6.84 2.99
CA ALA A 81 -4.45 -7.39 1.71
C ALA A 81 -5.14 -8.73 1.43
N ARG A 82 -5.20 -9.57 2.46
CA ARG A 82 -5.82 -10.89 2.33
C ARG A 82 -7.34 -10.76 2.37
N LYS A 83 -7.84 -9.97 3.32
CA LYS A 83 -9.27 -9.77 3.46
C LYS A 83 -9.91 -9.42 2.12
N ILE A 84 -9.41 -8.35 1.50
CA ILE A 84 -9.93 -7.90 0.21
C ILE A 84 -9.64 -8.92 -0.88
N GLY A 85 -8.64 -9.77 -0.65
CA GLY A 85 -8.28 -10.78 -1.63
C GLY A 85 -6.92 -10.51 -2.27
N ALA A 86 -5.86 -10.88 -1.56
CA ALA A 86 -4.50 -10.68 -2.06
C ALA A 86 -3.48 -11.39 -1.18
N ARG A 87 -2.74 -12.32 -1.77
CA ARG A 87 -1.72 -13.06 -1.04
C ARG A 87 -0.36 -12.39 -1.15
N VAL A 88 0.06 -11.74 -0.08
CA VAL A 88 1.35 -11.05 -0.06
C VAL A 88 2.30 -11.68 0.95
N TYR A 89 3.56 -11.80 0.58
CA TYR A 89 4.57 -12.39 1.46
C TYR A 89 5.39 -11.31 2.16
N ALA A 90 4.83 -10.77 3.23
CA ALA A 90 5.50 -9.73 4.01
C ALA A 90 5.16 -9.83 5.49
N LEU A 91 5.64 -8.87 6.27
CA LEU A 91 5.38 -8.85 7.70
C LEU A 91 5.29 -7.42 8.22
N PRO A 92 4.33 -7.18 9.12
CA PRO A 92 4.11 -5.85 9.71
C PRO A 92 5.24 -5.47 10.68
N GLU A 93 6.10 -6.43 10.99
CA GLU A 93 7.21 -6.19 11.90
C GLU A 93 8.25 -5.29 11.26
N ASP A 94 8.70 -5.65 10.05
CA ASP A 94 9.69 -4.87 9.33
C ASP A 94 9.04 -3.69 8.61
N LEU A 95 7.78 -3.86 8.25
CA LEU A 95 7.03 -2.81 7.55
C LEU A 95 7.01 -1.52 8.37
N VAL A 96 6.99 -1.67 9.69
CA VAL A 96 6.96 -0.52 10.58
C VAL A 96 8.14 0.41 10.31
N GLU A 97 9.27 -0.17 9.97
CA GLU A 97 10.48 0.60 9.68
C GLU A 97 10.66 0.81 8.17
N VAL A 98 9.55 0.71 7.44
CA VAL A 98 9.59 0.88 5.99
C VAL A 98 10.69 0.04 5.36
N ASN A 99 10.67 -1.26 5.64
CA ASN A 99 11.67 -2.17 5.10
C ASN A 99 11.45 -2.41 3.62
N PRO A 100 12.37 -1.90 2.78
CA PRO A 100 12.30 -2.05 1.33
C PRO A 100 12.54 -3.48 0.88
N LYS A 101 13.20 -4.27 1.73
CA LYS A 101 13.50 -5.66 1.42
C LYS A 101 12.21 -6.48 1.32
N MET A 102 11.24 -6.14 2.15
CA MET A 102 9.96 -6.85 2.16
C MET A 102 8.90 -6.04 1.40
N VAL A 103 8.88 -4.74 1.62
CA VAL A 103 7.92 -3.86 0.97
C VAL A 103 7.75 -4.23 -0.50
N MET A 104 8.77 -4.89 -1.06
CA MET A 104 8.74 -5.30 -2.45
C MET A 104 7.40 -5.94 -2.80
N THR A 105 6.82 -6.66 -1.84
CA THR A 105 5.55 -7.33 -2.05
C THR A 105 4.39 -6.47 -1.54
N VAL A 106 4.62 -5.78 -0.43
CA VAL A 106 3.59 -4.92 0.15
C VAL A 106 2.81 -4.18 -0.93
N PHE A 107 3.53 -3.61 -1.89
CA PHE A 107 2.90 -2.88 -2.98
C PHE A 107 2.65 -3.79 -4.17
N ALA A 108 3.70 -4.43 -4.65
CA ALA A 108 3.60 -5.33 -5.80
C ALA A 108 2.29 -6.11 -5.76
N CYS A 109 2.06 -6.81 -4.64
CA CYS A 109 0.84 -7.60 -4.48
C CYS A 109 -0.40 -6.78 -4.83
N LEU A 110 -0.38 -5.50 -4.46
CA LEU A 110 -1.50 -4.61 -4.73
C LEU A 110 -1.54 -4.21 -6.21
N MET A 111 -0.38 -3.84 -6.75
CA MET A 111 -0.29 -3.45 -8.15
C MET A 111 -0.63 -4.61 -9.06
N GLY A 112 -0.78 -5.80 -8.47
CA GLY A 112 -1.11 -6.98 -9.25
C GLY A 112 -2.20 -6.72 -10.27
N LYS A 113 -2.99 -5.67 -10.03
CA LYS A 113 -4.08 -5.31 -10.94
C LYS A 113 -3.54 -4.76 -12.25
N GLY A 114 -2.55 -3.88 -12.15
CA GLY A 114 -1.96 -3.29 -13.33
C GLY A 114 -1.30 -4.32 -14.22
N MET A 115 -0.52 -5.22 -13.62
CA MET A 115 0.17 -6.26 -14.37
C MET A 115 -0.77 -6.92 -15.37
N LYS A 116 -0.20 -7.63 -16.34
CA LYS A 116 -0.98 -8.31 -17.36
C LYS A 116 -0.67 -9.81 -17.38
N ARG A 117 -1.70 -10.63 -17.49
CA ARG A 117 -1.54 -12.08 -17.53
C ARG A 117 -2.36 -12.69 -18.65
N VAL A 118 -1.89 -13.82 -19.18
CA VAL A 118 -2.59 -14.50 -20.25
C VAL A 118 -4.08 -14.65 -19.95
N SER A 119 -4.39 -14.90 -18.68
CA SER A 119 -5.78 -15.06 -18.26
C SER A 119 -6.10 -14.11 -17.11
N GLY A 120 -6.61 -12.92 -17.44
CA GLY A 120 -6.96 -11.96 -16.43
C GLY A 120 -7.64 -10.73 -17.00
N PRO A 121 -7.27 -9.55 -16.49
CA PRO A 121 -7.85 -8.28 -16.95
C PRO A 121 -7.41 -7.91 -18.37
N SER A 122 -8.37 -7.78 -19.26
CA SER A 122 -8.09 -7.44 -20.65
C SER A 122 -9.03 -6.35 -21.16
N SER A 123 -10.31 -6.49 -20.83
CA SER A 123 -11.32 -5.53 -21.25
C SER A 123 -10.77 -4.11 -21.16
N GLY A 124 -10.65 -3.45 -22.31
CA GLY A 124 -10.15 -2.08 -22.34
C GLY A 124 -9.26 -1.83 -23.54
#